data_1YDG
#
_entry.id   1YDG
#
_cell.length_a   121.611
_cell.length_b   121.611
_cell.length_c   207.933
_cell.angle_alpha   90.00
_cell.angle_beta   90.00
_cell.angle_gamma   120.00
#
_symmetry.space_group_name_H-M   'P 32 2 1'
#
loop_
_entity.id
_entity.type
_entity.pdbx_description
1 polymer 'trp repressor binding protein WrbA'
2 non-polymer 'SULFATE ION'
3 water water
#
_entity_poly.entity_id   1
_entity_poly.type   'polypeptide(L)'
_entity_poly.pdbx_seq_one_letter_code
;MSLTAPVKLAIVFYSSTGTGYAMAQEAAEAGRAAGAEVRLLKVRETAPQDVIDGQDAWKANIEAMKDVPEATPADLEWAE
AIVFSSPTRFGGATSQMRAFIDTLGGLWSSGKLANKTFSAMTSAQNVNGGQETTLQTLYMTAMHWGAVLTPPGYTDEVIF
KSGGNPYGASVTANGQPLLENDRASIRHQVRRQVELTAKLLEGGSHHHHHH
;
_entity_poly.pdbx_strand_id   A,B,C,D,E,F,G,H
#
loop_
_chem_comp.id
_chem_comp.type
_chem_comp.name
_chem_comp.formula
SO4 non-polymer 'SULFATE ION' 'O4 S -2'
#
# COMPACT_ATOMS: atom_id res chain seq x y z
N ALA A 5 45.45 -15.33 39.25
CA ALA A 5 44.60 -15.98 40.29
C ALA A 5 43.50 -16.82 39.64
N PRO A 6 42.90 -17.75 40.43
CA PRO A 6 41.78 -18.53 39.86
C PRO A 6 40.63 -17.64 39.40
N VAL A 7 39.86 -18.12 38.43
CA VAL A 7 38.69 -17.43 37.95
C VAL A 7 37.75 -17.28 39.14
N LYS A 8 37.26 -16.08 39.38
CA LYS A 8 36.26 -15.89 40.41
C LYS A 8 34.86 -16.21 39.83
N LEU A 9 34.22 -17.26 40.36
CA LEU A 9 32.89 -17.70 39.90
C LEU A 9 31.80 -17.50 40.96
N ALA A 10 30.75 -16.77 40.59
CA ALA A 10 29.57 -16.60 41.45
C ALA A 10 28.36 -17.33 40.85
N ILE A 11 27.85 -18.30 41.60
CA ILE A 11 26.61 -18.99 41.28
C ILE A 11 25.49 -18.36 42.13
N VAL A 12 24.63 -17.57 41.52
CA VAL A 12 23.49 -16.94 42.21
C VAL A 12 22.23 -17.67 41.77
N PHE A 13 21.48 -18.17 42.74
CA PHE A 13 20.33 -19.03 42.42
C PHE A 13 19.19 -18.73 43.36
N TYR A 14 17.97 -18.75 42.82
CA TYR A 14 16.78 -18.82 43.64
C TYR A 14 16.23 -20.26 43.63
N SER A 15 15.85 -20.74 44.82
CA SER A 15 15.13 -22.01 44.97
C SER A 15 14.08 -21.95 46.08
N SER A 16 12.85 -22.35 45.74
CA SER A 16 11.78 -22.50 46.74
C SER A 16 11.88 -23.87 47.37
N THR A 17 11.81 -24.91 46.54
CA THR A 17 11.64 -26.28 47.01
C THR A 17 12.83 -27.22 46.76
N GLY A 18 13.98 -26.68 46.40
CA GLY A 18 15.23 -27.43 46.43
C GLY A 18 15.81 -27.86 45.09
N THR A 19 15.05 -27.76 44.01
CA THR A 19 15.58 -28.15 42.69
C THR A 19 16.71 -27.24 42.26
N GLY A 20 16.48 -25.94 42.34
CA GLY A 20 17.52 -24.95 42.07
C GLY A 20 18.75 -25.07 42.94
N TYR A 21 18.54 -25.43 44.19
CA TYR A 21 19.60 -25.63 45.15
C TYR A 21 20.49 -26.78 44.73
N ALA A 22 19.89 -27.91 44.35
CA ALA A 22 20.62 -29.07 43.83
C ALA A 22 21.40 -28.74 42.56
N MET A 23 20.78 -27.97 41.67
CA MET A 23 21.41 -27.56 40.41
C MET A 23 22.59 -26.67 40.69
N ALA A 24 22.38 -25.73 41.60
CA ALA A 24 23.44 -24.77 41.93
C ALA A 24 24.62 -25.41 42.65
N GLN A 25 24.37 -26.37 43.54
CA GLN A 25 25.45 -27.14 44.18
C GLN A 25 26.30 -27.94 43.15
N GLU A 26 25.63 -28.53 42.15
CA GLU A 26 26.31 -29.23 41.07
C GLU A 26 27.19 -28.25 40.30
N ALA A 27 26.63 -27.10 39.97
CA ALA A 27 27.36 -26.02 39.32
C ALA A 27 28.56 -25.54 40.13
N ALA A 28 28.38 -25.28 41.42
CA ALA A 28 29.48 -24.87 42.29
C ALA A 28 30.60 -25.92 42.35
N GLU A 29 30.23 -27.20 42.51
CA GLU A 29 31.24 -28.25 42.49
C GLU A 29 31.96 -28.32 41.14
N ALA A 30 31.22 -28.17 40.04
CA ALA A 30 31.87 -28.12 38.72
C ALA A 30 32.89 -26.99 38.60
N GLY A 31 32.55 -25.83 39.17
CA GLY A 31 33.45 -24.68 39.10
C GLY A 31 34.75 -24.92 39.85
N ARG A 32 34.64 -25.49 41.04
CA ARG A 32 35.81 -25.91 41.82
C ARG A 32 36.66 -26.92 41.10
N ALA A 33 36.04 -27.97 40.55
CA ALA A 33 36.78 -28.99 39.80
C ALA A 33 37.59 -28.35 38.65
N ALA A 34 37.02 -27.30 38.06
CA ALA A 34 37.63 -26.52 36.97
C ALA A 34 38.62 -25.46 37.44
N GLY A 35 38.87 -25.39 38.75
CA GLY A 35 39.94 -24.54 39.26
C GLY A 35 39.53 -23.11 39.59
N ALA A 36 38.23 -22.85 39.70
CA ALA A 36 37.75 -21.51 40.00
C ALA A 36 37.62 -21.35 41.52
N GLU A 37 37.73 -20.12 42.01
CA GLU A 37 37.31 -19.79 43.36
C GLU A 37 35.81 -19.48 43.27
N VAL A 38 35.01 -20.24 44.04
CA VAL A 38 33.56 -20.28 43.86
C VAL A 38 32.78 -19.67 45.05
N ARG A 39 31.78 -18.85 44.74
CA ARG A 39 30.77 -18.43 45.72
C ARG A 39 29.45 -19.02 45.29
N LEU A 40 28.86 -19.83 46.15
CA LEU A 40 27.50 -20.34 45.99
C LEU A 40 26.58 -19.45 46.79
N LEU A 41 25.67 -18.75 46.10
CA LEU A 41 24.90 -17.69 46.74
C LEU A 41 23.41 -17.80 46.46
N LYS A 42 22.61 -17.73 47.52
CA LYS A 42 21.16 -17.75 47.40
C LYS A 42 20.59 -16.37 47.22
N VAL A 43 19.50 -16.30 46.45
CA VAL A 43 18.75 -15.07 46.31
C VAL A 43 17.83 -14.92 47.54
N ARG A 44 17.85 -13.75 48.17
CA ARG A 44 16.93 -13.46 49.28
C ARG A 44 15.47 -13.87 49.03
N GLU A 45 14.90 -14.59 49.99
CA GLU A 45 13.52 -14.99 49.94
C GLU A 45 12.68 -13.77 50.25
N THR A 46 11.78 -13.44 49.34
CA THR A 46 10.87 -12.30 49.53
C THR A 46 9.41 -12.70 49.76
N ALA A 47 9.06 -13.98 49.61
CA ALA A 47 7.67 -14.38 49.79
C ALA A 47 7.25 -14.14 51.23
N PRO A 48 5.98 -13.80 51.45
CA PRO A 48 5.49 -13.68 52.81
C PRO A 48 5.53 -15.04 53.50
N GLN A 49 5.80 -15.05 54.80
CA GLN A 49 5.94 -16.28 55.55
C GLN A 49 4.67 -17.11 55.49
N ASP A 50 3.49 -16.48 55.45
CA ASP A 50 2.25 -17.27 55.44
C ASP A 50 2.08 -18.08 54.16
N VAL A 51 2.67 -17.60 53.07
CA VAL A 51 2.73 -18.33 51.80
C VAL A 51 3.72 -19.49 51.90
N ILE A 52 4.93 -19.21 52.36
CA ILE A 52 5.95 -20.27 52.59
C ILE A 52 5.37 -21.36 53.52
N ASP A 53 4.67 -20.92 54.57
CA ASP A 53 4.05 -21.81 55.54
C ASP A 53 3.04 -22.79 54.97
N GLY A 54 2.59 -22.58 53.74
CA GLY A 54 1.66 -23.50 53.11
C GLY A 54 2.27 -24.74 52.51
N GLN A 55 3.61 -24.82 52.46
CA GLN A 55 4.30 -25.88 51.73
C GLN A 55 5.52 -26.42 52.46
N ASP A 56 5.46 -27.70 52.87
CA ASP A 56 6.52 -28.32 53.64
C ASP A 56 7.87 -28.29 52.93
N ALA A 57 7.87 -28.56 51.62
CA ALA A 57 9.12 -28.62 50.85
C ALA A 57 9.81 -27.26 50.76
N TRP A 58 9.01 -26.22 50.78
CA TRP A 58 9.53 -24.84 50.73
C TRP A 58 10.11 -24.46 52.07
N LYS A 59 9.38 -24.75 53.15
CA LYS A 59 9.93 -24.51 54.48
C LYS A 59 11.23 -25.31 54.71
N ALA A 60 11.21 -26.58 54.33
CA ALA A 60 12.38 -27.47 54.50
C ALA A 60 13.60 -27.01 53.72
N ASN A 61 13.40 -26.58 52.47
CA ASN A 61 14.52 -26.09 51.64
C ASN A 61 15.15 -24.82 52.16
N ILE A 62 14.32 -23.88 52.64
CA ILE A 62 14.83 -22.65 53.27
C ILE A 62 15.75 -23.03 54.44
N GLU A 63 15.38 -24.06 55.20
CA GLU A 63 16.22 -24.52 56.33
C GLU A 63 17.48 -25.22 55.83
N ALA A 64 17.34 -26.05 54.80
CA ALA A 64 18.48 -26.71 54.18
C ALA A 64 19.53 -25.72 53.68
N MET A 65 19.06 -24.55 53.19
CA MET A 65 19.95 -23.53 52.62
C MET A 65 20.45 -22.50 53.64
N LYS A 66 20.18 -22.71 54.92
CA LYS A 66 20.35 -21.64 55.91
C LYS A 66 21.76 -21.09 55.98
N ASP A 67 22.77 -21.92 55.72
CA ASP A 67 24.19 -21.51 55.78
C ASP A 67 24.76 -21.10 54.43
N VAL A 68 23.92 -21.05 53.39
CA VAL A 68 24.33 -20.47 52.13
C VAL A 68 24.20 -18.97 52.26
N PRO A 69 25.29 -18.21 51.97
CA PRO A 69 25.16 -16.77 52.07
C PRO A 69 24.22 -16.14 51.02
N GLU A 70 23.58 -15.05 51.40
CA GLU A 70 22.71 -14.33 50.47
C GLU A 70 23.54 -13.52 49.50
N ALA A 71 23.11 -13.53 48.24
CA ALA A 71 23.80 -12.79 47.21
C ALA A 71 23.63 -11.29 47.45
N THR A 72 24.70 -10.52 47.22
CA THR A 72 24.63 -9.06 47.20
C THR A 72 25.26 -8.52 45.91
N PRO A 73 25.06 -7.24 45.63
CA PRO A 73 25.67 -6.73 44.40
C PRO A 73 27.19 -6.90 44.32
N ALA A 74 27.86 -6.74 45.46
CA ALA A 74 29.31 -6.89 45.56
C ALA A 74 29.88 -8.23 45.15
N ASP A 75 29.05 -9.27 45.16
CA ASP A 75 29.47 -10.58 44.70
C ASP A 75 29.64 -10.58 43.17
N LEU A 76 28.81 -9.79 42.46
CA LEU A 76 28.93 -9.70 41.02
C LEU A 76 30.12 -8.83 40.65
N GLU A 77 30.37 -7.79 41.46
CA GLU A 77 31.58 -6.99 41.29
C GLU A 77 32.84 -7.86 41.46
N TRP A 78 32.88 -8.69 42.49
CA TRP A 78 33.95 -9.66 42.72
C TRP A 78 34.15 -10.63 41.55
N ALA A 79 33.03 -11.19 41.09
CA ALA A 79 33.00 -12.27 40.12
C ALA A 79 33.53 -11.83 38.76
N GLU A 80 34.22 -12.76 38.12
CA GLU A 80 34.61 -12.66 36.72
C GLU A 80 33.68 -13.51 35.84
N ALA A 81 33.05 -14.52 36.43
CA ALA A 81 32.08 -15.38 35.75
C ALA A 81 30.84 -15.48 36.64
N ILE A 82 29.67 -15.34 36.03
CA ILE A 82 28.42 -15.39 36.74
C ILE A 82 27.49 -16.44 36.11
N VAL A 83 26.84 -17.20 36.98
CA VAL A 83 25.75 -18.09 36.61
C VAL A 83 24.54 -17.72 37.44
N PHE A 84 23.41 -17.42 36.79
CA PHE A 84 22.13 -17.17 37.46
C PHE A 84 21.21 -18.37 37.23
N SER A 85 20.52 -18.81 38.29
CA SER A 85 19.58 -19.94 38.18
C SER A 85 18.28 -19.56 38.87
N SER A 86 17.18 -19.66 38.14
CA SER A 86 15.86 -19.45 38.72
C SER A 86 14.87 -20.46 38.16
N PRO A 87 13.96 -20.95 39.00
CA PRO A 87 12.86 -21.68 38.41
C PRO A 87 11.96 -20.74 37.61
N THR A 88 11.13 -21.29 36.74
CA THR A 88 10.23 -20.46 35.96
C THR A 88 9.03 -20.04 36.78
N ARG A 89 8.58 -18.82 36.53
CA ARG A 89 7.28 -18.35 36.93
C ARG A 89 6.61 -17.80 35.68
N PHE A 90 5.67 -18.56 35.13
CA PHE A 90 4.95 -18.19 33.90
C PHE A 90 5.89 -17.78 32.75
N GLY A 91 7.00 -18.50 32.61
CA GLY A 91 7.93 -18.29 31.50
C GLY A 91 8.95 -17.20 31.71
N GLY A 92 8.95 -16.60 32.90
CA GLY A 92 9.96 -15.60 33.27
C GLY A 92 10.66 -16.05 34.54
N ALA A 93 11.60 -15.25 35.01
CA ALA A 93 12.30 -15.59 36.25
C ALA A 93 11.39 -15.27 37.43
N THR A 94 11.70 -15.84 38.60
CA THR A 94 11.00 -15.48 39.85
C THR A 94 11.12 -13.99 40.22
N SER A 95 10.10 -13.45 40.90
CA SER A 95 10.17 -12.09 41.46
C SER A 95 11.33 -11.95 42.42
N GLN A 96 11.71 -13.03 43.09
CA GLN A 96 12.85 -13.05 43.99
C GLN A 96 14.14 -12.79 43.23
N MET A 97 14.32 -13.49 42.12
CA MET A 97 15.49 -13.25 41.28
C MET A 97 15.49 -11.83 40.71
N ARG A 98 14.35 -11.38 40.19
CA ARG A 98 14.23 -10.00 39.68
C ARG A 98 14.52 -8.97 40.75
N ALA A 99 14.09 -9.26 41.97
CA ALA A 99 14.35 -8.34 43.09
C ALA A 99 15.85 -8.20 43.31
N PHE A 100 16.61 -9.29 43.20
CA PHE A 100 18.06 -9.19 43.32
C PHE A 100 18.63 -8.38 42.14
N ILE A 101 18.21 -8.73 40.93
CA ILE A 101 18.58 -8.00 39.73
C ILE A 101 18.33 -6.49 39.91
N ASP A 102 17.19 -6.11 40.45
CA ASP A 102 16.87 -4.69 40.61
C ASP A 102 17.85 -3.94 41.57
N THR A 103 18.56 -4.67 42.42
CA THR A 103 19.52 -4.01 43.33
C THR A 103 20.88 -3.77 42.64
N LEU A 104 21.00 -4.15 41.37
CA LEU A 104 22.26 -4.01 40.63
C LEU A 104 22.36 -2.68 39.87
N GLY A 105 21.40 -1.77 40.09
CA GLY A 105 21.37 -0.49 39.38
C GLY A 105 22.57 0.40 39.62
N GLY A 106 23.06 0.45 40.87
CA GLY A 106 24.30 1.14 41.20
C GLY A 106 25.54 0.62 40.49
N LEU A 107 25.73 -0.70 40.47
CA LEU A 107 26.88 -1.28 39.76
C LEU A 107 26.76 -1.11 38.27
N TRP A 108 25.56 -1.26 37.77
CA TRP A 108 25.29 -1.03 36.37
C TRP A 108 25.70 0.36 35.91
N SER A 109 25.24 1.40 36.60
CA SER A 109 25.49 2.78 36.15
C SER A 109 26.94 3.20 36.28
N SER A 110 27.71 2.50 37.10
CA SER A 110 29.15 2.76 37.19
C SER A 110 29.95 1.90 36.20
N GLY A 111 29.25 1.03 35.46
CA GLY A 111 29.90 0.15 34.47
C GLY A 111 30.69 -1.00 35.09
N LYS A 112 30.43 -1.28 36.37
CA LYS A 112 31.16 -2.30 37.10
C LYS A 112 30.62 -3.73 36.91
N LEU A 113 29.73 -3.95 35.93
CA LEU A 113 29.29 -5.31 35.58
C LEU A 113 29.76 -5.75 34.21
N ALA A 114 30.47 -4.87 33.50
CA ALA A 114 30.88 -5.15 32.12
C ALA A 114 31.97 -6.21 32.07
N ASN A 115 31.95 -7.00 31.00
CA ASN A 115 33.05 -7.91 30.68
C ASN A 115 33.16 -9.13 31.56
N LYS A 116 32.13 -9.37 32.35
CA LYS A 116 32.04 -10.60 33.11
C LYS A 116 31.30 -11.59 32.22
N THR A 117 31.67 -12.87 32.32
CA THR A 117 30.94 -13.90 31.59
C THR A 117 29.67 -14.25 32.34
N PHE A 118 28.67 -14.66 31.58
CA PHE A 118 27.33 -14.97 32.09
C PHE A 118 26.70 -16.16 31.37
N SER A 119 26.12 -17.06 32.16
CA SER A 119 25.21 -18.08 31.65
C SER A 119 24.10 -18.27 32.66
N ALA A 120 23.07 -19.04 32.29
CA ALA A 120 21.88 -19.18 33.15
C ALA A 120 21.38 -20.63 33.13
N MET A 121 20.66 -21.00 34.18
CA MET A 121 19.98 -22.28 34.29
C MET A 121 18.57 -22.06 34.78
N THR A 122 17.71 -23.05 34.58
CA THR A 122 16.34 -22.92 35.03
C THR A 122 15.70 -24.29 35.25
N SER A 123 14.47 -24.26 35.72
CA SER A 123 13.67 -25.44 35.87
C SER A 123 12.18 -25.10 35.72
N ALA A 124 11.38 -26.09 35.35
CA ALA A 124 9.92 -25.95 35.36
C ALA A 124 9.29 -27.29 35.62
N GLN A 125 8.02 -27.30 35.95
CA GLN A 125 7.30 -28.55 36.15
C GLN A 125 6.93 -29.20 34.83
N ASN A 126 6.99 -28.40 33.77
CA ASN A 126 6.63 -28.84 32.44
C ASN A 126 7.84 -28.68 31.55
N VAL A 127 8.08 -29.67 30.69
CA VAL A 127 9.29 -29.71 29.89
C VAL A 127 9.35 -28.55 28.91
N ASN A 128 8.22 -28.15 28.33
CA ASN A 128 8.18 -27.00 27.45
C ASN A 128 7.47 -25.81 28.10
N GLY A 129 7.44 -25.77 29.44
CA GLY A 129 6.68 -24.76 30.19
C GLY A 129 7.47 -23.54 30.63
N GLY A 130 8.37 -23.07 29.75
CA GLY A 130 9.20 -21.89 30.04
C GLY A 130 10.66 -22.21 30.29
N GLN A 131 11.10 -23.42 29.95
CA GLN A 131 12.51 -23.84 30.13
C GLN A 131 13.51 -23.15 29.13
N GLU A 132 12.97 -22.54 28.08
CA GLU A 132 13.74 -21.74 27.13
C GLU A 132 13.52 -20.24 27.40
N THR A 133 12.27 -19.79 27.59
CA THR A 133 12.01 -18.36 27.71
C THR A 133 12.60 -17.79 29.00
N THR A 134 12.62 -18.57 30.08
CA THR A 134 13.15 -18.07 31.35
C THR A 134 14.65 -17.76 31.17
N LEU A 135 15.36 -18.66 30.50
CA LEU A 135 16.79 -18.47 30.22
C LEU A 135 16.96 -17.21 29.39
N GLN A 136 16.18 -17.09 28.33
CA GLN A 136 16.25 -15.94 27.45
C GLN A 136 16.07 -14.60 28.17
N THR A 137 15.13 -14.52 29.11
CA THR A 137 14.92 -13.28 29.87
C THR A 137 16.14 -12.93 30.72
N LEU A 138 16.77 -13.93 31.31
CA LEU A 138 17.96 -13.71 32.07
C LEU A 138 19.14 -13.30 31.19
N TYR A 139 19.25 -13.87 29.99
CA TYR A 139 20.29 -13.43 29.06
C TYR A 139 20.09 -11.99 28.58
N MET A 140 18.84 -11.61 28.30
CA MET A 140 18.58 -10.24 27.86
C MET A 140 19.02 -9.26 28.94
N THR A 141 18.74 -9.60 30.20
CA THR A 141 19.12 -8.77 31.33
C THR A 141 20.63 -8.52 31.32
N ALA A 142 21.39 -9.60 31.19
CA ALA A 142 22.85 -9.55 31.22
C ALA A 142 23.43 -8.72 30.07
N MET A 143 22.68 -8.63 28.95
CA MET A 143 23.16 -7.83 27.83
C MET A 143 23.26 -6.36 28.24
N HIS A 144 22.36 -5.94 29.11
CA HIS A 144 22.30 -4.55 29.56
C HIS A 144 23.54 -4.14 30.34
N TRP A 145 24.24 -5.11 30.91
CA TRP A 145 25.47 -4.92 31.67
C TRP A 145 26.73 -5.00 30.85
N GLY A 146 26.62 -5.32 29.57
CA GLY A 146 27.78 -5.54 28.73
C GLY A 146 28.50 -6.81 29.16
N ALA A 147 27.73 -7.79 29.62
CA ALA A 147 28.26 -9.11 29.95
C ALA A 147 28.61 -9.87 28.66
N VAL A 148 29.43 -10.89 28.80
CA VAL A 148 29.84 -11.71 27.65
C VAL A 148 29.17 -13.04 27.88
N LEU A 149 28.19 -13.36 27.03
CA LEU A 149 27.31 -14.49 27.30
C LEU A 149 27.94 -15.76 26.77
N THR A 150 28.00 -16.78 27.61
CA THR A 150 28.66 -18.05 27.31
C THR A 150 27.73 -19.23 27.56
N PRO A 151 26.64 -19.31 26.79
CA PRO A 151 25.74 -20.44 26.88
C PRO A 151 26.42 -21.70 26.35
N PRO A 152 25.94 -22.88 26.75
CA PRO A 152 26.59 -24.14 26.40
C PRO A 152 26.48 -24.51 24.90
N GLY A 153 25.43 -24.05 24.23
CA GLY A 153 25.16 -24.46 22.86
C GLY A 153 25.07 -25.97 22.83
N TYR A 154 25.52 -26.57 21.74
CA TYR A 154 25.56 -28.02 21.66
C TYR A 154 27.03 -28.47 21.66
N THR A 155 27.84 -27.83 22.52
CA THR A 155 29.27 -28.05 22.54
C THR A 155 29.73 -29.30 23.28
N ASP A 156 28.79 -30.13 23.76
CA ASP A 156 29.11 -31.47 24.27
C ASP A 156 27.91 -32.40 24.05
N GLU A 157 28.20 -33.67 23.80
CA GLU A 157 27.17 -34.72 23.66
C GLU A 157 26.16 -34.70 24.82
N VAL A 158 26.62 -34.39 26.03
CA VAL A 158 25.73 -34.39 27.20
C VAL A 158 24.55 -33.42 27.06
N ILE A 159 24.73 -32.34 26.29
CA ILE A 159 23.61 -31.42 26.03
C ILE A 159 22.43 -32.13 25.33
N PHE A 160 22.72 -32.86 24.25
CA PHE A 160 21.69 -33.67 23.57
C PHE A 160 21.00 -34.67 24.51
N LYS A 161 21.77 -35.28 25.40
CA LYS A 161 21.27 -36.34 26.27
C LYS A 161 20.35 -35.81 27.35
N SER A 162 20.40 -34.51 27.63
CA SER A 162 19.58 -33.90 28.67
C SER A 162 18.42 -33.07 28.12
N GLY A 163 18.11 -33.24 26.83
CA GLY A 163 16.97 -32.54 26.19
C GLY A 163 17.36 -31.46 25.19
N GLY A 164 18.64 -31.14 25.13
CA GLY A 164 19.17 -30.32 24.04
C GLY A 164 18.75 -28.87 24.16
N ASN A 165 18.90 -28.31 25.36
CA ASN A 165 18.76 -26.86 25.58
C ASN A 165 20.11 -26.16 25.36
N PRO A 166 20.24 -25.43 24.24
CA PRO A 166 21.54 -24.78 23.99
C PRO A 166 21.71 -23.50 24.78
N TYR A 167 20.59 -22.99 25.29
CA TYR A 167 20.54 -21.70 25.95
C TYR A 167 21.13 -21.85 27.37
N GLY A 168 20.93 -23.02 27.98
CA GLY A 168 21.38 -23.28 29.34
C GLY A 168 20.68 -24.48 29.93
N ALA A 169 21.22 -25.00 31.03
CA ALA A 169 20.67 -26.16 31.67
C ALA A 169 19.25 -25.87 32.07
N SER A 170 18.36 -26.83 31.86
CA SER A 170 16.98 -26.68 32.30
C SER A 170 16.50 -28.05 32.74
N VAL A 171 15.88 -28.09 33.92
CA VAL A 171 15.50 -29.32 34.57
C VAL A 171 13.99 -29.37 34.69
N THR A 172 13.40 -30.54 34.47
CA THR A 172 11.96 -30.71 34.70
C THR A 172 11.80 -31.12 36.15
N ALA A 173 11.31 -30.19 36.97
CA ALA A 173 11.12 -30.44 38.39
C ALA A 173 9.91 -31.37 38.63
N ASN A 174 10.23 -32.58 39.08
CA ASN A 174 9.23 -33.59 39.47
C ASN A 174 9.34 -33.96 40.98
N GLY A 175 10.17 -33.24 41.73
CA GLY A 175 10.37 -33.54 43.16
C GLY A 175 11.37 -34.65 43.46
N GLN A 176 11.76 -35.42 42.42
CA GLN A 176 12.75 -36.48 42.55
C GLN A 176 14.16 -35.90 42.46
N PRO A 177 15.19 -36.68 42.86
CA PRO A 177 16.57 -36.21 42.72
C PRO A 177 16.95 -35.90 41.26
N LEU A 178 17.98 -35.08 41.11
CA LEU A 178 18.44 -34.65 39.80
C LEU A 178 18.90 -35.84 38.97
N LEU A 179 18.41 -35.92 37.75
CA LEU A 179 18.88 -36.95 36.84
C LEU A 179 20.34 -36.73 36.51
N GLU A 180 21.03 -37.82 36.24
CA GLU A 180 22.43 -37.79 35.93
C GLU A 180 22.74 -36.99 34.66
N ASN A 181 21.88 -37.10 33.65
CA ASN A 181 22.11 -36.40 32.39
C ASN A 181 22.04 -34.89 32.59
N ASP A 182 21.15 -34.46 33.50
CA ASP A 182 21.05 -33.06 33.88
C ASP A 182 22.28 -32.59 34.63
N ARG A 183 22.76 -33.38 35.60
CA ARG A 183 23.99 -33.06 36.32
C ARG A 183 25.12 -32.83 35.32
N ALA A 184 25.25 -33.72 34.34
CA ALA A 184 26.34 -33.64 33.37
C ALA A 184 26.26 -32.37 32.51
N SER A 185 25.05 -31.98 32.13
CA SER A 185 24.86 -30.76 31.35
C SER A 185 25.25 -29.50 32.13
N ILE A 186 24.92 -29.50 33.42
CA ILE A 186 25.31 -28.38 34.28
C ILE A 186 26.82 -28.32 34.38
N ARG A 187 27.45 -29.46 34.54
CA ARG A 187 28.90 -29.53 34.68
C ARG A 187 29.59 -28.99 33.43
N HIS A 188 29.12 -29.45 32.27
CA HIS A 188 29.70 -28.97 31.02
C HIS A 188 29.57 -27.45 30.87
N GLN A 189 28.38 -26.93 31.13
CA GLN A 189 28.12 -25.51 31.01
C GLN A 189 29.09 -24.68 31.84
N VAL A 190 29.27 -25.07 33.10
CA VAL A 190 30.13 -24.34 34.03
C VAL A 190 31.61 -24.49 33.72
N ARG A 191 32.02 -25.73 33.43
CA ARG A 191 33.38 -26.00 33.02
C ARG A 191 33.76 -25.16 31.79
N ARG A 192 32.88 -25.15 30.80
CA ARG A 192 33.08 -24.37 29.60
C ARG A 192 33.18 -22.87 29.89
N GLN A 193 32.31 -22.37 30.76
CA GLN A 193 32.32 -20.95 31.10
C GLN A 193 33.63 -20.56 31.83
N VAL A 194 34.07 -21.40 32.76
CA VAL A 194 35.31 -21.15 33.48
C VAL A 194 36.46 -21.08 32.50
N GLU A 195 36.56 -22.06 31.60
CA GLU A 195 37.60 -22.11 30.57
C GLU A 195 37.64 -20.84 29.75
N LEU A 196 36.49 -20.41 29.24
CA LEU A 196 36.43 -19.19 28.45
C LEU A 196 36.80 -17.97 29.25
N THR A 197 36.32 -17.88 30.49
CA THR A 197 36.67 -16.76 31.34
C THR A 197 38.18 -16.70 31.60
N ALA A 198 38.79 -17.84 31.89
CA ALA A 198 40.24 -17.91 32.13
C ALA A 198 41.03 -17.40 30.92
N LYS A 199 40.59 -17.78 29.72
CA LYS A 199 41.26 -17.31 28.50
C LYS A 199 41.11 -15.80 28.34
N LEU A 200 39.91 -15.30 28.53
CA LEU A 200 39.66 -13.87 28.46
C LEU A 200 40.54 -13.07 29.42
N LEU A 201 40.63 -13.51 30.67
CA LEU A 201 41.44 -12.82 31.68
C LEU A 201 42.93 -12.92 31.37
N GLU A 202 43.37 -14.10 30.95
CA GLU A 202 44.77 -14.34 30.61
C GLU A 202 45.18 -13.44 29.44
N GLY A 203 44.31 -13.36 28.44
CA GLY A 203 44.59 -12.56 27.26
C GLY A 203 44.62 -11.07 27.51
N GLY A 204 43.89 -10.61 28.53
CA GLY A 204 43.85 -9.20 28.90
C GLY A 204 44.83 -8.80 30.00
N SER A 205 45.65 -9.75 30.46
CA SER A 205 46.69 -9.45 31.45
C SER A 205 47.89 -8.89 30.70
N THR B 4 50.65 -13.02 16.63
CA THR B 4 50.37 -11.60 16.25
C THR B 4 49.42 -11.47 15.03
N ALA B 5 48.49 -12.42 14.91
CA ALA B 5 47.50 -12.40 13.83
C ALA B 5 46.47 -11.33 14.15
N PRO B 6 46.13 -10.49 13.17
CA PRO B 6 44.94 -9.69 13.39
C PRO B 6 43.70 -10.57 13.58
N VAL B 7 42.81 -10.14 14.46
CA VAL B 7 41.48 -10.76 14.60
C VAL B 7 40.78 -10.79 13.26
N LYS B 8 40.17 -11.92 12.94
CA LYS B 8 39.43 -12.07 11.68
C LYS B 8 37.96 -11.76 11.94
N LEU B 9 37.47 -10.68 11.31
CA LEU B 9 36.16 -10.14 11.56
C LEU B 9 35.35 -10.19 10.29
N ALA B 10 34.22 -10.90 10.33
CA ALA B 10 33.26 -10.93 9.24
C ALA B 10 32.03 -10.13 9.61
N ILE B 11 31.71 -9.14 8.78
CA ILE B 11 30.46 -8.37 8.88
C ILE B 11 29.53 -8.90 7.80
N VAL B 12 28.49 -9.62 8.21
CA VAL B 12 27.52 -10.22 7.29
C VAL B 12 26.21 -9.44 7.47
N PHE B 13 25.77 -8.80 6.39
CA PHE B 13 24.64 -7.89 6.45
C PHE B 13 23.70 -8.13 5.28
N TYR B 14 22.40 -8.04 5.56
CA TYR B 14 21.41 -7.90 4.52
C TYR B 14 20.95 -6.44 4.48
N SER B 15 20.74 -5.92 3.27
CA SER B 15 20.20 -4.58 3.08
C SER B 15 19.35 -4.56 1.80
N SER B 16 18.10 -4.11 1.91
CA SER B 16 17.30 -3.83 0.72
C SER B 16 17.61 -2.42 0.21
N THR B 17 17.37 -1.43 1.07
CA THR B 17 17.32 -0.03 0.63
C THR B 17 18.50 0.81 1.06
N GLY B 18 19.60 0.18 1.46
CA GLY B 18 20.85 0.88 1.78
C GLY B 18 21.19 1.20 3.23
N THR B 19 20.23 1.10 4.15
CA THR B 19 20.54 1.46 5.53
C THR B 19 21.53 0.47 6.17
N GLY B 20 21.27 -0.83 6.02
CA GLY B 20 22.20 -1.85 6.54
C GLY B 20 23.57 -1.81 5.91
N TYR B 21 23.63 -1.45 4.63
CA TYR B 21 24.89 -1.28 3.92
C TYR B 21 25.69 -0.13 4.53
N ALA B 22 25.04 1.01 4.81
CA ALA B 22 25.75 2.13 5.45
C ALA B 22 26.27 1.71 6.83
N MET B 23 25.43 1.00 7.58
CA MET B 23 25.81 0.53 8.90
C MET B 23 26.98 -0.43 8.82
N ALA B 24 26.93 -1.36 7.87
CA ALA B 24 27.94 -2.39 7.73
C ALA B 24 29.27 -1.79 7.30
N GLN B 25 29.22 -0.79 6.43
CA GLN B 25 30.44 -0.07 6.05
C GLN B 25 31.06 0.63 7.27
N GLU B 26 30.23 1.23 8.11
CA GLU B 26 30.74 1.86 9.35
C GLU B 26 31.38 0.83 10.27
N ALA B 27 30.70 -0.33 10.41
CA ALA B 27 31.23 -1.47 11.16
C ALA B 27 32.58 -1.94 10.62
N ALA B 28 32.66 -2.08 9.29
CA ALA B 28 33.87 -2.55 8.66
C ALA B 28 35.08 -1.62 8.88
N GLU B 29 34.84 -0.31 8.78
CA GLU B 29 35.86 0.71 9.04
C GLU B 29 36.33 0.72 10.49
N ALA B 30 35.37 0.56 11.41
CA ALA B 30 35.70 0.49 12.83
C ALA B 30 36.56 -0.74 13.11
N GLY B 31 36.21 -1.86 12.48
CA GLY B 31 37.00 -3.09 12.59
C GLY B 31 38.41 -2.94 12.11
N ARG B 32 38.58 -2.32 10.93
CA ARG B 32 39.93 -2.00 10.41
C ARG B 32 40.71 -1.09 11.32
N ALA B 33 40.05 -0.04 11.80
CA ALA B 33 40.67 0.91 12.72
C ALA B 33 41.12 0.24 14.02
N ALA B 34 40.39 -0.80 14.44
CA ALA B 34 40.73 -1.59 15.62
C ALA B 34 41.82 -2.62 15.32
N GLY B 35 42.36 -2.63 14.11
CA GLY B 35 43.47 -3.52 13.77
C GLY B 35 43.06 -4.91 13.32
N ALA B 36 41.76 -5.12 13.12
CA ALA B 36 41.27 -6.41 12.65
C ALA B 36 41.45 -6.55 11.14
N GLU B 37 41.48 -7.80 10.69
CA GLU B 37 41.33 -8.12 9.28
C GLU B 37 39.84 -8.26 9.01
N VAL B 38 39.30 -7.45 8.10
CA VAL B 38 37.85 -7.37 7.94
C VAL B 38 37.36 -7.90 6.58
N ARG B 39 36.29 -8.69 6.62
CA ARG B 39 35.46 -8.96 5.44
C ARG B 39 34.10 -8.32 5.61
N LEU B 40 33.74 -7.44 4.67
CA LEU B 40 32.38 -6.95 4.53
C LEU B 40 31.69 -7.78 3.46
N LEU B 41 30.59 -8.42 3.86
CA LEU B 41 29.93 -9.47 3.07
C LEU B 41 28.43 -9.27 3.04
N LYS B 42 27.87 -9.23 1.85
CA LYS B 42 26.43 -9.04 1.72
C LYS B 42 25.71 -10.39 1.68
N VAL B 43 24.49 -10.38 2.22
CA VAL B 43 23.64 -11.56 2.15
C VAL B 43 22.96 -11.61 0.78
N ARG B 44 23.02 -12.76 0.16
CA ARG B 44 22.37 -13.02 -1.13
C ARG B 44 20.91 -12.56 -1.14
N GLU B 45 20.58 -11.85 -2.20
CA GLU B 45 19.25 -11.35 -2.42
C GLU B 45 18.40 -12.45 -3.05
N THR B 46 17.28 -12.75 -2.42
CA THR B 46 16.38 -13.76 -2.94
C THR B 46 15.14 -13.18 -3.62
N ALA B 47 14.83 -11.90 -3.38
CA ALA B 47 13.62 -11.28 -3.95
C ALA B 47 13.55 -11.45 -5.46
N PRO B 48 12.34 -11.71 -6.00
CA PRO B 48 12.22 -11.74 -7.46
C PRO B 48 12.52 -10.35 -8.04
N GLN B 49 13.06 -10.31 -9.26
CA GLN B 49 13.47 -9.05 -9.87
C GLN B 49 12.32 -8.06 -10.00
N ASP B 50 11.11 -8.56 -10.27
CA ASP B 50 9.95 -7.67 -10.41
C ASP B 50 9.49 -7.05 -9.08
N VAL B 51 9.86 -7.66 -7.95
CA VAL B 51 9.66 -7.02 -6.64
C VAL B 51 10.74 -5.94 -6.39
N ILE B 52 11.98 -6.27 -6.71
CA ILE B 52 13.08 -5.30 -6.62
C ILE B 52 12.77 -4.09 -7.54
N ASP B 53 12.28 -4.37 -8.73
CA ASP B 53 11.89 -3.35 -9.72
C ASP B 53 10.81 -2.36 -9.24
N GLY B 54 10.14 -2.65 -8.14
CA GLY B 54 9.10 -1.77 -7.60
C GLY B 54 9.61 -0.60 -6.76
N GLN B 55 10.88 -0.61 -6.39
CA GLN B 55 11.43 0.40 -5.48
C GLN B 55 12.79 0.92 -5.93
N ASP B 56 12.86 2.23 -6.14
CA ASP B 56 14.10 2.88 -6.54
C ASP B 56 15.29 2.62 -5.60
N ALA B 57 15.07 2.75 -4.30
CA ALA B 57 16.20 2.65 -3.36
C ALA B 57 16.69 1.21 -3.27
N TRP B 58 15.82 0.25 -3.56
CA TRP B 58 16.19 -1.17 -3.58
C TRP B 58 17.05 -1.49 -4.80
N LYS B 59 16.56 -1.14 -6.00
CA LYS B 59 17.36 -1.26 -7.21
C LYS B 59 18.70 -0.56 -7.09
N ALA B 60 18.66 0.67 -6.60
CA ALA B 60 19.87 1.47 -6.49
C ALA B 60 20.87 0.80 -5.56
N ASN B 61 20.38 0.28 -4.43
CA ASN B 61 21.26 -0.30 -3.43
C ASN B 61 21.90 -1.57 -3.92
N ILE B 62 21.14 -2.38 -4.64
CA ILE B 62 21.69 -3.59 -5.22
C ILE B 62 22.91 -3.25 -6.10
N GLU B 63 22.78 -2.24 -6.94
CA GLU B 63 23.87 -1.81 -7.82
C GLU B 63 25.00 -1.22 -6.99
N ALA B 64 24.66 -0.44 -5.98
CA ALA B 64 25.68 0.18 -5.13
C ALA B 64 26.53 -0.88 -4.42
N MET B 65 25.93 -2.03 -4.11
CA MET B 65 26.63 -3.12 -3.42
C MET B 65 27.30 -4.13 -4.38
N LYS B 66 27.32 -3.86 -5.68
CA LYS B 66 27.72 -4.85 -6.70
C LYS B 66 29.09 -5.52 -6.46
N ASP B 67 30.04 -4.72 -5.98
CA ASP B 67 31.42 -5.17 -5.79
C ASP B 67 31.62 -5.80 -4.41
N VAL B 68 30.61 -5.72 -3.56
CA VAL B 68 30.66 -6.34 -2.23
C VAL B 68 30.43 -7.85 -2.38
N PRO B 69 31.37 -8.64 -1.87
CA PRO B 69 31.19 -10.09 -1.96
C PRO B 69 30.00 -10.63 -1.22
N GLU B 70 29.43 -11.71 -1.76
CA GLU B 70 28.31 -12.41 -1.18
C GLU B 70 28.79 -13.39 -0.10
N ALA B 71 28.12 -13.36 1.04
CA ALA B 71 28.46 -14.19 2.18
C ALA B 71 28.20 -15.66 1.92
N THR B 72 29.15 -16.49 2.37
CA THR B 72 29.04 -17.93 2.30
C THR B 72 29.43 -18.48 3.68
N PRO B 73 29.02 -19.72 3.99
CA PRO B 73 29.40 -20.33 5.27
C PRO B 73 30.91 -20.30 5.62
N ALA B 74 31.78 -20.49 4.63
CA ALA B 74 33.24 -20.44 4.85
C ALA B 74 33.77 -19.13 5.42
N ASP B 75 33.04 -18.05 5.21
CA ASP B 75 33.35 -16.76 5.81
C ASP B 75 33.24 -16.84 7.35
N LEU B 76 32.23 -17.56 7.84
CA LEU B 76 32.10 -17.75 9.29
C LEU B 76 33.12 -18.75 9.85
N GLU B 77 33.46 -19.78 9.07
CA GLU B 77 34.54 -20.69 9.47
C GLU B 77 35.85 -19.93 9.60
N TRP B 78 36.09 -19.00 8.68
CA TRP B 78 37.27 -18.15 8.70
C TRP B 78 37.27 -17.17 9.88
N ALA B 79 36.12 -16.57 10.15
CA ALA B 79 36.01 -15.51 11.15
C ALA B 79 36.31 -16.01 12.57
N GLU B 80 36.86 -15.13 13.36
CA GLU B 80 36.96 -15.36 14.79
C GLU B 80 35.91 -14.50 15.49
N ALA B 81 35.48 -13.43 14.82
CA ALA B 81 34.47 -12.54 15.33
C ALA B 81 33.44 -12.29 14.24
N ILE B 82 32.16 -12.46 14.56
CA ILE B 82 31.08 -12.29 13.61
C ILE B 82 30.11 -11.19 14.01
N VAL B 83 29.75 -10.35 13.04
CA VAL B 83 28.62 -9.44 13.21
C VAL B 83 27.60 -9.72 12.14
N PHE B 84 26.33 -9.84 12.56
CA PHE B 84 25.15 -9.95 11.68
C PHE B 84 24.30 -8.68 11.77
N SER B 85 23.90 -8.18 10.62
CA SER B 85 23.03 -7.03 10.51
C SER B 85 21.89 -7.33 9.57
N SER B 86 20.66 -7.14 10.04
CA SER B 86 19.48 -7.25 9.21
C SER B 86 18.45 -6.18 9.53
N PRO B 87 17.78 -5.63 8.51
CA PRO B 87 16.62 -4.82 8.85
C PRO B 87 15.56 -5.72 9.46
N THR B 88 14.69 -5.13 10.26
CA THR B 88 13.59 -5.91 10.83
C THR B 88 12.52 -6.18 9.79
N ARG B 89 11.96 -7.38 9.82
CA ARG B 89 10.68 -7.69 9.16
C ARG B 89 9.72 -8.25 10.19
N PHE B 90 8.70 -7.48 10.55
CA PHE B 90 7.72 -7.88 11.59
C PHE B 90 8.42 -8.41 12.85
N GLY B 91 9.48 -7.74 13.27
CA GLY B 91 10.14 -8.09 14.54
C GLY B 91 11.07 -9.29 14.50
N GLY B 92 11.33 -9.80 13.30
CA GLY B 92 12.32 -10.85 13.07
C GLY B 92 13.30 -10.39 12.00
N ALA B 93 14.30 -11.20 11.71
CA ALA B 93 15.20 -10.88 10.62
C ALA B 93 14.52 -11.13 9.27
N THR B 94 15.06 -10.55 8.21
CA THR B 94 14.56 -10.82 6.87
C THR B 94 14.72 -12.29 6.51
N SER B 95 13.84 -12.77 5.63
CA SER B 95 13.99 -14.11 5.09
C SER B 95 15.35 -14.30 4.41
N GLN B 96 15.92 -13.22 3.86
CA GLN B 96 17.19 -13.32 3.15
C GLN B 96 18.29 -13.68 4.15
N MET B 97 18.27 -13.04 5.32
CA MET B 97 19.21 -13.35 6.37
C MET B 97 18.95 -14.75 6.90
N ARG B 98 17.69 -15.08 7.17
CA ARG B 98 17.38 -16.45 7.61
C ARG B 98 17.78 -17.50 6.57
N ALA B 99 17.63 -17.21 5.29
CA ALA B 99 18.05 -18.15 4.24
C ALA B 99 19.54 -18.43 4.35
N PHE B 100 20.33 -17.38 4.62
CA PHE B 100 21.75 -17.53 4.85
C PHE B 100 22.01 -18.40 6.06
N ILE B 101 21.36 -18.07 7.18
CA ILE B 101 21.47 -18.84 8.41
C ILE B 101 21.16 -20.32 8.17
N ASP B 102 20.16 -20.60 7.36
CA ASP B 102 19.77 -21.99 7.06
C ASP B 102 20.81 -22.73 6.21
N THR B 103 21.77 -22.04 5.60
CA THR B 103 22.88 -22.73 4.92
C THR B 103 24.00 -23.17 5.86
N LEU B 104 23.92 -22.78 7.12
CA LEU B 104 24.98 -23.05 8.08
C LEU B 104 24.88 -24.40 8.80
N GLY B 105 23.99 -25.29 8.37
CA GLY B 105 23.81 -26.58 9.04
C GLY B 105 25.02 -27.52 9.03
N GLY B 106 25.70 -27.60 7.89
CA GLY B 106 26.88 -28.45 7.78
C GLY B 106 28.02 -27.95 8.64
N LEU B 107 28.29 -26.65 8.55
CA LEU B 107 29.28 -26.01 9.43
C LEU B 107 28.99 -26.19 10.92
N TRP B 108 27.72 -26.04 11.28
CA TRP B 108 27.25 -26.26 12.64
C TRP B 108 27.49 -27.71 13.06
N SER B 109 27.09 -28.66 12.19
CA SER B 109 27.32 -30.09 12.42
C SER B 109 28.76 -30.46 12.65
N SER B 110 29.67 -29.72 12.05
CA SER B 110 31.07 -30.02 12.13
C SER B 110 31.67 -29.46 13.42
N GLY B 111 30.91 -28.71 14.20
CA GLY B 111 31.43 -28.04 15.39
C GLY B 111 32.25 -26.78 15.12
N LYS B 112 32.35 -26.36 13.85
CA LYS B 112 33.27 -25.28 13.45
C LYS B 112 32.72 -23.85 13.61
N LEU B 113 31.56 -23.68 14.24
CA LEU B 113 31.03 -22.35 14.58
C LEU B 113 31.26 -21.99 16.04
N ALA B 114 31.60 -22.98 16.85
CA ALA B 114 31.72 -22.82 18.29
C ALA B 114 32.80 -21.83 18.65
N ASN B 115 32.54 -21.09 19.73
CA ASN B 115 33.53 -20.21 20.33
C ASN B 115 33.87 -18.93 19.55
N LYS B 116 33.14 -18.62 18.48
CA LYS B 116 33.38 -17.36 17.78
C LYS B 116 32.57 -16.29 18.49
N THR B 117 33.08 -15.06 18.56
CA THR B 117 32.28 -13.99 19.14
C THR B 117 31.22 -13.55 18.16
N PHE B 118 30.13 -13.04 18.69
CA PHE B 118 28.96 -12.69 17.93
C PHE B 118 28.27 -11.49 18.52
N SER B 119 27.97 -10.51 17.68
CA SER B 119 27.03 -9.44 18.04
C SER B 119 26.19 -9.10 16.80
N ALA B 120 25.16 -8.29 17.00
CA ALA B 120 24.20 -8.05 15.95
C ALA B 120 23.75 -6.60 15.89
N MET B 121 23.21 -6.22 14.74
CA MET B 121 22.74 -4.86 14.47
C MET B 121 21.49 -4.95 13.63
N THR B 122 20.68 -3.91 13.70
CA THR B 122 19.42 -3.90 12.96
C THR B 122 18.92 -2.49 12.62
N SER B 123 17.80 -2.46 11.90
CA SER B 123 17.05 -1.23 11.66
C SER B 123 15.57 -1.46 11.42
N ALA B 124 14.77 -0.40 11.63
CA ALA B 124 13.37 -0.39 11.25
C ALA B 124 12.97 1.03 10.86
N GLN B 125 11.78 1.17 10.28
CA GLN B 125 11.25 2.49 9.90
C GLN B 125 10.76 3.28 11.12
N ASN B 126 10.40 2.54 12.18
CA ASN B 126 9.91 3.11 13.43
C ASN B 126 10.92 2.90 14.56
N VAL B 127 10.95 3.80 15.55
CA VAL B 127 12.00 3.72 16.58
C VAL B 127 11.83 2.42 17.36
N ASN B 128 10.58 2.11 17.70
CA ASN B 128 10.21 0.93 18.47
C ASN B 128 9.54 -0.18 17.61
N GLY B 129 9.93 -0.28 16.33
CA GLY B 129 9.23 -1.16 15.40
C GLY B 129 9.81 -2.56 15.23
N GLY B 130 10.34 -3.14 16.31
CA GLY B 130 10.70 -4.55 16.34
C GLY B 130 12.20 -4.82 16.29
N GLN B 131 12.97 -3.76 16.30
CA GLN B 131 14.41 -3.83 16.32
C GLN B 131 14.94 -4.74 17.44
N GLU B 132 14.48 -4.52 18.67
CA GLU B 132 14.99 -5.27 19.81
C GLU B 132 14.70 -6.73 19.65
N THR B 133 13.50 -7.07 19.19
CA THR B 133 13.18 -8.47 19.02
C THR B 133 14.03 -9.06 17.87
N THR B 134 14.35 -8.25 16.85
CA THR B 134 15.14 -8.74 15.70
C THR B 134 16.51 -9.10 16.18
N LEU B 135 17.10 -8.25 17.01
CA LEU B 135 18.40 -8.55 17.60
C LEU B 135 18.33 -9.81 18.46
N GLN B 136 17.33 -9.88 19.33
CA GLN B 136 17.14 -11.05 20.18
C GLN B 136 17.09 -12.35 19.38
N THR B 137 16.30 -12.39 18.31
CA THR B 137 16.21 -13.61 17.51
C THR B 137 17.57 -14.00 16.93
N LEU B 138 18.38 -13.01 16.60
CA LEU B 138 19.72 -13.26 16.06
C LEU B 138 20.69 -13.79 17.11
N TYR B 139 20.62 -13.25 18.32
CA TYR B 139 21.42 -13.77 19.42
C TYR B 139 21.00 -15.18 19.79
N MET B 140 19.69 -15.45 19.83
CA MET B 140 19.21 -16.80 20.18
C MET B 140 19.76 -17.84 19.20
N THR B 141 19.72 -17.53 17.91
CA THR B 141 20.34 -18.39 16.87
C THR B 141 21.83 -18.66 17.13
N ALA B 142 22.57 -17.61 17.48
CA ALA B 142 23.99 -17.77 17.77
C ALA B 142 24.24 -18.69 18.97
N MET B 143 23.29 -18.74 19.91
CA MET B 143 23.46 -19.61 21.07
C MET B 143 23.48 -21.08 20.68
N HIS B 144 22.70 -21.44 19.67
CA HIS B 144 22.70 -22.80 19.15
C HIS B 144 24.10 -23.23 18.65
N TRP B 145 24.90 -22.24 18.24
CA TRP B 145 26.26 -22.45 17.74
C TRP B 145 27.33 -22.50 18.83
N GLY B 146 26.97 -22.19 20.08
CA GLY B 146 27.95 -22.03 21.14
C GLY B 146 28.84 -20.82 20.89
N ALA B 147 28.28 -19.79 20.29
CA ALA B 147 28.98 -18.52 20.13
C ALA B 147 29.13 -17.86 21.51
N VAL B 148 30.11 -16.98 21.60
CA VAL B 148 30.31 -16.11 22.74
C VAL B 148 29.71 -14.77 22.38
N LEU B 149 28.59 -14.40 23.01
CA LEU B 149 27.83 -13.25 22.59
C LEU B 149 28.41 -12.00 23.22
N THR B 150 28.73 -10.99 22.38
CA THR B 150 29.37 -9.78 22.85
C THR B 150 28.56 -8.51 22.54
N PRO B 151 27.35 -8.41 23.11
CA PRO B 151 26.56 -7.22 22.84
C PRO B 151 27.20 -5.98 23.53
N PRO B 152 26.92 -4.77 23.03
CA PRO B 152 27.55 -3.57 23.57
C PRO B 152 27.14 -3.15 24.97
N GLY B 153 25.93 -3.50 25.40
CA GLY B 153 25.39 -2.93 26.64
C GLY B 153 25.52 -1.41 26.58
N TYR B 154 25.83 -0.80 27.73
CA TYR B 154 26.02 0.64 27.81
C TYR B 154 27.48 0.98 28.08
N THR B 155 28.38 0.20 27.52
CA THR B 155 29.80 0.35 27.83
C THR B 155 30.45 1.64 27.28
N ASP B 156 29.71 2.41 26.46
CA ASP B 156 30.11 3.80 26.12
C ASP B 156 28.95 4.76 26.39
N GLU B 157 29.22 6.06 26.45
CA GLU B 157 28.13 7.05 26.62
C GLU B 157 27.57 7.50 25.28
N VAL B 158 28.00 6.85 24.20
CA VAL B 158 27.46 7.10 22.87
C VAL B 158 26.36 6.08 22.50
N ILE B 159 26.12 5.13 23.41
CA ILE B 159 24.95 4.25 23.34
C ILE B 159 23.74 5.10 23.71
N PHE B 160 23.83 5.75 24.88
CA PHE B 160 22.89 6.78 25.33
C PHE B 160 22.55 7.70 24.18
N LYS B 161 23.59 8.30 23.59
CA LYS B 161 23.42 9.33 22.56
C LYS B 161 22.78 8.79 21.27
N SER B 162 22.97 7.49 21.02
CA SER B 162 22.37 6.80 19.84
C SER B 162 20.90 6.40 20.02
N GLY B 163 20.36 6.56 21.24
CA GLY B 163 19.02 6.04 21.58
C GLY B 163 19.09 4.96 22.65
N GLY B 164 20.30 4.50 22.94
CA GLY B 164 20.54 3.52 24.01
C GLY B 164 20.09 2.12 23.67
N ASN B 165 20.83 1.42 22.81
CA ASN B 165 20.50 0.02 22.56
C ASN B 165 21.57 -0.93 23.05
N PRO B 166 21.34 -1.54 24.21
CA PRO B 166 22.32 -2.42 24.81
C PRO B 166 22.50 -3.74 24.02
N TYR B 167 21.50 -4.12 23.23
CA TYR B 167 21.53 -5.41 22.53
C TYR B 167 22.35 -5.32 21.27
N GLY B 168 22.47 -4.11 20.74
CA GLY B 168 23.17 -3.88 19.49
C GLY B 168 22.66 -2.62 18.81
N ALA B 169 23.49 -2.07 17.93
CA ALA B 169 23.15 -0.85 17.19
C ALA B 169 21.84 -1.07 16.45
N SER B 170 20.95 -0.08 16.56
CA SER B 170 19.70 -0.12 15.81
C SER B 170 19.30 1.27 15.40
N VAL B 171 19.05 1.40 14.10
CA VAL B 171 18.87 2.66 13.42
C VAL B 171 17.42 2.74 12.95
N THR B 172 16.85 3.94 13.01
CA THR B 172 15.53 4.19 12.43
C THR B 172 15.71 4.61 10.97
N ALA B 173 15.27 3.73 10.07
CA ALA B 173 15.45 3.87 8.63
C ALA B 173 14.56 4.97 8.07
N ASN B 174 15.21 6.03 7.54
CA ASN B 174 14.51 7.22 7.03
C ASN B 174 14.93 7.63 5.59
N GLY B 175 15.80 6.84 4.96
CA GLY B 175 16.35 7.17 3.63
C GLY B 175 17.54 8.13 3.69
N GLN B 176 17.36 9.24 4.40
CA GLN B 176 18.45 10.18 4.71
C GLN B 176 19.57 9.47 5.49
N PRO B 177 20.80 10.03 5.47
CA PRO B 177 21.93 9.28 6.01
C PRO B 177 21.91 9.02 7.53
N LEU B 178 22.92 8.25 7.96
CA LEU B 178 23.05 7.88 9.37
C LEU B 178 23.54 9.06 10.20
N LEU B 179 23.04 9.12 11.43
CA LEU B 179 23.43 10.12 12.40
C LEU B 179 24.76 9.71 13.03
N GLU B 180 25.46 10.69 13.57
CA GLU B 180 26.74 10.48 14.26
C GLU B 180 26.56 9.52 15.45
N ASN B 181 25.45 9.65 16.16
CA ASN B 181 25.18 8.85 17.35
C ASN B 181 25.06 7.37 16.99
N ASP B 182 24.30 7.10 15.93
CA ASP B 182 24.22 5.75 15.36
C ASP B 182 25.58 5.24 14.89
N ARG B 183 26.36 6.10 14.26
CA ARG B 183 27.68 5.73 13.76
C ARG B 183 28.68 5.45 14.88
N ALA B 184 28.60 6.23 15.95
CA ALA B 184 29.49 6.02 17.11
C ALA B 184 29.11 4.77 17.89
N SER B 185 27.81 4.48 17.89
CA SER B 185 27.28 3.28 18.50
C SER B 185 27.86 2.04 17.81
N ILE B 186 27.80 2.02 16.49
CA ILE B 186 28.32 0.93 15.68
C ILE B 186 29.83 0.78 15.92
N ARG B 187 30.57 1.89 15.84
CA ARG B 187 32.02 1.87 16.02
C ARG B 187 32.46 1.23 17.34
N HIS B 188 31.78 1.62 18.41
CA HIS B 188 32.11 1.12 19.73
C HIS B 188 31.81 -0.36 19.87
N GLN B 189 30.63 -0.74 19.40
CA GLN B 189 30.21 -2.15 19.39
C GLN B 189 31.25 -3.07 18.75
N VAL B 190 31.75 -2.65 17.59
CA VAL B 190 32.70 -3.43 16.81
C VAL B 190 34.09 -3.37 17.45
N ARG B 191 34.53 -2.17 17.85
CA ARG B 191 35.84 -2.00 18.47
C ARG B 191 35.91 -2.87 19.73
N ARG B 192 34.84 -2.84 20.51
CA ARG B 192 34.76 -3.61 21.73
C ARG B 192 34.81 -5.11 21.46
N GLN B 193 34.04 -5.56 20.48
CA GLN B 193 34.03 -6.97 20.11
C GLN B 193 35.40 -7.46 19.65
N VAL B 194 36.09 -6.65 18.85
CA VAL B 194 37.45 -6.99 18.39
C VAL B 194 38.41 -7.11 19.57
N GLU B 195 38.36 -6.14 20.48
CA GLU B 195 39.17 -6.19 21.72
C GLU B 195 38.89 -7.43 22.59
N LEU B 196 37.62 -7.75 22.81
CA LEU B 196 37.28 -9.00 23.51
C LEU B 196 37.79 -10.25 22.78
N THR B 197 37.60 -10.29 21.47
CA THR B 197 38.00 -11.44 20.67
C THR B 197 39.54 -11.65 20.71
N ALA B 198 40.29 -10.57 20.55
CA ALA B 198 41.74 -10.60 20.64
C ALA B 198 42.19 -11.13 22.02
N LYS B 199 41.52 -10.73 23.10
CA LYS B 199 41.87 -11.24 24.43
C LYS B 199 41.63 -12.75 24.55
N LEU B 200 40.46 -13.21 24.08
CA LEU B 200 40.13 -14.63 24.09
C LEU B 200 41.11 -15.48 23.29
N LEU B 201 41.50 -14.99 22.12
CA LEU B 201 42.49 -15.68 21.28
C LEU B 201 43.87 -15.68 21.92
N GLU B 202 44.28 -14.55 22.49
CA GLU B 202 45.59 -14.49 23.14
C GLU B 202 45.60 -15.46 24.33
N GLY B 203 44.49 -15.50 25.08
CA GLY B 203 44.33 -16.43 26.20
C GLY B 203 44.37 -17.90 25.81
N GLY B 204 43.87 -18.20 24.63
CA GLY B 204 43.94 -19.54 24.05
C GLY B 204 45.34 -19.89 23.56
N SER B 205 46.14 -18.87 23.25
CA SER B 205 47.59 -19.01 23.00
C SER B 205 48.17 -17.72 22.39
N THR C 4 -23.71 -17.66 10.95
CA THR C 4 -24.19 -18.91 10.25
C THR C 4 -23.04 -19.53 9.43
N ALA C 5 -22.34 -18.68 8.70
CA ALA C 5 -21.18 -19.07 7.90
C ALA C 5 -20.02 -19.57 8.78
N PRO C 6 -19.49 -20.76 8.50
CA PRO C 6 -18.35 -21.33 9.21
C PRO C 6 -17.16 -20.38 9.37
N VAL C 7 -16.47 -20.46 10.50
CA VAL C 7 -15.14 -19.84 10.65
C VAL C 7 -14.23 -20.29 9.50
N LYS C 8 -13.57 -19.32 8.88
CA LYS C 8 -12.59 -19.59 7.83
C LYS C 8 -11.21 -19.76 8.45
N LEU C 9 -10.71 -21.00 8.43
CA LEU C 9 -9.43 -21.35 9.06
C LEU C 9 -8.38 -21.68 8.02
N ALA C 10 -7.29 -20.92 8.03
CA ALA C 10 -6.11 -21.21 7.24
C ALA C 10 -5.00 -21.78 8.12
N ILE C 11 -4.53 -22.98 7.77
CA ILE C 11 -3.42 -23.65 8.42
C ILE C 11 -2.25 -23.67 7.46
N VAL C 12 -1.26 -22.82 7.74
CA VAL C 12 -0.13 -22.61 6.87
C VAL C 12 1.08 -23.25 7.54
N PHE C 13 1.69 -24.23 6.88
CA PHE C 13 2.81 -24.95 7.47
C PHE C 13 3.97 -25.12 6.50
N TYR C 14 5.19 -25.10 7.03
CA TYR C 14 6.32 -25.61 6.28
C TYR C 14 6.64 -27.02 6.82
N SER C 15 7.03 -27.94 5.92
CA SER C 15 7.61 -29.22 6.32
C SER C 15 8.65 -29.68 5.30
N SER C 16 9.85 -30.02 5.76
CA SER C 16 10.86 -30.68 4.92
C SER C 16 10.57 -32.18 4.79
N THR C 17 10.58 -32.89 5.91
CA THR C 17 10.52 -34.35 5.90
C THR C 17 9.18 -34.99 6.34
N GLY C 18 8.18 -34.18 6.73
CA GLY C 18 6.86 -34.72 7.08
C GLY C 18 6.28 -34.47 8.46
N THR C 19 7.11 -34.07 9.42
CA THR C 19 6.61 -33.83 10.78
C THR C 19 5.53 -32.76 10.80
N GLY C 20 5.84 -31.59 10.25
CA GLY C 20 4.87 -30.49 10.12
C GLY C 20 3.66 -30.82 9.27
N TYR C 21 3.85 -31.60 8.22
CA TYR C 21 2.72 -32.07 7.40
C TYR C 21 1.70 -32.86 8.24
N ALA C 22 2.20 -33.80 9.03
CA ALA C 22 1.38 -34.60 9.97
C ALA C 22 0.67 -33.71 10.99
N MET C 23 1.41 -32.79 11.61
CA MET C 23 0.85 -31.83 12.57
C MET C 23 -0.23 -30.97 11.95
N ALA C 24 0.03 -30.45 10.75
CA ALA C 24 -0.93 -29.58 10.07
C ALA C 24 -2.20 -30.34 9.61
N GLN C 25 -2.05 -31.59 9.22
CA GLN C 25 -3.22 -32.45 8.91
C GLN C 25 -4.11 -32.64 10.14
N GLU C 26 -3.49 -32.92 11.28
CA GLU C 26 -4.20 -33.02 12.55
C GLU C 26 -4.93 -31.72 12.89
N ALA C 27 -4.26 -30.58 12.72
CA ALA C 27 -4.89 -29.28 12.89
C ALA C 27 -6.09 -29.15 11.94
N ALA C 28 -5.93 -29.56 10.68
CA ALA C 28 -7.00 -29.42 9.70
C ALA C 28 -8.21 -30.26 10.07
N GLU C 29 -7.98 -31.49 10.51
CA GLU C 29 -9.08 -32.34 10.99
C GLU C 29 -9.82 -31.70 12.18
N ALA C 30 -9.05 -31.24 13.16
CA ALA C 30 -9.61 -30.60 14.33
C ALA C 30 -10.48 -29.42 13.95
N GLY C 31 -10.08 -28.64 12.95
CA GLY C 31 -10.85 -27.48 12.53
C GLY C 31 -12.13 -27.85 11.83
N ARG C 32 -12.06 -28.82 10.93
CA ARG C 32 -13.27 -29.34 10.27
C ARG C 32 -14.24 -29.89 11.30
N ALA C 33 -13.74 -30.74 12.19
CA ALA C 33 -14.56 -31.28 13.28
C ALA C 33 -15.18 -30.19 14.15
N ALA C 34 -14.48 -29.07 14.32
CA ALA C 34 -15.01 -27.93 15.07
C ALA C 34 -15.94 -27.04 14.23
N GLY C 35 -16.23 -27.40 12.99
CA GLY C 35 -17.21 -26.66 12.20
C GLY C 35 -16.66 -25.56 11.31
N ALA C 36 -15.34 -25.43 11.22
CA ALA C 36 -14.72 -24.40 10.38
C ALA C 36 -14.65 -24.83 8.92
N GLU C 37 -14.55 -23.85 8.02
CA GLU C 37 -14.11 -24.12 6.66
C GLU C 37 -12.59 -23.97 6.67
N VAL C 38 -11.89 -25.00 6.21
CA VAL C 38 -10.44 -25.10 6.42
C VAL C 38 -9.67 -25.13 5.10
N ARG C 39 -8.62 -24.31 5.04
CA ARG C 39 -7.63 -24.41 3.98
C ARG C 39 -6.33 -24.89 4.61
N LEU C 40 -5.88 -26.06 4.16
CA LEU C 40 -4.59 -26.61 4.58
C LEU C 40 -3.63 -26.26 3.48
N LEU C 41 -2.55 -25.59 3.84
CA LEU C 41 -1.72 -24.92 2.86
C LEU C 41 -0.24 -25.05 3.18
N LYS C 42 0.55 -25.45 2.19
CA LYS C 42 1.98 -25.62 2.41
C LYS C 42 2.75 -24.33 2.09
N VAL C 43 3.82 -24.09 2.83
CA VAL C 43 4.75 -22.98 2.51
C VAL C 43 5.63 -23.37 1.34
N ARG C 44 5.77 -22.46 0.40
CA ARG C 44 6.58 -22.63 -0.81
C ARG C 44 7.98 -23.07 -0.44
N GLU C 45 8.45 -24.14 -1.08
CA GLU C 45 9.81 -24.62 -0.87
C GLU C 45 10.78 -23.70 -1.60
N THR C 46 11.70 -23.07 -0.88
CA THR C 46 12.58 -22.09 -1.47
C THR C 46 14.01 -22.58 -1.52
N ALA C 47 14.28 -23.74 -0.93
CA ALA C 47 15.63 -24.29 -0.91
C ALA C 47 16.09 -24.71 -2.33
N PRO C 48 17.42 -24.63 -2.59
CA PRO C 48 18.07 -25.10 -3.83
C PRO C 48 17.90 -26.59 -4.07
N GLN C 49 17.73 -26.98 -5.33
CA GLN C 49 17.49 -28.39 -5.63
C GLN C 49 18.72 -29.26 -5.33
N ASP C 50 19.92 -28.67 -5.29
CA ASP C 50 21.11 -29.44 -4.88
C ASP C 50 21.07 -29.74 -3.38
N VAL C 51 20.53 -28.80 -2.62
CA VAL C 51 20.34 -29.00 -1.17
C VAL C 51 19.24 -30.04 -0.91
N ILE C 52 18.17 -29.98 -1.68
CA ILE C 52 17.05 -30.90 -1.53
C ILE C 52 17.50 -32.31 -1.93
N ASP C 53 18.30 -32.38 -3.00
CA ASP C 53 18.72 -33.65 -3.59
C ASP C 53 19.69 -34.47 -2.73
N GLY C 54 20.08 -33.95 -1.58
CA GLY C 54 20.87 -34.72 -0.62
C GLY C 54 20.05 -35.34 0.48
N GLN C 55 18.73 -35.16 0.43
CA GLN C 55 17.84 -35.73 1.44
C GLN C 55 16.62 -36.30 0.74
N ASP C 56 16.58 -37.63 0.61
CA ASP C 56 15.54 -38.28 -0.17
C ASP C 56 14.19 -38.27 0.56
N ALA C 57 14.22 -38.26 1.89
CA ALA C 57 12.99 -38.13 2.68
C ALA C 57 12.33 -36.76 2.43
N TRP C 58 13.15 -35.73 2.29
CA TRP C 58 12.72 -34.38 1.90
C TRP C 58 12.13 -34.39 0.49
N LYS C 59 12.84 -34.99 -0.48
CA LYS C 59 12.29 -35.12 -1.83
C LYS C 59 10.95 -35.84 -1.80
N ALA C 60 10.89 -36.92 -1.02
CA ALA C 60 9.70 -37.76 -0.94
C ALA C 60 8.54 -37.02 -0.29
N ASN C 61 8.82 -36.30 0.80
CA ASN C 61 7.76 -35.54 1.43
C ASN C 61 7.25 -34.40 0.53
N ILE C 62 8.12 -33.79 -0.25
CA ILE C 62 7.68 -32.82 -1.25
C ILE C 62 6.63 -33.48 -2.16
N GLU C 63 6.92 -34.67 -2.66
CA GLU C 63 5.98 -35.39 -3.52
C GLU C 63 4.71 -35.78 -2.77
N ALA C 64 4.87 -36.28 -1.54
CA ALA C 64 3.72 -36.60 -0.68
C ALA C 64 2.71 -35.46 -0.59
N MET C 65 3.20 -34.23 -0.53
CA MET C 65 2.37 -33.04 -0.43
C MET C 65 2.01 -32.41 -1.78
N LYS C 66 2.15 -33.16 -2.88
CA LYS C 66 1.97 -32.58 -4.22
C LYS C 66 0.58 -31.97 -4.47
N ASP C 67 -0.45 -32.56 -3.90
CA ASP C 67 -1.80 -32.01 -4.03
C ASP C 67 -2.22 -31.10 -2.88
N VAL C 68 -1.27 -30.70 -2.04
CA VAL C 68 -1.54 -29.65 -1.05
C VAL C 68 -1.22 -28.32 -1.73
N PRO C 69 -2.17 -27.38 -1.76
CA PRO C 69 -1.85 -26.11 -2.41
C PRO C 69 -0.83 -25.26 -1.64
N GLU C 70 -0.07 -24.48 -2.38
CA GLU C 70 0.90 -23.57 -1.81
C GLU C 70 0.18 -22.38 -1.16
N ALA C 71 0.56 -22.00 0.06
CA ALA C 71 -0.04 -20.82 0.74
C ALA C 71 0.24 -19.53 -0.04
N THR C 72 -0.72 -18.61 -0.05
CA THR C 72 -0.56 -17.30 -0.71
C THR C 72 -1.16 -16.21 0.18
N PRO C 73 -0.80 -14.93 -0.04
CA PRO C 73 -1.41 -13.88 0.79
C PRO C 73 -2.94 -13.91 0.75
N ALA C 74 -3.48 -14.22 -0.42
CA ALA C 74 -4.92 -14.33 -0.60
C ALA C 74 -5.60 -15.22 0.45
N ASP C 75 -4.93 -16.31 0.80
CA ASP C 75 -5.44 -17.26 1.80
C ASP C 75 -5.57 -16.65 3.20
N LEU C 76 -4.59 -15.82 3.58
CA LEU C 76 -4.66 -15.09 4.85
C LEU C 76 -5.66 -13.96 4.81
N GLU C 77 -5.81 -13.31 3.64
CA GLU C 77 -6.82 -12.27 3.49
C GLU C 77 -8.19 -12.89 3.67
N TRP C 78 -8.35 -14.09 3.13
CA TRP C 78 -9.59 -14.83 3.25
C TRP C 78 -9.86 -15.25 4.69
N ALA C 79 -8.80 -15.76 5.33
CA ALA C 79 -8.89 -16.35 6.67
C ALA C 79 -9.40 -15.40 7.75
N GLU C 80 -10.17 -15.97 8.66
CA GLU C 80 -10.54 -15.32 9.91
C GLU C 80 -9.68 -15.85 11.07
N ALA C 81 -9.24 -17.10 10.94
CA ALA C 81 -8.37 -17.77 11.90
C ALA C 81 -7.15 -18.33 11.21
N ILE C 82 -5.97 -18.00 11.73
CA ILE C 82 -4.71 -18.46 11.15
C ILE C 82 -3.88 -19.29 12.12
N VAL C 83 -3.34 -20.42 11.63
CA VAL C 83 -2.34 -21.21 12.33
C VAL C 83 -1.11 -21.30 11.45
N PHE C 84 0.03 -20.92 12.01
CA PHE C 84 1.34 -21.12 11.38
C PHE C 84 2.05 -22.27 12.07
N SER C 85 2.71 -23.08 11.27
CA SER C 85 3.50 -24.20 11.77
C SER C 85 4.85 -24.23 11.05
N SER C 86 5.93 -24.18 11.80
CA SER C 86 7.24 -24.35 11.20
C SER C 86 8.10 -25.16 12.14
N PRO C 87 8.97 -26.00 11.58
CA PRO C 87 10.02 -26.58 12.40
C PRO C 87 11.02 -25.49 12.78
N THR C 88 11.86 -25.76 13.77
CA THR C 88 12.83 -24.77 14.18
C THR C 88 14.05 -24.83 13.29
N ARG C 89 14.68 -23.67 13.09
CA ARG C 89 16.06 -23.60 12.63
C ARG C 89 16.77 -22.70 13.61
N PHE C 90 17.63 -23.29 14.43
CA PHE C 90 18.35 -22.56 15.46
C PHE C 90 17.46 -21.68 16.33
N GLY C 91 16.28 -22.16 16.70
CA GLY C 91 15.41 -21.42 17.62
C GLY C 91 14.46 -20.42 16.98
N GLY C 92 14.61 -20.20 15.67
CA GLY C 92 13.69 -19.37 14.91
C GLY C 92 12.95 -20.20 13.89
N ALA C 93 12.06 -19.57 13.12
CA ALA C 93 11.31 -20.25 12.06
C ALA C 93 12.24 -20.54 10.88
N THR C 94 11.82 -21.44 10.00
CA THR C 94 12.56 -21.68 8.76
C THR C 94 12.58 -20.43 7.87
N SER C 95 13.66 -20.24 7.13
CA SER C 95 13.71 -19.20 6.09
C SER C 95 12.54 -19.33 5.11
N GLN C 96 12.06 -20.55 4.88
CA GLN C 96 10.94 -20.76 3.97
C GLN C 96 9.70 -20.09 4.54
N MET C 97 9.41 -20.34 5.82
CA MET C 97 8.30 -19.69 6.50
C MET C 97 8.46 -18.15 6.52
N ARG C 98 9.66 -17.67 6.78
CA ARG C 98 9.89 -16.23 6.80
C ARG C 98 9.77 -15.61 5.40
N ALA C 99 10.08 -16.36 4.34
CA ALA C 99 9.89 -15.86 2.99
C ALA C 99 8.42 -15.67 2.65
N PHE C 100 7.57 -16.60 3.11
CA PHE C 100 6.14 -16.43 2.96
C PHE C 100 5.64 -15.24 3.79
N ILE C 101 6.06 -15.15 5.04
CA ILE C 101 5.76 -13.97 5.87
C ILE C 101 6.15 -12.66 5.15
N ASP C 102 7.31 -12.65 4.52
CA ASP C 102 7.82 -11.47 3.85
C ASP C 102 7.03 -11.10 2.58
N THR C 103 6.11 -11.94 2.13
CA THR C 103 5.24 -11.59 0.99
C THR C 103 3.89 -10.97 1.45
N LEU C 104 3.73 -10.79 2.76
CA LEU C 104 2.49 -10.29 3.34
C LEU C 104 2.48 -8.77 3.52
N GLY C 105 3.52 -8.09 3.01
CA GLY C 105 3.69 -6.65 3.18
C GLY C 105 2.55 -5.80 2.66
N GLY C 106 2.03 -6.18 1.49
CA GLY C 106 0.89 -5.54 0.87
C GLY C 106 -0.39 -5.63 1.66
N LEU C 107 -0.73 -6.84 2.13
CA LEU C 107 -1.86 -7.00 3.06
C LEU C 107 -1.66 -6.19 4.33
N TRP C 108 -0.48 -6.31 4.91
CA TRP C 108 -0.15 -5.56 6.11
C TRP C 108 -0.34 -4.05 5.91
N SER C 109 0.16 -3.50 4.81
CA SER C 109 -0.01 -2.07 4.49
C SER C 109 -1.47 -1.64 4.40
N SER C 110 -2.31 -2.55 3.95
CA SER C 110 -3.72 -2.28 3.74
C SER C 110 -4.60 -2.49 4.96
N GLY C 111 -3.99 -2.79 6.11
CA GLY C 111 -4.72 -3.10 7.34
C GLY C 111 -5.50 -4.41 7.26
N LYS C 112 -5.14 -5.26 6.29
CA LYS C 112 -5.93 -6.44 5.95
C LYS C 112 -5.52 -7.74 6.62
N LEU C 113 -4.64 -7.66 7.64
CA LEU C 113 -4.32 -8.82 8.50
C LEU C 113 -4.82 -8.64 9.94
N ALA C 114 -5.33 -7.45 10.22
CA ALA C 114 -5.75 -7.10 11.57
C ALA C 114 -6.98 -7.87 12.00
N ASN C 115 -7.07 -8.10 13.31
CA ASN C 115 -8.21 -8.72 13.96
C ASN C 115 -8.46 -10.16 13.56
N LYS C 116 -7.48 -10.78 12.90
CA LYS C 116 -7.56 -12.20 12.63
C LYS C 116 -7.00 -12.90 13.86
N THR C 117 -7.51 -14.08 14.19
CA THR C 117 -6.92 -14.84 15.29
C THR C 117 -5.67 -15.55 14.82
N PHE C 118 -4.77 -15.86 15.75
CA PHE C 118 -3.49 -16.46 15.40
C PHE C 118 -2.95 -17.32 16.52
N SER C 119 -2.56 -18.53 16.14
CA SER C 119 -1.71 -19.36 16.98
C SER C 119 -0.67 -20.04 16.11
N ALA C 120 0.23 -20.78 16.76
CA ALA C 120 1.38 -21.37 16.10
C ALA C 120 1.71 -22.73 16.67
N MET C 121 2.49 -23.48 15.89
CA MET C 121 2.99 -24.78 16.28
C MET C 121 4.39 -24.92 15.72
N THR C 122 5.17 -25.81 16.32
CA THR C 122 6.54 -26.02 15.89
C THR C 122 7.02 -27.43 16.19
N SER C 123 8.21 -27.73 15.69
CA SER C 123 8.90 -28.96 16.08
C SER C 123 10.40 -28.75 16.10
N ALA C 124 11.09 -29.67 16.77
CA ALA C 124 12.53 -29.64 16.90
C ALA C 124 12.99 -31.05 17.16
N GLN C 125 14.24 -31.33 16.81
CA GLN C 125 14.83 -32.63 17.12
C GLN C 125 15.21 -32.79 18.58
N ASN C 126 15.23 -31.68 19.31
CA ASN C 126 15.46 -31.63 20.76
C ASN C 126 14.27 -31.03 21.51
N VAL C 127 13.95 -31.58 22.67
CA VAL C 127 12.76 -31.19 23.42
C VAL C 127 12.86 -29.72 23.91
N ASN C 128 14.06 -29.29 24.29
CA ASN C 128 14.33 -27.90 24.68
C ASN C 128 15.13 -27.14 23.63
N GLY C 129 15.16 -27.63 22.40
CA GLY C 129 15.98 -27.02 21.35
C GLY C 129 15.26 -25.97 20.51
N GLY C 130 14.42 -25.15 21.13
CA GLY C 130 13.69 -24.09 20.39
C GLY C 130 12.22 -24.39 20.13
N GLN C 131 11.62 -25.27 20.92
CA GLN C 131 10.20 -25.56 20.87
C GLN C 131 9.35 -24.44 21.50
N GLU C 132 10.01 -23.52 22.22
CA GLU C 132 9.36 -22.33 22.77
C GLU C 132 9.76 -21.08 21.99
N THR C 133 11.05 -20.89 21.74
CA THR C 133 11.52 -19.67 21.06
C THR C 133 10.97 -19.53 19.65
N THR C 134 10.78 -20.64 18.96
CA THR C 134 10.27 -20.61 17.61
C THR C 134 8.85 -20.09 17.60
N LEU C 135 8.03 -20.55 18.53
CA LEU C 135 6.66 -20.08 18.64
C LEU C 135 6.63 -18.59 19.03
N GLN C 136 7.47 -18.22 19.96
CA GLN C 136 7.61 -16.84 20.36
C GLN C 136 7.85 -15.93 19.15
N THR C 137 8.84 -16.24 18.32
CA THR C 137 9.14 -15.40 17.16
C THR C 137 7.96 -15.30 16.19
N LEU C 138 7.20 -16.38 16.04
CA LEU C 138 6.00 -16.33 15.21
C LEU C 138 4.90 -15.44 15.84
N TYR C 139 4.71 -15.52 17.15
CA TYR C 139 3.76 -14.62 17.81
C TYR C 139 4.16 -13.14 17.68
N MET C 140 5.44 -12.82 17.86
CA MET C 140 5.89 -11.44 17.73
C MET C 140 5.57 -10.87 16.36
N THR C 141 5.78 -11.67 15.31
CA THR C 141 5.38 -11.29 13.95
C THR C 141 3.88 -10.99 13.83
N ALA C 142 3.05 -11.87 14.36
CA ALA C 142 1.60 -11.65 14.32
C ALA C 142 1.12 -10.37 15.07
N MET C 143 1.86 -9.97 16.08
CA MET C 143 1.58 -8.69 16.78
C MET C 143 1.71 -7.46 15.89
N HIS C 144 2.66 -7.47 14.96
CA HIS C 144 2.83 -6.42 13.96
C HIS C 144 1.60 -6.34 13.07
N TRP C 145 0.88 -7.44 12.92
CA TRP C 145 -0.37 -7.43 12.14
C TRP C 145 -1.58 -6.93 12.91
N GLY C 146 -1.48 -6.78 14.23
CA GLY C 146 -2.70 -6.51 15.02
C GLY C 146 -3.60 -7.75 15.07
N ALA C 147 -3.00 -8.94 15.01
CA ALA C 147 -3.76 -10.16 15.13
C ALA C 147 -4.17 -10.35 16.60
N VAL C 148 -5.14 -11.21 16.82
CA VAL C 148 -5.65 -11.54 18.14
C VAL C 148 -5.06 -12.92 18.43
N LEU C 149 -4.12 -12.96 19.38
CA LEU C 149 -3.34 -14.19 19.63
C LEU C 149 -4.09 -15.09 20.61
N THR C 150 -4.27 -16.35 20.19
CA THR C 150 -5.02 -17.34 20.94
C THR C 150 -4.17 -18.59 21.20
N PRO C 151 -3.09 -18.45 21.96
CA PRO C 151 -2.32 -19.61 22.35
C PRO C 151 -3.13 -20.53 23.27
N PRO C 152 -2.76 -21.82 23.33
CA PRO C 152 -3.51 -22.73 24.16
C PRO C 152 -3.43 -22.48 25.67
N GLY C 153 -2.32 -21.95 26.17
CA GLY C 153 -2.06 -21.93 27.62
C GLY C 153 -2.20 -23.34 28.18
N TYR C 154 -2.71 -23.44 29.40
CA TYR C 154 -2.95 -24.72 30.04
C TYR C 154 -4.47 -24.95 30.19
N THR C 155 -5.19 -24.67 29.11
CA THR C 155 -6.65 -24.62 29.15
C THR C 155 -7.29 -26.00 28.95
N ASP C 156 -6.50 -27.04 28.75
CA ASP C 156 -6.99 -28.40 28.81
C ASP C 156 -5.91 -29.32 29.37
N GLU C 157 -6.34 -30.38 30.04
CA GLU C 157 -5.45 -31.42 30.58
C GLU C 157 -4.42 -31.97 29.58
N VAL C 158 -4.80 -32.01 28.30
CA VAL C 158 -3.93 -32.59 27.26
C VAL C 158 -2.62 -31.81 27.05
N ILE C 159 -2.67 -30.50 27.27
CA ILE C 159 -1.46 -29.66 27.24
C ILE C 159 -0.43 -30.20 28.26
N PHE C 160 -0.86 -30.45 29.49
CA PHE C 160 0.04 -31.04 30.50
C PHE C 160 0.60 -32.39 30.04
N LYS C 161 -0.25 -33.21 29.45
CA LYS C 161 0.16 -34.57 29.02
C LYS C 161 1.20 -34.57 27.89
N SER C 162 1.19 -33.57 27.05
CA SER C 162 2.08 -33.52 25.88
C SER C 162 3.34 -32.67 26.10
N GLY C 163 3.67 -32.36 27.35
CA GLY C 163 4.87 -31.57 27.67
C GLY C 163 4.58 -30.17 28.21
N GLY C 164 3.30 -29.81 28.29
CA GLY C 164 2.91 -28.50 28.86
C GLY C 164 3.54 -27.28 28.18
N ASN C 165 3.35 -27.15 26.87
CA ASN C 165 3.75 -25.96 26.11
C ASN C 165 2.56 -25.00 25.93
N PRO C 166 2.52 -23.93 26.76
CA PRO C 166 1.40 -23.02 26.73
C PRO C 166 1.39 -22.11 25.51
N TYR C 167 2.55 -21.97 24.89
CA TYR C 167 2.67 -21.09 23.74
C TYR C 167 2.06 -21.72 22.49
N GLY C 168 2.13 -23.04 22.40
CA GLY C 168 1.70 -23.74 21.18
C GLY C 168 2.16 -25.17 21.14
N ALA C 169 1.51 -25.97 20.27
CA ALA C 169 1.87 -27.36 20.15
C ALA C 169 3.31 -27.38 19.72
N SER C 170 4.09 -28.26 20.35
CA SER C 170 5.44 -28.48 19.91
C SER C 170 5.77 -29.97 20.01
N VAL C 171 6.33 -30.50 18.93
CA VAL C 171 6.57 -31.93 18.79
C VAL C 171 8.07 -32.15 18.70
N THR C 172 8.57 -33.15 19.42
CA THR C 172 9.96 -33.58 19.26
C THR C 172 10.00 -34.48 17.99
N ALA C 173 10.62 -33.96 16.94
CA ALA C 173 10.68 -34.63 15.63
C ALA C 173 11.73 -35.75 15.60
N ASN C 174 11.25 -36.99 15.53
CA ASN C 174 12.15 -38.15 15.56
C ASN C 174 11.93 -39.19 14.43
N GLY C 175 11.02 -38.90 13.52
CA GLY C 175 10.69 -39.85 12.45
C GLY C 175 9.58 -40.83 12.79
N GLN C 176 9.26 -40.93 14.09
CA GLN C 176 8.20 -41.82 14.56
C GLN C 176 6.85 -41.14 14.39
N PRO C 177 5.74 -41.91 14.45
CA PRO C 177 4.43 -41.32 14.31
C PRO C 177 4.10 -40.36 15.44
N LEU C 178 3.24 -39.40 15.16
CA LEU C 178 2.79 -38.44 16.16
C LEU C 178 2.22 -39.17 17.37
N LEU C 179 2.72 -38.82 18.55
CA LEU C 179 2.17 -39.34 19.79
C LEU C 179 0.74 -38.88 19.97
N GLU C 180 -0.06 -39.71 20.64
CA GLU C 180 -1.47 -39.41 20.85
C GLU C 180 -1.65 -38.11 21.63
N ASN C 181 -0.74 -37.87 22.57
CA ASN C 181 -0.81 -36.69 23.43
C ASN C 181 -0.51 -35.40 22.67
N ASP C 182 0.42 -35.47 21.73
CA ASP C 182 0.67 -34.36 20.83
C ASP C 182 -0.52 -34.09 19.94
N ARG C 183 -1.13 -35.14 19.40
CA ARG C 183 -2.30 -34.97 18.55
C ARG C 183 -3.42 -34.26 19.30
N ALA C 184 -3.68 -34.69 20.52
CA ALA C 184 -4.75 -34.12 21.32
C ALA C 184 -4.46 -32.65 21.68
N SER C 185 -3.20 -32.33 21.87
CA SER C 185 -2.81 -30.94 22.12
C SER C 185 -3.02 -30.03 20.91
N ILE C 186 -2.75 -30.54 19.71
CA ILE C 186 -3.04 -29.85 18.46
C ILE C 186 -4.53 -29.62 18.30
N ARG C 187 -5.31 -30.69 18.44
CA ARG C 187 -6.75 -30.61 18.32
C ARG C 187 -7.35 -29.62 19.30
N HIS C 188 -6.84 -29.58 20.53
CA HIS C 188 -7.41 -28.67 21.54
C HIS C 188 -7.14 -27.22 21.16
N GLN C 189 -5.89 -26.96 20.81
CA GLN C 189 -5.47 -25.65 20.35
C GLN C 189 -6.32 -25.10 19.22
N VAL C 190 -6.60 -25.94 18.23
CA VAL C 190 -7.30 -25.49 17.01
C VAL C 190 -8.79 -25.33 17.32
N ARG C 191 -9.34 -26.29 18.04
CA ARG C 191 -10.72 -26.21 18.47
C ARG C 191 -10.94 -24.92 19.27
N ARG C 192 -10.11 -24.71 20.30
CA ARG C 192 -10.19 -23.49 21.11
C ARG C 192 -10.20 -22.23 20.26
N GLN C 193 -9.26 -22.14 19.32
CA GLN C 193 -9.13 -20.97 18.47
C GLN C 193 -10.33 -20.78 17.56
N VAL C 194 -10.86 -21.88 17.02
CA VAL C 194 -12.07 -21.78 16.20
C VAL C 194 -13.21 -21.21 17.04
N GLU C 195 -13.43 -21.75 18.24
CA GLU C 195 -14.48 -21.24 19.13
C GLU C 195 -14.31 -19.76 19.52
N LEU C 196 -13.10 -19.32 19.87
CA LEU C 196 -12.87 -17.89 20.15
C LEU C 196 -13.15 -17.02 18.90
N THR C 197 -12.65 -17.47 17.75
CA THR C 197 -12.86 -16.75 16.50
C THR C 197 -14.37 -16.59 16.24
N ALA C 198 -15.12 -17.69 16.36
CA ALA C 198 -16.57 -17.65 16.17
C ALA C 198 -17.24 -16.65 17.12
N LYS C 199 -16.80 -16.60 18.38
CA LYS C 199 -17.38 -15.63 19.33
C LYS C 199 -17.06 -14.20 18.93
N LEU C 200 -15.83 -14.00 18.49
CA LEU C 200 -15.36 -12.69 18.02
C LEU C 200 -16.23 -12.18 16.86
N LEU C 201 -16.52 -13.07 15.92
CA LEU C 201 -17.23 -12.71 14.70
C LEU C 201 -18.69 -12.51 14.95
N GLU C 202 -19.24 -13.35 15.83
CA GLU C 202 -20.62 -13.25 16.29
C GLU C 202 -20.93 -11.90 16.97
N GLY C 203 -20.06 -11.46 17.88
CA GLY C 203 -20.22 -10.18 18.56
C GLY C 203 -19.94 -8.93 17.74
N GLY C 204 -19.24 -9.09 16.62
CA GLY C 204 -18.97 -7.98 15.71
C GLY C 204 -20.02 -7.84 14.60
N SER C 205 -21.12 -8.57 14.75
CA SER C 205 -22.18 -8.77 13.73
C SER C 205 -22.31 -10.26 13.45
N THR D 4 -25.31 -6.43 28.16
CA THR D 4 -25.65 -5.03 28.60
C THR D 4 -24.51 -4.46 29.45
N ALA D 5 -23.92 -5.27 30.34
CA ALA D 5 -22.98 -4.74 31.34
C ALA D 5 -21.65 -4.31 30.72
N PRO D 6 -21.09 -3.18 31.18
CA PRO D 6 -19.85 -2.71 30.58
C PRO D 6 -18.69 -3.68 30.74
N VAL D 7 -17.79 -3.67 29.76
CA VAL D 7 -16.55 -4.45 29.83
C VAL D 7 -15.82 -4.13 31.13
N LYS D 8 -15.45 -5.16 31.86
CA LYS D 8 -14.70 -4.95 33.10
C LYS D 8 -13.20 -4.90 32.80
N LEU D 9 -12.62 -3.70 32.94
CA LEU D 9 -11.22 -3.46 32.57
C LEU D 9 -10.36 -3.11 33.79
N ALA D 10 -9.28 -3.86 33.97
CA ALA D 10 -8.34 -3.64 35.06
C ALA D 10 -7.00 -3.22 34.48
N ILE D 11 -6.56 -2.05 34.90
CA ILE D 11 -5.28 -1.51 34.53
C ILE D 11 -4.39 -1.60 35.76
N VAL D 12 -3.40 -2.48 35.68
CA VAL D 12 -2.50 -2.75 36.79
C VAL D 12 -1.15 -2.22 36.35
N PHE D 13 -0.64 -1.23 37.06
CA PHE D 13 0.63 -0.59 36.71
C PHE D 13 1.52 -0.54 37.93
N TYR D 14 2.84 -0.62 37.70
CA TYR D 14 3.83 -0.21 38.68
C TYR D 14 4.48 1.13 38.23
N SER D 15 4.67 2.06 39.15
CA SER D 15 5.42 3.27 38.86
C SER D 15 6.24 3.68 40.09
N SER D 16 7.52 3.97 39.88
CA SER D 16 8.38 4.55 40.90
C SER D 16 8.29 6.08 40.82
N THR D 17 8.61 6.65 39.67
CA THR D 17 8.74 8.10 39.54
C THR D 17 7.65 8.82 38.71
N GLY D 18 6.54 8.15 38.45
CA GLY D 18 5.33 8.79 37.91
C GLY D 18 5.02 8.63 36.43
N THR D 19 5.97 8.16 35.62
CA THR D 19 5.68 8.02 34.17
C THR D 19 4.57 6.97 33.98
N GLY D 20 4.73 5.83 34.63
CA GLY D 20 3.78 4.76 34.50
C GLY D 20 2.43 5.11 35.10
N TYR D 21 2.44 5.92 36.14
CA TYR D 21 1.21 6.41 36.74
C TYR D 21 0.46 7.33 35.75
N ALA D 22 1.18 8.29 35.13
CA ALA D 22 0.62 9.12 34.06
C ALA D 22 0.07 8.27 32.90
N MET D 23 0.86 7.32 32.44
CA MET D 23 0.45 6.40 31.38
C MET D 23 -0.80 5.61 31.75
N ALA D 24 -0.85 5.11 32.98
CA ALA D 24 -1.96 4.29 33.42
C ALA D 24 -3.27 5.09 33.59
N GLN D 25 -3.15 6.35 33.98
CA GLN D 25 -4.34 7.23 34.05
C GLN D 25 -4.91 7.48 32.66
N GLU D 26 -4.00 7.67 31.70
CA GLU D 26 -4.38 7.85 30.31
C GLU D 26 -5.10 6.60 29.83
N ALA D 27 -4.59 5.44 30.21
CA ALA D 27 -5.21 4.18 29.84
C ALA D 27 -6.61 4.05 30.48
N ALA D 28 -6.70 4.41 31.76
CA ALA D 28 -7.97 4.32 32.49
C ALA D 28 -9.05 5.21 31.88
N GLU D 29 -8.68 6.45 31.55
CA GLU D 29 -9.61 7.39 30.85
C GLU D 29 -10.04 6.89 29.48
N ALA D 30 -9.08 6.37 28.71
CA ALA D 30 -9.39 5.77 27.40
C ALA D 30 -10.44 4.67 27.54
N GLY D 31 -10.29 3.84 28.56
CA GLY D 31 -11.23 2.76 28.80
C GLY D 31 -12.59 3.24 29.23
N ARG D 32 -12.63 4.23 30.09
CA ARG D 32 -13.88 4.88 30.47
C ARG D 32 -14.60 5.50 29.24
N ALA D 33 -13.86 6.29 28.47
CA ALA D 33 -14.39 6.91 27.26
C ALA D 33 -14.97 5.91 26.29
N ALA D 34 -14.36 4.72 26.23
CA ALA D 34 -14.76 3.67 25.30
C ALA D 34 -15.86 2.76 25.85
N GLY D 35 -16.33 3.01 27.06
CA GLY D 35 -17.50 2.28 27.56
C GLY D 35 -17.23 1.22 28.61
N ALA D 36 -15.98 1.09 29.04
CA ALA D 36 -15.62 0.08 30.01
C ALA D 36 -15.82 0.59 31.44
N GLU D 37 -16.11 -0.33 32.35
CA GLU D 37 -15.99 -0.08 33.78
C GLU D 37 -14.55 -0.38 34.17
N VAL D 38 -13.86 0.60 34.72
CA VAL D 38 -12.41 0.51 34.93
C VAL D 38 -11.98 0.47 36.40
N ARG D 39 -11.03 -0.42 36.70
CA ARG D 39 -10.29 -0.36 37.95
C ARG D 39 -8.86 0.01 37.61
N LEU D 40 -8.41 1.12 38.16
CA LEU D 40 -7.03 1.57 38.05
C LEU D 40 -6.30 1.18 39.33
N LEU D 41 -5.27 0.37 39.20
CA LEU D 41 -4.69 -0.31 40.36
C LEU D 41 -3.20 -0.26 40.34
N LYS D 42 -2.62 0.17 41.46
CA LYS D 42 -1.17 0.25 41.57
C LYS D 42 -0.58 -1.05 42.10
N VAL D 43 0.59 -1.40 41.57
CA VAL D 43 1.31 -2.54 42.11
C VAL D 43 1.96 -2.15 43.43
N ARG D 44 1.74 -2.96 44.46
CA ARG D 44 2.38 -2.77 45.75
C ARG D 44 3.88 -2.44 45.69
N GLU D 45 4.30 -1.40 46.41
CA GLU D 45 5.71 -1.07 46.50
C GLU D 45 6.45 -2.02 47.47
N THR D 46 7.59 -2.54 47.05
CA THR D 46 8.40 -3.43 47.87
C THR D 46 9.66 -2.74 48.44
N ALA D 47 10.06 -1.62 47.88
CA ALA D 47 11.34 -1.03 48.29
C ALA D 47 11.27 -0.61 49.77
N PRO D 48 12.41 -0.74 50.48
CA PRO D 48 12.53 -0.21 51.83
C PRO D 48 12.54 1.30 51.80
N GLN D 49 12.03 1.91 52.86
CA GLN D 49 11.87 3.34 52.94
C GLN D 49 13.18 4.09 52.79
N ASP D 50 14.25 3.56 53.38
CA ASP D 50 15.55 4.23 53.31
C ASP D 50 16.08 4.25 51.88
N VAL D 51 15.57 3.37 51.02
CA VAL D 51 15.94 3.39 49.61
C VAL D 51 15.08 4.40 48.88
N ILE D 52 13.77 4.28 49.05
CA ILE D 52 12.82 5.26 48.52
C ILE D 52 13.25 6.68 48.90
N ASP D 53 13.71 6.85 50.15
CA ASP D 53 14.14 8.17 50.64
C ASP D 53 15.28 8.82 49.85
N GLY D 54 16.13 8.01 49.24
CA GLY D 54 17.20 8.53 48.38
C GLY D 54 16.73 9.19 47.09
N GLN D 55 15.45 9.06 46.75
CA GLN D 55 14.90 9.63 45.52
C GLN D 55 13.63 10.42 45.79
N ASP D 56 13.76 11.76 45.79
CA ASP D 56 12.64 12.66 46.04
C ASP D 56 11.44 12.40 45.10
N ALA D 57 11.71 12.18 43.83
CA ALA D 57 10.67 11.91 42.83
C ALA D 57 9.91 10.60 43.09
N TRP D 58 10.60 9.62 43.67
CA TRP D 58 10.01 8.32 44.01
C TRP D 58 9.08 8.49 45.20
N LYS D 59 9.62 9.12 46.25
CA LYS D 59 8.86 9.45 47.43
C LYS D 59 7.66 10.34 47.09
N ALA D 60 7.84 11.27 46.17
CA ALA D 60 6.75 12.16 45.74
C ALA D 60 5.65 11.40 44.97
N ASN D 61 6.01 10.54 44.04
CA ASN D 61 5.01 9.76 43.30
C ASN D 61 4.24 8.80 44.24
N ILE D 62 4.91 8.21 45.21
CA ILE D 62 4.21 7.33 46.16
C ILE D 62 3.09 8.13 46.83
N GLU D 63 3.40 9.37 47.22
CA GLU D 63 2.42 10.29 47.78
C GLU D 63 1.34 10.62 46.76
N ALA D 64 1.71 10.88 45.52
CA ALA D 64 0.73 11.22 44.49
C ALA D 64 -0.32 10.11 44.27
N MET D 65 0.11 8.84 44.35
CA MET D 65 -0.75 7.67 44.14
C MET D 65 -1.41 7.12 45.41
N LYS D 66 -1.35 7.85 46.53
CA LYS D 66 -1.78 7.26 47.81
C LYS D 66 -3.26 6.82 47.85
N ASP D 67 -4.14 7.48 47.09
CA ASP D 67 -5.54 7.06 47.07
C ASP D 67 -5.88 6.04 45.97
N VAL D 68 -4.90 5.65 45.17
CA VAL D 68 -5.07 4.58 44.18
C VAL D 68 -4.97 3.22 44.90
N PRO D 69 -5.96 2.34 44.73
CA PRO D 69 -5.90 1.04 45.42
C PRO D 69 -4.79 0.12 44.88
N GLU D 70 -4.30 -0.76 45.75
CA GLU D 70 -3.27 -1.71 45.35
C GLU D 70 -3.93 -2.87 44.62
N ALA D 71 -3.27 -3.35 43.58
CA ALA D 71 -3.75 -4.50 42.83
C ALA D 71 -3.75 -5.75 43.69
N THR D 72 -4.80 -6.53 43.52
CA THR D 72 -4.96 -7.84 44.14
C THR D 72 -5.39 -8.86 43.08
N PRO D 73 -5.21 -10.14 43.38
CA PRO D 73 -5.72 -11.18 42.48
C PRO D 73 -7.22 -11.10 42.20
N ALA D 74 -8.00 -10.72 43.21
CA ALA D 74 -9.43 -10.54 43.06
C ALA D 74 -9.78 -9.63 41.87
N ASP D 75 -8.96 -8.60 41.66
CA ASP D 75 -9.18 -7.63 40.59
C ASP D 75 -9.05 -8.27 39.22
N LEU D 76 -8.11 -9.20 39.10
CA LEU D 76 -7.94 -9.89 37.85
C LEU D 76 -9.01 -10.95 37.66
N GLU D 77 -9.51 -11.54 38.75
CA GLU D 77 -10.61 -12.50 38.65
C GLU D 77 -11.85 -11.78 38.12
N TRP D 78 -12.11 -10.59 38.66
CA TRP D 78 -13.18 -9.70 38.20
C TRP D 78 -13.06 -9.27 36.74
N ALA D 79 -11.86 -8.94 36.30
CA ALA D 79 -11.63 -8.31 35.00
C ALA D 79 -11.94 -9.24 33.85
N GLU D 80 -12.40 -8.63 32.76
CA GLU D 80 -12.56 -9.29 31.48
C GLU D 80 -11.44 -8.89 30.54
N ALA D 81 -10.93 -7.67 30.75
CA ALA D 81 -9.84 -7.12 29.97
C ALA D 81 -8.79 -6.62 30.94
N ILE D 82 -7.53 -6.97 30.68
CA ILE D 82 -6.43 -6.62 31.57
C ILE D 82 -5.34 -5.90 30.79
N VAL D 83 -4.81 -4.82 31.40
CA VAL D 83 -3.62 -4.13 30.91
C VAL D 83 -2.58 -4.06 32.02
N PHE D 84 -1.35 -4.53 31.75
CA PHE D 84 -0.23 -4.39 32.68
C PHE D 84 0.70 -3.34 32.14
N SER D 85 1.21 -2.49 33.02
CA SER D 85 2.21 -1.49 32.64
C SER D 85 3.33 -1.50 33.67
N SER D 86 4.55 -1.67 33.20
CA SER D 86 5.72 -1.65 34.06
C SER D 86 6.80 -0.84 33.39
N PRO D 87 7.58 -0.10 34.18
CA PRO D 87 8.83 0.41 33.62
C PRO D 87 9.78 -0.74 33.29
N THR D 88 10.71 -0.48 32.40
CA THR D 88 11.69 -1.48 32.02
C THR D 88 12.79 -1.48 33.07
N ARG D 89 13.17 -2.68 33.50
CA ARG D 89 14.31 -2.91 34.36
C ARG D 89 15.16 -3.97 33.62
N PHE D 90 16.26 -3.53 33.03
CA PHE D 90 17.15 -4.39 32.27
C PHE D 90 16.42 -5.26 31.23
N GLY D 91 15.43 -4.70 30.55
CA GLY D 91 14.67 -5.40 29.51
C GLY D 91 13.57 -6.35 29.98
N GLY D 92 13.27 -6.31 31.27
CA GLY D 92 12.19 -7.07 31.84
C GLY D 92 11.33 -6.14 32.67
N ALA D 93 10.28 -6.66 33.26
CA ALA D 93 9.42 -5.86 34.14
C ALA D 93 10.08 -5.71 35.48
N THR D 94 9.65 -4.72 36.26
CA THR D 94 10.17 -4.54 37.63
C THR D 94 9.87 -5.75 38.51
N SER D 95 10.72 -5.97 39.51
CA SER D 95 10.48 -6.96 40.55
C SER D 95 9.14 -6.73 41.23
N GLN D 96 8.73 -5.47 41.38
CA GLN D 96 7.44 -5.17 42.00
C GLN D 96 6.29 -5.77 41.19
N MET D 97 6.36 -5.63 39.87
CA MET D 97 5.33 -6.18 39.00
C MET D 97 5.37 -7.69 39.03
N ARG D 98 6.58 -8.25 38.93
CA ARG D 98 6.73 -9.70 38.97
C ARG D 98 6.26 -10.30 40.30
N ALA D 99 6.47 -9.60 41.40
CA ALA D 99 5.93 -10.05 42.69
C ALA D 99 4.39 -10.12 42.69
N PHE D 100 3.73 -9.16 42.06
CA PHE D 100 2.28 -9.22 41.90
C PHE D 100 1.87 -10.46 41.06
N ILE D 101 2.53 -10.64 39.93
CA ILE D 101 2.30 -11.80 39.05
C ILE D 101 2.46 -13.11 39.80
N ASP D 102 3.46 -13.16 40.70
CA ASP D 102 3.76 -14.35 41.48
C ASP D 102 2.70 -14.67 42.56
N THR D 103 1.73 -13.77 42.76
CA THR D 103 0.59 -14.02 43.65
C THR D 103 -0.63 -14.58 42.90
N LEU D 104 -0.49 -14.80 41.59
CA LEU D 104 -1.62 -15.18 40.75
C LEU D 104 -1.75 -16.68 40.54
N GLY D 105 -0.91 -17.47 41.23
CA GLY D 105 -0.86 -18.91 41.08
C GLY D 105 -2.15 -19.62 41.44
N GLY D 106 -2.81 -19.20 42.51
CA GLY D 106 -4.09 -19.75 42.91
C GLY D 106 -5.14 -19.57 41.85
N LEU D 107 -5.26 -18.35 41.35
CA LEU D 107 -6.20 -18.02 40.29
C LEU D 107 -5.91 -18.82 39.03
N TRP D 108 -4.63 -18.88 38.66
CA TRP D 108 -4.16 -19.67 37.54
C TRP D 108 -4.54 -21.15 37.70
N SER D 109 -4.24 -21.72 38.86
CA SER D 109 -4.65 -23.10 39.19
C SER D 109 -6.16 -23.34 39.07
N SER D 110 -6.96 -22.32 39.40
CA SER D 110 -8.43 -22.39 39.27
C SER D 110 -8.99 -22.23 37.85
N GLY D 111 -8.13 -21.93 36.88
CA GLY D 111 -8.56 -21.61 35.52
C GLY D 111 -9.22 -20.23 35.39
N LYS D 112 -9.10 -19.41 36.43
CA LYS D 112 -9.81 -18.13 36.47
C LYS D 112 -9.07 -16.96 35.82
N LEU D 113 -7.97 -17.22 35.13
CA LEU D 113 -7.31 -16.19 34.32
C LEU D 113 -7.50 -16.40 32.82
N ALA D 114 -8.03 -17.55 32.43
CA ALA D 114 -8.17 -17.88 31.02
C ALA D 114 -9.25 -17.05 30.34
N ASN D 115 -8.99 -16.75 29.06
CA ASN D 115 -9.92 -16.09 28.12
C ASN D 115 -10.09 -14.57 28.29
N LYS D 116 -9.49 -14.02 29.33
CA LYS D 116 -9.47 -12.58 29.49
C LYS D 116 -8.54 -12.02 28.42
N THR D 117 -8.87 -10.83 27.91
CA THR D 117 -7.96 -10.14 26.99
C THR D 117 -6.77 -9.51 27.74
N PHE D 118 -5.62 -9.46 27.08
CA PHE D 118 -4.44 -8.89 27.69
C PHE D 118 -3.66 -8.03 26.71
N SER D 119 -3.21 -6.87 27.19
CA SER D 119 -2.16 -6.11 26.52
C SER D 119 -1.28 -5.48 27.57
N ALA D 120 -0.19 -4.85 27.11
CA ALA D 120 0.84 -4.32 28.00
C ALA D 120 1.39 -2.99 27.55
N MET D 121 1.92 -2.24 28.50
CA MET D 121 2.64 -0.99 28.27
C MET D 121 3.92 -0.94 29.08
N THR D 122 4.82 -0.02 28.68
CA THR D 122 6.10 0.13 29.35
C THR D 122 6.68 1.51 29.18
N SER D 123 7.73 1.78 29.95
CA SER D 123 8.56 2.97 29.78
C SER D 123 10.01 2.68 30.14
N ALA D 124 10.93 3.39 29.48
CA ALA D 124 12.37 3.34 29.75
C ALA D 124 12.96 4.73 29.60
N GLN D 125 14.20 4.91 30.06
CA GLN D 125 14.93 6.19 29.93
C GLN D 125 15.64 6.31 28.57
N ASN D 126 15.70 5.18 27.86
CA ASN D 126 16.26 5.10 26.52
C ASN D 126 15.22 4.59 25.51
N VAL D 127 15.23 5.15 24.30
CA VAL D 127 14.21 4.86 23.27
C VAL D 127 14.20 3.39 22.89
N ASN D 128 15.41 2.82 22.79
CA ASN D 128 15.61 1.41 22.53
C ASN D 128 16.15 0.65 23.78
N GLY D 129 15.79 1.09 24.98
CA GLY D 129 16.38 0.57 26.20
C GLY D 129 15.77 -0.70 26.81
N GLY D 130 15.28 -1.61 25.98
CA GLY D 130 14.74 -2.88 26.46
C GLY D 130 13.24 -2.92 26.61
N GLN D 131 12.58 -1.82 26.23
CA GLN D 131 11.14 -1.72 26.18
C GLN D 131 10.44 -2.90 25.48
N GLU D 132 10.83 -3.20 24.24
CA GLU D 132 10.14 -4.21 23.48
C GLU D 132 10.22 -5.54 24.20
N THR D 133 11.38 -5.83 24.80
CA THR D 133 11.54 -7.08 25.52
C THR D 133 10.72 -7.09 26.81
N THR D 134 10.59 -5.92 27.45
CA THR D 134 9.73 -5.82 28.64
C THR D 134 8.30 -6.19 28.27
N LEU D 135 7.80 -5.67 27.15
CA LEU D 135 6.44 -6.00 26.67
C LEU D 135 6.36 -7.50 26.36
N GLN D 136 7.36 -8.00 25.63
CA GLN D 136 7.44 -9.41 25.29
C GLN D 136 7.29 -10.31 26.51
N THR D 137 8.02 -10.02 27.57
CA THR D 137 8.00 -10.89 28.77
C THR D 137 6.64 -10.90 29.46
N LEU D 138 5.93 -9.78 29.41
CA LEU D 138 4.60 -9.70 29.99
C LEU D 138 3.58 -10.49 29.16
N TYR D 139 3.66 -10.38 27.84
CA TYR D 139 2.84 -11.19 26.95
C TYR D 139 3.12 -12.68 27.11
N MET D 140 4.39 -13.06 27.21
CA MET D 140 4.72 -14.48 27.37
C MET D 140 4.06 -15.05 28.61
N THR D 141 4.11 -14.29 29.71
CA THR D 141 3.39 -14.65 30.95
C THR D 141 1.90 -14.85 30.74
N ALA D 142 1.25 -13.90 30.07
CA ALA D 142 -0.17 -14.00 29.80
C ALA D 142 -0.55 -15.26 29.02
N MET D 143 0.33 -15.72 28.16
CA MET D 143 0.09 -16.95 27.42
C MET D 143 -0.04 -18.19 28.33
N HIS D 144 0.71 -18.22 29.44
CA HIS D 144 0.59 -19.30 30.42
C HIS D 144 -0.80 -19.29 31.03
N TRP D 145 -1.49 -18.14 30.99
CA TRP D 145 -2.84 -18.01 31.57
C TRP D 145 -3.96 -18.35 30.61
N GLY D 146 -3.64 -18.61 29.34
CA GLY D 146 -4.67 -18.81 28.32
C GLY D 146 -5.41 -17.51 28.01
N ALA D 147 -4.70 -16.39 28.11
CA ALA D 147 -5.29 -15.09 27.82
C ALA D 147 -5.31 -14.94 26.32
N VAL D 148 -6.19 -14.06 25.84
CA VAL D 148 -6.31 -13.69 24.44
C VAL D 148 -5.57 -12.37 24.32
N LEU D 149 -4.45 -12.35 23.59
CA LEU D 149 -3.59 -11.16 23.58
C LEU D 149 -4.01 -10.19 22.49
N THR D 150 -4.20 -8.92 22.87
CA THR D 150 -4.72 -7.89 21.97
C THR D 150 -3.71 -6.70 21.86
N PRO D 151 -2.50 -6.96 21.33
CA PRO D 151 -1.52 -5.90 21.16
C PRO D 151 -2.05 -4.91 20.14
N PRO D 152 -1.58 -3.65 20.18
CA PRO D 152 -2.13 -2.70 19.22
C PRO D 152 -1.74 -2.91 17.75
N GLY D 153 -0.58 -3.51 17.47
CA GLY D 153 -0.09 -3.53 16.08
C GLY D 153 0.08 -2.11 15.53
N TYR D 154 -0.09 -1.94 14.22
CA TYR D 154 -0.15 -0.60 13.59
C TYR D 154 -1.58 -0.30 13.11
N THR D 155 -2.56 -0.69 13.91
CA THR D 155 -3.98 -0.56 13.56
C THR D 155 -4.51 0.91 13.58
N ASP D 156 -3.62 1.86 13.86
CA ASP D 156 -3.92 3.29 13.70
C ASP D 156 -2.69 4.11 13.25
N GLU D 157 -2.96 5.26 12.64
CA GLU D 157 -1.93 6.26 12.30
C GLU D 157 -1.14 6.79 13.52
N VAL D 158 -1.77 6.76 14.69
CA VAL D 158 -1.10 7.20 15.94
C VAL D 158 0.14 6.39 16.33
N ILE D 159 0.12 5.07 16.09
CA ILE D 159 1.24 4.18 16.45
C ILE D 159 2.51 4.67 15.76
N PHE D 160 2.45 4.77 14.44
CA PHE D 160 3.52 5.38 13.62
C PHE D 160 3.96 6.71 14.24
N LYS D 161 3.00 7.60 14.45
CA LYS D 161 3.30 8.95 14.90
C LYS D 161 4.07 9.01 16.24
N SER D 162 3.94 7.98 17.09
CA SER D 162 4.59 7.96 18.42
C SER D 162 5.83 7.03 18.53
N GLY D 163 6.46 6.69 17.40
CA GLY D 163 7.63 5.80 17.39
C GLY D 163 7.33 4.37 16.96
N GLY D 164 6.05 4.10 16.67
CA GLY D 164 5.58 2.82 16.16
C GLY D 164 5.98 1.57 16.92
N ASN D 165 5.38 1.35 18.11
CA ASN D 165 5.56 0.09 18.84
C ASN D 165 4.29 -0.75 18.76
N PRO D 166 4.31 -1.80 17.93
CA PRO D 166 3.14 -2.63 17.75
C PRO D 166 2.85 -3.57 18.91
N TYR D 167 3.80 -3.72 19.82
CA TYR D 167 3.67 -4.67 20.91
C TYR D 167 2.90 -4.01 22.06
N GLY D 168 2.97 -2.68 22.13
CA GLY D 168 2.23 -1.92 23.14
C GLY D 168 2.84 -0.56 23.33
N ALA D 169 2.10 0.31 24.03
CA ALA D 169 2.55 1.67 24.26
C ALA D 169 3.87 1.65 25.02
N SER D 170 4.85 2.41 24.52
CA SER D 170 6.08 2.58 25.26
C SER D 170 6.54 4.01 25.20
N VAL D 171 6.85 4.56 26.38
CA VAL D 171 7.10 5.97 26.56
C VAL D 171 8.49 6.19 27.12
N THR D 172 9.24 7.07 26.46
CA THR D 172 10.59 7.40 26.87
C THR D 172 10.47 8.44 27.97
N ALA D 173 10.93 8.01 29.13
CA ALA D 173 10.78 8.74 30.36
C ALA D 173 11.96 9.72 30.49
N ASN D 174 11.63 11.02 30.57
CA ASN D 174 12.63 12.07 30.74
C ASN D 174 12.19 13.15 31.75
N GLY D 175 11.35 12.75 32.72
CA GLY D 175 10.76 13.69 33.69
C GLY D 175 9.58 14.49 33.15
N GLN D 176 9.75 15.00 31.92
CA GLN D 176 8.76 15.81 31.20
C GLN D 176 7.39 15.09 31.02
N PRO D 177 6.26 15.83 31.09
CA PRO D 177 4.94 15.22 30.86
C PRO D 177 4.80 14.44 29.53
N LEU D 178 3.80 13.57 29.48
CA LEU D 178 3.58 12.71 28.33
C LEU D 178 3.27 13.53 27.07
N LEU D 179 3.84 13.13 25.94
CA LEU D 179 3.59 13.79 24.66
C LEU D 179 2.24 13.34 24.14
N GLU D 180 1.61 14.21 23.36
CA GLU D 180 0.29 13.93 22.80
C GLU D 180 0.27 12.67 21.95
N ASN D 181 1.40 12.32 21.36
CA ASN D 181 1.44 11.13 20.53
C ASN D 181 1.46 9.82 21.32
N ASP D 182 2.21 9.84 22.41
CA ASP D 182 2.18 8.76 23.37
C ASP D 182 0.79 8.58 23.98
N ARG D 183 0.17 9.70 24.37
CA ARG D 183 -1.18 9.65 24.91
C ARG D 183 -2.14 9.03 23.90
N ALA D 184 -2.01 9.41 22.64
CA ALA D 184 -2.87 8.87 21.58
C ALA D 184 -2.63 7.38 21.32
N SER D 185 -1.36 6.96 21.43
CA SER D 185 -1.01 5.54 21.29
C SER D 185 -1.67 4.69 22.38
N ILE D 186 -1.61 5.19 23.61
CA ILE D 186 -2.26 4.53 24.75
C ILE D 186 -3.77 4.41 24.52
N ARG D 187 -4.38 5.52 24.09
CA ARG D 187 -5.83 5.57 23.86
C ARG D 187 -6.28 4.57 22.81
N HIS D 188 -5.56 4.53 21.69
CA HIS D 188 -5.90 3.58 20.66
C HIS D 188 -5.77 2.14 21.18
N GLN D 189 -4.69 1.86 21.91
CA GLN D 189 -4.46 0.50 22.42
C GLN D 189 -5.61 0.02 23.29
N VAL D 190 -6.00 0.86 24.22
CA VAL D 190 -7.02 0.50 25.19
C VAL D 190 -8.42 0.42 24.55
N ARG D 191 -8.76 1.41 23.75
CA ARG D 191 -10.08 1.43 23.08
C ARG D 191 -10.24 0.19 22.22
N ARG D 192 -9.23 -0.12 21.43
CA ARG D 192 -9.23 -1.33 20.64
C ARG D 192 -9.43 -2.58 21.50
N GLN D 193 -8.70 -2.70 22.60
CA GLN D 193 -8.86 -3.87 23.49
C GLN D 193 -10.27 -3.95 24.06
N VAL D 194 -10.82 -2.83 24.50
CA VAL D 194 -12.19 -2.80 25.01
C VAL D 194 -13.16 -3.26 23.92
N GLU D 195 -12.99 -2.76 22.70
CA GLU D 195 -13.86 -3.12 21.58
C GLU D 195 -13.83 -4.62 21.26
N LEU D 196 -12.63 -5.19 21.22
CA LEU D 196 -12.46 -6.62 20.99
C LEU D 196 -13.06 -7.46 22.12
N THR D 197 -12.86 -7.03 23.36
CA THR D 197 -13.39 -7.75 24.52
C THR D 197 -14.90 -7.77 24.50
N ALA D 198 -15.51 -6.62 24.21
CA ALA D 198 -16.97 -6.53 24.11
C ALA D 198 -17.51 -7.55 23.08
N LYS D 199 -16.80 -7.66 21.97
CA LYS D 199 -17.18 -8.56 20.89
C LYS D 199 -17.10 -10.03 21.28
N LEU D 200 -15.98 -10.42 21.87
CA LEU D 200 -15.83 -11.79 22.38
C LEU D 200 -16.92 -12.15 23.40
N LEU D 201 -17.22 -11.22 24.30
CA LEU D 201 -18.19 -11.48 25.36
C LEU D 201 -19.60 -11.58 24.83
N GLU D 202 -19.92 -10.72 23.85
CA GLU D 202 -21.21 -10.79 23.16
C GLU D 202 -21.36 -12.11 22.38
N GLY D 203 -20.31 -12.53 21.69
CA GLY D 203 -20.36 -13.80 20.94
C GLY D 203 -20.63 -15.04 21.78
N GLY D 204 -20.09 -15.05 23.00
CA GLY D 204 -20.35 -16.12 23.97
C GLY D 204 -21.60 -15.96 24.83
N SER D 205 -22.15 -14.74 24.86
CA SER D 205 -23.41 -14.47 25.57
C SER D 205 -24.17 -13.33 24.90
N SER E 2 -40.01 0.66 -47.11
CA SER E 2 -39.55 2.01 -47.58
C SER E 2 -40.24 3.15 -46.83
N LEU E 3 -39.49 4.23 -46.63
CA LEU E 3 -40.01 5.41 -45.96
C LEU E 3 -40.96 6.16 -46.88
N THR E 4 -41.93 6.85 -46.28
CA THR E 4 -42.94 7.60 -47.02
C THR E 4 -42.78 9.09 -46.79
N ALA E 5 -41.66 9.46 -46.18
CA ALA E 5 -41.31 10.86 -46.06
C ALA E 5 -39.78 10.96 -46.06
N PRO E 6 -39.25 12.13 -46.48
CA PRO E 6 -37.82 12.32 -46.37
C PRO E 6 -37.34 12.27 -44.92
N VAL E 7 -36.20 11.63 -44.71
CA VAL E 7 -35.53 11.67 -43.41
C VAL E 7 -35.35 13.13 -43.00
N LYS E 8 -35.73 13.45 -41.77
CA LYS E 8 -35.57 14.80 -41.27
C LYS E 8 -34.13 14.98 -40.73
N LEU E 9 -33.39 15.91 -41.34
CA LEU E 9 -31.98 16.18 -40.99
C LEU E 9 -31.81 17.64 -40.56
N ALA E 10 -31.34 17.84 -39.33
CA ALA E 10 -30.96 19.18 -38.87
C ALA E 10 -29.42 19.30 -38.85
N ILE E 11 -28.91 20.35 -39.48
CA ILE E 11 -27.50 20.69 -39.49
C ILE E 11 -27.37 22.01 -38.74
N VAL E 12 -26.95 21.90 -37.48
CA VAL E 12 -26.81 23.02 -36.59
C VAL E 12 -25.33 23.37 -36.52
N PHE E 13 -24.98 24.60 -36.91
CA PHE E 13 -23.57 24.98 -37.02
C PHE E 13 -23.35 26.38 -36.47
N TYR E 14 -22.15 26.60 -35.96
CA TYR E 14 -21.65 27.95 -35.69
C TYR E 14 -20.49 28.27 -36.64
N SER E 15 -20.38 29.54 -37.03
CA SER E 15 -19.30 30.03 -37.88
C SER E 15 -19.04 31.51 -37.61
N SER E 16 -17.81 31.84 -37.20
CA SER E 16 -17.38 33.22 -37.06
C SER E 16 -16.97 33.76 -38.44
N THR E 17 -15.98 33.12 -39.06
CA THR E 17 -15.34 33.62 -40.28
C THR E 17 -15.65 32.86 -41.57
N GLY E 18 -16.65 31.96 -41.54
CA GLY E 18 -17.14 31.34 -42.76
C GLY E 18 -16.74 29.93 -43.08
N THR E 19 -15.75 29.34 -42.39
CA THR E 19 -15.34 27.95 -42.69
C THR E 19 -16.42 26.94 -42.33
N GLY E 20 -17.01 27.10 -41.16
CA GLY E 20 -18.11 26.24 -40.73
C GLY E 20 -19.36 26.41 -41.59
N TYR E 21 -19.67 27.65 -41.95
CA TYR E 21 -20.77 27.93 -42.86
C TYR E 21 -20.59 27.08 -44.11
N ALA E 22 -19.38 27.09 -44.65
CA ALA E 22 -19.04 26.33 -45.85
C ALA E 22 -19.13 24.80 -45.67
N MET E 23 -18.66 24.29 -44.53
CA MET E 23 -18.79 22.86 -44.25
C MET E 23 -20.28 22.49 -44.11
N ALA E 24 -21.00 23.31 -43.35
CA ALA E 24 -22.44 23.11 -43.15
C ALA E 24 -23.24 23.11 -44.47
N GLN E 25 -22.96 24.06 -45.36
CA GLN E 25 -23.60 24.08 -46.68
C GLN E 25 -23.32 22.81 -47.46
N GLU E 26 -22.08 22.32 -47.34
CA GLU E 26 -21.69 21.09 -48.00
C GLU E 26 -22.42 19.89 -47.40
N ALA E 27 -22.58 19.94 -46.08
CA ALA E 27 -23.33 18.90 -45.36
C ALA E 27 -24.79 18.93 -45.81
N ALA E 28 -25.36 20.12 -45.89
CA ALA E 28 -26.76 20.31 -46.33
C ALA E 28 -27.01 19.78 -47.73
N GLU E 29 -26.06 20.00 -48.64
CA GLU E 29 -26.19 19.51 -50.01
C GLU E 29 -26.16 18.00 -50.11
N ALA E 30 -25.28 17.37 -49.33
CA ALA E 30 -25.23 15.91 -49.29
C ALA E 30 -26.56 15.35 -48.76
N GLY E 31 -27.12 16.03 -47.76
CA GLY E 31 -28.44 15.70 -47.24
C GLY E 31 -29.51 15.73 -48.33
N ARG E 32 -29.60 16.85 -49.03
CA ARG E 32 -30.57 17.01 -50.12
C ARG E 32 -30.33 15.98 -51.21
N ALA E 33 -29.06 15.84 -51.58
CA ALA E 33 -28.65 14.83 -52.56
C ALA E 33 -29.14 13.43 -52.18
N ALA E 34 -29.28 13.16 -50.88
CA ALA E 34 -29.72 11.85 -50.39
C ALA E 34 -31.26 11.74 -50.23
N GLY E 35 -31.99 12.79 -50.59
CA GLY E 35 -33.45 12.79 -50.51
C GLY E 35 -34.02 13.14 -49.16
N ALA E 36 -33.18 13.71 -48.28
CA ALA E 36 -33.61 14.09 -46.94
C ALA E 36 -34.23 15.50 -46.96
N GLU E 37 -35.08 15.75 -45.97
CA GLU E 37 -35.57 17.09 -45.69
C GLU E 37 -34.55 17.74 -44.78
N VAL E 38 -33.93 18.83 -45.24
CA VAL E 38 -32.80 19.44 -44.55
C VAL E 38 -33.16 20.78 -43.97
N ARG E 39 -32.83 20.97 -42.69
CA ARG E 39 -32.78 22.31 -42.08
C ARG E 39 -31.33 22.69 -41.80
N LEU E 40 -30.82 23.66 -42.57
CA LEU E 40 -29.52 24.25 -42.31
C LEU E 40 -29.72 25.38 -41.34
N LEU E 41 -29.15 25.25 -40.14
CA LEU E 41 -29.49 26.17 -39.04
C LEU E 41 -28.28 26.78 -38.37
N LYS E 42 -28.25 28.11 -38.28
CA LYS E 42 -27.10 28.79 -37.69
C LYS E 42 -27.32 28.99 -36.19
N VAL E 43 -26.23 28.85 -35.44
CA VAL E 43 -26.25 29.07 -34.01
C VAL E 43 -26.24 30.58 -33.77
N ARG E 44 -27.18 31.04 -32.93
CA ARG E 44 -27.28 32.44 -32.56
C ARG E 44 -25.91 33.03 -32.20
N GLU E 45 -25.58 34.15 -32.82
CA GLU E 45 -24.36 34.90 -32.49
C GLU E 45 -24.55 35.60 -31.13
N THR E 46 -23.55 35.47 -30.25
CA THR E 46 -23.62 36.01 -28.90
C THR E 46 -22.44 36.92 -28.52
N ALA E 47 -21.52 37.14 -29.45
CA ALA E 47 -20.34 37.96 -29.20
C ALA E 47 -20.71 39.43 -29.38
N PRO E 48 -20.17 40.32 -28.53
CA PRO E 48 -20.44 41.77 -28.65
C PRO E 48 -20.14 42.35 -30.04
N GLN E 49 -20.78 43.47 -30.37
CA GLN E 49 -20.54 44.13 -31.67
C GLN E 49 -19.19 44.84 -31.70
N ASP E 50 -18.76 45.39 -30.57
CA ASP E 50 -17.39 45.89 -30.41
C ASP E 50 -16.39 44.80 -30.84
N VAL E 51 -16.59 43.57 -30.36
CA VAL E 51 -15.73 42.45 -30.71
C VAL E 51 -15.90 42.07 -32.17
N ILE E 52 -17.14 42.00 -32.65
CA ILE E 52 -17.40 41.62 -34.04
C ILE E 52 -16.91 42.69 -35.03
N ASP E 53 -16.89 43.94 -34.58
CA ASP E 53 -16.47 45.08 -35.42
C ASP E 53 -15.02 44.98 -35.88
N GLY E 54 -14.20 44.28 -35.10
CA GLY E 54 -12.82 44.00 -35.49
C GLY E 54 -12.75 43.29 -36.84
N GLN E 55 -13.28 42.06 -36.89
CA GLN E 55 -13.05 41.19 -38.04
C GLN E 55 -14.02 41.46 -39.19
N ASP E 56 -13.47 41.89 -40.33
CA ASP E 56 -14.25 42.13 -41.54
C ASP E 56 -14.80 40.81 -42.10
N ALA E 57 -13.95 39.78 -42.09
CA ALA E 57 -14.31 38.43 -42.53
C ALA E 57 -15.46 37.81 -41.70
N TRP E 58 -15.52 38.18 -40.41
CA TRP E 58 -16.61 37.79 -39.52
C TRP E 58 -17.92 38.46 -40.02
N LYS E 59 -17.87 39.78 -40.17
CA LYS E 59 -19.00 40.54 -40.74
C LYS E 59 -19.44 40.01 -42.10
N ALA E 60 -18.48 39.77 -42.98
CA ALA E 60 -18.75 39.16 -44.28
C ALA E 60 -19.48 37.82 -44.15
N ASN E 61 -19.09 37.02 -43.16
CA ASN E 61 -19.75 35.74 -42.91
C ASN E 61 -21.16 35.89 -42.35
N ILE E 62 -21.32 36.77 -41.35
CA ILE E 62 -22.62 37.07 -40.75
C ILE E 62 -23.57 37.65 -41.81
N GLU E 63 -23.07 38.57 -42.62
CA GLU E 63 -23.77 39.07 -43.80
C GLU E 63 -24.20 37.93 -44.71
N ALA E 64 -23.28 36.99 -44.97
CA ALA E 64 -23.53 35.89 -45.89
C ALA E 64 -24.52 34.85 -45.33
N MET E 65 -24.69 34.87 -44.00
CA MET E 65 -25.62 33.97 -43.31
C MET E 65 -26.92 34.67 -42.89
N LYS E 66 -27.14 35.92 -43.35
CA LYS E 66 -28.30 36.71 -42.89
C LYS E 66 -29.64 35.99 -43.08
N ASP E 67 -29.76 35.23 -44.18
CA ASP E 67 -31.00 34.51 -44.49
C ASP E 67 -31.06 33.08 -43.94
N VAL E 68 -29.97 32.58 -43.36
CA VAL E 68 -30.01 31.29 -42.67
C VAL E 68 -30.76 31.49 -41.35
N PRO E 69 -31.79 30.68 -41.09
CA PRO E 69 -32.53 30.79 -39.84
C PRO E 69 -31.75 30.26 -38.64
N GLU E 70 -32.04 30.80 -37.46
CA GLU E 70 -31.42 30.36 -36.23
C GLU E 70 -31.96 29.03 -35.75
N ALA E 71 -31.07 28.18 -35.25
CA ALA E 71 -31.46 26.94 -34.62
C ALA E 71 -32.25 27.19 -33.33
N THR E 72 -33.27 26.37 -33.13
CA THR E 72 -34.12 26.41 -31.93
C THR E 72 -34.25 25.00 -31.38
N PRO E 73 -34.67 24.85 -30.12
CA PRO E 73 -34.91 23.50 -29.61
C PRO E 73 -35.93 22.74 -30.47
N ALA E 74 -36.94 23.46 -30.97
CA ALA E 74 -37.97 22.87 -31.83
C ALA E 74 -37.40 22.10 -33.02
N ASP E 75 -36.29 22.58 -33.58
CA ASP E 75 -35.68 21.95 -34.77
C ASP E 75 -35.08 20.58 -34.45
N LEU E 76 -34.65 20.39 -33.21
CA LEU E 76 -34.08 19.12 -32.78
C LEU E 76 -35.18 18.10 -32.43
N GLU E 77 -36.27 18.55 -31.81
CA GLU E 77 -37.43 17.67 -31.59
C GLU E 77 -37.98 17.19 -32.93
N TRP E 78 -37.99 18.07 -33.92
CA TRP E 78 -38.38 17.75 -35.29
C TRP E 78 -37.44 16.75 -35.96
N ALA E 79 -36.14 16.91 -35.72
CA ALA E 79 -35.12 16.17 -36.48
C ALA E 79 -35.09 14.69 -36.15
N GLU E 80 -34.69 13.88 -37.13
CA GLU E 80 -34.41 12.47 -36.90
C GLU E 80 -32.91 12.20 -36.96
N ALA E 81 -32.19 13.05 -37.69
CA ALA E 81 -30.74 13.03 -37.74
C ALA E 81 -30.22 14.44 -37.46
N ILE E 82 -29.19 14.52 -36.62
CA ILE E 82 -28.63 15.79 -36.19
C ILE E 82 -27.14 15.81 -36.52
N VAL E 83 -26.67 16.95 -37.02
CA VAL E 83 -25.23 17.21 -37.20
C VAL E 83 -24.92 18.51 -36.49
N PHE E 84 -23.91 18.49 -35.63
CA PHE E 84 -23.43 19.69 -34.95
C PHE E 84 -22.07 20.06 -35.53
N SER E 85 -21.87 21.34 -35.84
CA SER E 85 -20.57 21.83 -36.30
C SER E 85 -20.16 23.10 -35.56
N SER E 86 -18.96 23.07 -35.00
CA SER E 86 -18.39 24.22 -34.33
C SER E 86 -16.90 24.32 -34.66
N PRO E 87 -16.40 25.56 -34.82
CA PRO E 87 -14.96 25.73 -34.77
C PRO E 87 -14.52 25.46 -33.34
N THR E 88 -13.26 25.10 -33.17
CA THR E 88 -12.74 24.87 -31.82
C THR E 88 -12.45 26.18 -31.10
N ARG E 89 -12.67 26.17 -29.80
CA ARG E 89 -12.19 27.21 -28.91
C ARG E 89 -11.41 26.48 -27.78
N PHE E 90 -10.08 26.53 -27.83
CA PHE E 90 -9.24 25.84 -26.85
C PHE E 90 -9.61 24.35 -26.67
N GLY E 91 -9.81 23.66 -27.79
CA GLY E 91 -10.11 22.22 -27.79
C GLY E 91 -11.54 21.86 -27.41
N GLY E 92 -12.39 22.87 -27.25
CA GLY E 92 -13.80 22.70 -26.93
C GLY E 92 -14.65 23.44 -27.95
N ALA E 93 -15.96 23.32 -27.82
CA ALA E 93 -16.86 24.01 -28.74
C ALA E 93 -16.93 25.49 -28.35
N THR E 94 -17.43 26.32 -29.27
CA THR E 94 -17.60 27.75 -29.01
C THR E 94 -18.65 27.96 -27.93
N SER E 95 -18.53 29.04 -27.18
CA SER E 95 -19.53 29.45 -26.19
C SER E 95 -20.90 29.70 -26.82
N GLN E 96 -20.89 30.13 -28.09
CA GLN E 96 -22.10 30.26 -28.89
C GLN E 96 -22.80 28.91 -29.07
N MET E 97 -22.05 27.88 -29.46
CA MET E 97 -22.63 26.55 -29.62
C MET E 97 -23.11 25.99 -28.30
N ARG E 98 -22.33 26.19 -27.24
CA ARG E 98 -22.73 25.76 -25.90
C ARG E 98 -23.97 26.51 -25.38
N ALA E 99 -24.17 27.74 -25.84
CA ALA E 99 -25.34 28.52 -25.44
C ALA E 99 -26.58 27.88 -26.02
N PHE E 100 -26.50 27.43 -27.27
CA PHE E 100 -27.62 26.72 -27.90
C PHE E 100 -27.90 25.42 -27.16
N ILE E 101 -26.86 24.62 -26.99
CA ILE E 101 -26.95 23.36 -26.25
C ILE E 101 -27.65 23.54 -24.90
N ASP E 102 -27.30 24.60 -24.18
CA ASP E 102 -27.85 24.86 -22.85
C ASP E 102 -29.37 25.12 -22.87
N THR E 103 -29.92 25.50 -24.02
CA THR E 103 -31.38 25.69 -24.15
C THR E 103 -32.17 24.39 -24.36
N LEU E 104 -31.47 23.26 -24.52
CA LEU E 104 -32.13 21.97 -24.79
C LEU E 104 -32.59 21.23 -23.53
N GLY E 105 -32.52 21.90 -22.38
CA GLY E 105 -32.87 21.30 -21.09
C GLY E 105 -34.32 20.84 -20.96
N GLY E 106 -35.25 21.66 -21.44
CA GLY E 106 -36.67 21.29 -21.48
C GLY E 106 -36.90 19.99 -22.22
N LEU E 107 -36.37 19.90 -23.44
CA LEU E 107 -36.48 18.68 -24.26
C LEU E 107 -35.77 17.50 -23.64
N TRP E 108 -34.58 17.72 -23.10
CA TRP E 108 -33.85 16.64 -22.45
C TRP E 108 -34.66 16.07 -21.26
N SER E 109 -35.23 16.95 -20.45
CA SER E 109 -36.07 16.54 -19.31
C SER E 109 -37.23 15.65 -19.75
N SER E 110 -37.86 16.03 -20.86
CA SER E 110 -38.94 15.26 -21.46
C SER E 110 -38.47 14.00 -22.19
N GLY E 111 -37.16 13.74 -22.21
CA GLY E 111 -36.61 12.62 -22.98
C GLY E 111 -36.91 12.74 -24.46
N LYS E 112 -36.88 13.97 -24.97
CA LYS E 112 -37.36 14.26 -26.32
C LYS E 112 -36.24 14.24 -27.38
N LEU E 113 -34.99 14.01 -26.95
CA LEU E 113 -33.86 13.94 -27.88
C LEU E 113 -33.35 12.53 -28.08
N ALA E 114 -34.00 11.58 -27.41
CA ALA E 114 -33.59 10.18 -27.46
C ALA E 114 -33.75 9.58 -28.84
N ASN E 115 -32.80 8.72 -29.20
CA ASN E 115 -32.84 7.89 -30.42
C ASN E 115 -32.69 8.61 -31.75
N LYS E 116 -32.35 9.90 -31.70
CA LYS E 116 -31.97 10.66 -32.89
C LYS E 116 -30.50 10.38 -33.16
N THR E 117 -30.13 10.22 -34.42
CA THR E 117 -28.71 10.01 -34.75
C THR E 117 -27.99 11.33 -34.63
N PHE E 118 -26.68 11.22 -34.41
CA PHE E 118 -25.88 12.39 -34.13
C PHE E 118 -24.48 12.23 -34.66
N SER E 119 -23.97 13.27 -35.30
CA SER E 119 -22.53 13.34 -35.58
C SER E 119 -22.09 14.78 -35.56
N ALA E 120 -20.77 14.98 -35.67
CA ALA E 120 -20.19 16.29 -35.46
C ALA E 120 -19.05 16.58 -36.44
N MET E 121 -18.81 17.86 -36.66
CA MET E 121 -17.72 18.30 -37.52
C MET E 121 -17.11 19.47 -36.81
N THR E 122 -15.87 19.81 -37.19
CA THR E 122 -15.22 20.95 -36.55
C THR E 122 -14.20 21.64 -37.45
N SER E 123 -13.70 22.77 -36.97
CA SER E 123 -12.54 23.41 -37.58
C SER E 123 -11.61 24.04 -36.55
N ALA E 124 -10.31 24.10 -36.89
CA ALA E 124 -9.31 24.81 -36.08
C ALA E 124 -8.28 25.45 -36.97
N GLN E 125 -7.49 26.37 -36.42
CA GLN E 125 -6.42 27.01 -37.21
C GLN E 125 -5.12 26.19 -37.21
N ASN E 126 -5.03 25.23 -36.29
CA ASN E 126 -3.98 24.20 -36.29
C ASN E 126 -4.56 22.81 -36.56
N VAL E 127 -3.79 21.94 -37.24
CA VAL E 127 -4.26 20.59 -37.58
C VAL E 127 -4.50 19.73 -36.31
N ASN E 128 -3.58 19.84 -35.35
CA ASN E 128 -3.70 19.13 -34.06
C ASN E 128 -4.17 20.01 -32.89
N GLY E 129 -4.85 21.13 -33.20
CA GLY E 129 -5.21 22.12 -32.18
C GLY E 129 -6.62 22.01 -31.61
N GLY E 130 -7.11 20.79 -31.39
CA GLY E 130 -8.47 20.56 -30.89
C GLY E 130 -9.44 20.09 -31.96
N GLN E 131 -8.91 19.59 -33.08
CA GLN E 131 -9.72 19.01 -34.16
C GLN E 131 -10.30 17.61 -33.79
N GLU E 132 -9.78 17.01 -32.72
CA GLU E 132 -10.31 15.74 -32.20
C GLU E 132 -11.12 15.96 -30.93
N THR E 133 -10.56 16.72 -29.98
CA THR E 133 -11.21 16.92 -28.68
C THR E 133 -12.50 17.74 -28.74
N THR E 134 -12.57 18.67 -29.70
CA THR E 134 -13.82 19.45 -29.90
C THR E 134 -14.93 18.48 -30.33
N LEU E 135 -14.63 17.58 -31.26
CA LEU E 135 -15.60 16.56 -31.68
C LEU E 135 -16.01 15.67 -30.50
N GLN E 136 -15.05 15.36 -29.64
CA GLN E 136 -15.29 14.49 -28.50
C GLN E 136 -16.30 15.10 -27.54
N THR E 137 -16.15 16.38 -27.23
CA THR E 137 -17.02 17.02 -26.25
C THR E 137 -18.46 17.12 -26.75
N LEU E 138 -18.62 17.28 -28.08
CA LEU E 138 -19.94 17.27 -28.70
C LEU E 138 -20.57 15.88 -28.61
N TYR E 139 -19.80 14.83 -28.90
CA TYR E 139 -20.32 13.48 -28.80
C TYR E 139 -20.75 13.13 -27.38
N MET E 140 -19.96 13.57 -26.40
CA MET E 140 -20.28 13.29 -24.99
C MET E 140 -21.61 13.97 -24.65
N THR E 141 -21.77 15.21 -25.10
CA THR E 141 -23.03 15.92 -24.95
C THR E 141 -24.21 15.09 -25.50
N ALA E 142 -24.09 14.62 -26.74
CA ALA E 142 -25.13 13.78 -27.38
C ALA E 142 -25.47 12.48 -26.62
N MET E 143 -24.50 11.94 -25.88
CA MET E 143 -24.75 10.72 -25.09
C MET E 143 -25.72 10.97 -23.94
N HIS E 144 -25.77 12.19 -23.42
CA HIS E 144 -26.72 12.57 -22.37
C HIS E 144 -28.15 12.63 -22.89
N TRP E 145 -28.28 12.76 -24.21
CA TRP E 145 -29.59 12.80 -24.88
C TRP E 145 -30.10 11.41 -25.20
N GLY E 146 -29.26 10.40 -25.03
CA GLY E 146 -29.57 9.07 -25.53
C GLY E 146 -29.51 9.04 -27.04
N ALA E 147 -28.73 9.94 -27.64
CA ALA E 147 -28.61 9.95 -29.09
C ALA E 147 -27.88 8.69 -29.56
N VAL E 148 -28.08 8.33 -30.82
CA VAL E 148 -27.37 7.23 -31.46
C VAL E 148 -26.27 7.85 -32.31
N LEU E 149 -25.01 7.60 -31.94
CA LEU E 149 -23.89 8.31 -32.53
C LEU E 149 -23.39 7.60 -33.78
N THR E 150 -23.28 8.35 -34.88
CA THR E 150 -22.92 7.74 -36.16
C THR E 150 -21.68 8.42 -36.74
N PRO E 151 -20.52 8.29 -36.06
CA PRO E 151 -19.27 8.88 -36.59
C PRO E 151 -18.82 8.17 -37.87
N PRO E 152 -18.09 8.88 -38.75
CA PRO E 152 -17.69 8.28 -40.02
C PRO E 152 -16.75 7.09 -39.88
N GLY E 153 -15.93 7.08 -38.83
CA GLY E 153 -14.86 6.10 -38.73
C GLY E 153 -13.98 6.22 -39.95
N TYR E 154 -13.44 5.11 -40.43
CA TYR E 154 -12.68 5.10 -41.66
C TYR E 154 -13.46 4.34 -42.74
N THR E 155 -14.77 4.59 -42.82
CA THR E 155 -15.65 3.76 -43.67
C THR E 155 -15.63 4.13 -45.16
N ASP E 156 -14.94 5.21 -45.51
CA ASP E 156 -14.61 5.50 -46.91
C ASP E 156 -13.15 5.96 -46.97
N GLU E 157 -12.46 5.59 -48.06
CA GLU E 157 -11.05 5.93 -48.27
C GLU E 157 -10.84 7.44 -48.21
N VAL E 158 -11.89 8.19 -48.53
CA VAL E 158 -11.82 9.63 -48.53
C VAL E 158 -11.66 10.23 -47.12
N ILE E 159 -11.98 9.47 -46.08
CA ILE E 159 -11.65 9.85 -44.70
C ILE E 159 -10.11 9.91 -44.55
N PHE E 160 -9.45 8.84 -45.01
CA PHE E 160 -7.98 8.78 -45.02
C PHE E 160 -7.41 9.98 -45.78
N LYS E 161 -7.96 10.24 -46.96
CA LYS E 161 -7.49 11.34 -47.81
C LYS E 161 -7.63 12.73 -47.17
N SER E 162 -8.58 12.90 -46.25
CA SER E 162 -8.85 14.20 -45.61
C SER E 162 -8.12 14.40 -44.26
N GLY E 163 -7.15 13.54 -43.94
CA GLY E 163 -6.42 13.63 -42.66
C GLY E 163 -6.74 12.51 -41.66
N GLY E 164 -7.73 11.69 -42.01
CA GLY E 164 -8.05 10.49 -41.25
C GLY E 164 -8.59 10.77 -39.86
N ASN E 165 -9.63 11.60 -39.78
CA ASN E 165 -10.37 11.82 -38.53
C ASN E 165 -11.63 10.93 -38.49
N PRO E 166 -11.58 9.82 -37.72
CA PRO E 166 -12.73 8.92 -37.62
C PRO E 166 -13.87 9.49 -36.80
N TYR E 167 -13.57 10.47 -35.95
CA TYR E 167 -14.56 11.05 -35.07
C TYR E 167 -15.56 11.91 -35.82
N GLY E 168 -15.12 12.51 -36.94
CA GLY E 168 -15.92 13.44 -37.72
C GLY E 168 -15.07 14.36 -38.58
N ALA E 169 -15.70 15.02 -39.54
CA ALA E 169 -14.98 15.94 -40.44
C ALA E 169 -14.30 17.07 -39.67
N SER E 170 -13.04 17.32 -39.97
CA SER E 170 -12.30 18.42 -39.34
C SER E 170 -11.45 19.12 -40.39
N VAL E 171 -11.60 20.43 -40.44
CA VAL E 171 -10.97 21.23 -41.47
C VAL E 171 -10.02 22.23 -40.83
N THR E 172 -8.82 22.34 -41.41
CA THR E 172 -7.88 23.35 -40.99
C THR E 172 -8.26 24.65 -41.67
N ALA E 173 -8.71 25.59 -40.85
CA ALA E 173 -9.13 26.92 -41.28
C ALA E 173 -7.93 27.83 -41.61
N ASN E 174 -7.80 28.16 -42.91
CA ASN E 174 -6.72 29.00 -43.44
C ASN E 174 -7.21 30.14 -44.36
N GLY E 175 -8.52 30.43 -44.31
CA GLY E 175 -9.12 31.48 -45.13
C GLY E 175 -9.37 31.16 -46.60
N GLN E 176 -8.90 30.00 -47.07
CA GLN E 176 -9.07 29.59 -48.47
C GLN E 176 -10.28 28.66 -48.59
N PRO E 177 -10.74 28.39 -49.83
CA PRO E 177 -11.86 27.46 -50.02
C PRO E 177 -11.60 26.03 -49.54
N LEU E 178 -12.69 25.32 -49.24
CA LEU E 178 -12.61 23.94 -48.76
C LEU E 178 -11.92 23.08 -49.79
N LEU E 179 -11.05 22.18 -49.33
CA LEU E 179 -10.40 21.23 -50.21
C LEU E 179 -11.43 20.19 -50.63
N GLU E 180 -11.32 19.70 -51.85
CA GLU E 180 -12.19 18.64 -52.34
C GLU E 180 -12.23 17.44 -51.38
N ASN E 181 -11.08 17.09 -50.81
CA ASN E 181 -11.00 15.98 -49.84
C ASN E 181 -11.82 16.20 -48.57
N ASP E 182 -11.83 17.43 -48.09
CA ASP E 182 -12.66 17.79 -46.95
C ASP E 182 -14.13 17.78 -47.35
N ARG E 183 -14.46 18.36 -48.50
CA ARG E 183 -15.82 18.33 -49.02
C ARG E 183 -16.32 16.89 -49.12
N ALA E 184 -15.47 16.05 -49.70
CA ALA E 184 -15.79 14.64 -49.89
C ALA E 184 -16.08 13.90 -48.58
N SER E 185 -15.26 14.16 -47.56
CA SER E 185 -15.40 13.47 -46.28
C SER E 185 -16.65 13.94 -45.52
N ILE E 186 -16.99 15.22 -45.67
CA ILE E 186 -18.24 15.77 -45.15
C ILE E 186 -19.43 15.06 -45.80
N ARG E 187 -19.33 14.83 -47.11
CA ARG E 187 -20.42 14.21 -47.87
C ARG E 187 -20.63 12.78 -47.42
N HIS E 188 -19.55 12.01 -47.32
CA HIS E 188 -19.63 10.63 -46.87
C HIS E 188 -20.24 10.52 -45.47
N GLN E 189 -19.80 11.39 -44.57
CA GLN E 189 -20.32 11.42 -43.19
C GLN E 189 -21.84 11.60 -43.13
N VAL E 190 -22.33 12.53 -43.93
CA VAL E 190 -23.73 12.89 -43.93
C VAL E 190 -24.52 11.80 -44.66
N ARG E 191 -24.08 11.41 -45.85
CA ARG E 191 -24.66 10.29 -46.58
C ARG E 191 -24.79 9.04 -45.71
N ARG E 192 -23.67 8.66 -45.08
CA ARG E 192 -23.65 7.54 -44.15
C ARG E 192 -24.69 7.63 -43.03
N GLN E 193 -24.75 8.78 -42.38
CA GLN E 193 -25.66 9.00 -41.25
C GLN E 193 -27.13 8.96 -41.69
N VAL E 194 -27.44 9.61 -42.82
CA VAL E 194 -28.82 9.61 -43.35
C VAL E 194 -29.26 8.18 -43.64
N GLU E 195 -28.35 7.39 -44.24
CA GLU E 195 -28.63 5.98 -44.53
C GLU E 195 -28.88 5.14 -43.26
N LEU E 196 -28.06 5.33 -42.24
CA LEU E 196 -28.27 4.66 -40.95
C LEU E 196 -29.59 5.09 -40.29
N THR E 197 -29.87 6.40 -40.28
CA THR E 197 -31.13 6.91 -39.75
C THR E 197 -32.32 6.28 -40.46
N ALA E 198 -32.23 6.15 -41.78
CA ALA E 198 -33.30 5.57 -42.58
C ALA E 198 -33.51 4.10 -42.24
N LYS E 199 -32.41 3.34 -42.09
CA LYS E 199 -32.50 1.95 -41.67
C LYS E 199 -33.17 1.85 -40.29
N LEU E 200 -32.76 2.70 -39.35
CA LEU E 200 -33.37 2.72 -38.01
C LEU E 200 -34.88 3.02 -38.05
N LEU E 201 -35.26 4.02 -38.85
CA LEU E 201 -36.68 4.38 -39.02
C LEU E 201 -37.47 3.26 -39.69
N GLU E 202 -36.88 2.66 -40.72
CA GLU E 202 -37.49 1.52 -41.44
C GLU E 202 -37.73 0.35 -40.52
N GLY E 203 -36.67 -0.10 -39.84
CA GLY E 203 -36.77 -1.19 -38.88
C GLY E 203 -37.66 -0.86 -37.69
N GLY E 204 -37.74 0.42 -37.34
CA GLY E 204 -38.66 0.90 -36.30
C GLY E 204 -40.13 0.63 -36.62
N SER E 205 -40.42 0.34 -37.89
CA SER E 205 -41.75 -0.09 -38.31
C SER E 205 -42.00 -1.56 -37.94
N ALA F 5 -33.46 -14.73 -37.71
CA ALA F 5 -32.16 -14.72 -36.96
C ALA F 5 -32.17 -13.63 -35.87
N PRO F 6 -32.18 -14.03 -34.60
CA PRO F 6 -32.09 -13.01 -33.55
C PRO F 6 -30.79 -12.20 -33.62
N VAL F 7 -30.78 -11.03 -33.00
CA VAL F 7 -29.57 -10.21 -32.91
C VAL F 7 -28.42 -11.00 -32.26
N LYS F 8 -27.26 -10.96 -32.90
CA LYS F 8 -26.05 -11.56 -32.33
C LYS F 8 -25.39 -10.56 -31.36
N LEU F 9 -25.42 -10.88 -30.08
CA LEU F 9 -24.86 -10.03 -29.04
C LEU F 9 -23.61 -10.65 -28.43
N ALA F 10 -22.48 -9.95 -28.55
CA ALA F 10 -21.24 -10.32 -27.85
C ALA F 10 -21.00 -9.42 -26.63
N ILE F 11 -20.89 -10.04 -25.46
CA ILE F 11 -20.56 -9.33 -24.23
C ILE F 11 -19.11 -9.67 -23.88
N VAL F 12 -18.21 -8.71 -24.11
CA VAL F 12 -16.79 -8.89 -23.82
C VAL F 12 -16.45 -8.11 -22.55
N PHE F 13 -16.03 -8.81 -21.51
CA PHE F 13 -15.76 -8.17 -20.23
C PHE F 13 -14.40 -8.60 -19.67
N TYR F 14 -13.69 -7.67 -19.03
CA TYR F 14 -12.57 -8.04 -18.16
C TYR F 14 -13.00 -7.88 -16.69
N SER F 15 -12.67 -8.85 -15.85
CA SER F 15 -12.93 -8.74 -14.41
C SER F 15 -11.80 -9.39 -13.60
N SER F 16 -11.26 -8.65 -12.63
CA SER F 16 -10.28 -9.17 -11.67
C SER F 16 -11.02 -9.76 -10.47
N THR F 17 -11.75 -8.91 -9.77
CA THR F 17 -12.32 -9.28 -8.47
C THR F 17 -13.85 -9.51 -8.54
N GLY F 18 -14.37 -9.74 -9.75
CA GLY F 18 -15.71 -10.30 -9.92
C GLY F 18 -16.89 -9.37 -10.10
N THR F 19 -16.69 -8.07 -9.90
CA THR F 19 -17.77 -7.10 -10.09
C THR F 19 -18.17 -7.02 -11.55
N GLY F 20 -17.16 -6.90 -12.42
CA GLY F 20 -17.38 -6.91 -13.86
C GLY F 20 -18.05 -8.18 -14.33
N TYR F 21 -17.66 -9.31 -13.75
CA TYR F 21 -18.23 -10.61 -14.15
C TYR F 21 -19.74 -10.65 -13.82
N ALA F 22 -20.10 -10.16 -12.64
CA ALA F 22 -21.49 -10.04 -12.22
C ALA F 22 -22.27 -9.13 -13.18
N MET F 23 -21.70 -7.97 -13.49
CA MET F 23 -22.33 -7.03 -14.43
C MET F 23 -22.53 -7.68 -15.79
N ALA F 24 -21.52 -8.38 -16.27
CA ALA F 24 -21.57 -9.03 -17.58
C ALA F 24 -22.57 -10.19 -17.64
N GLN F 25 -22.71 -10.95 -16.55
CA GLN F 25 -23.75 -12.01 -16.50
C GLN F 25 -25.16 -11.42 -16.52
N GLU F 26 -25.36 -10.32 -15.79
CA GLU F 26 -26.61 -9.57 -15.85
C GLU F 26 -26.90 -9.15 -17.30
N ALA F 27 -25.91 -8.53 -17.94
CA ALA F 27 -26.03 -8.08 -19.32
C ALA F 27 -26.47 -9.21 -20.23
N ALA F 28 -25.83 -10.36 -20.09
CA ALA F 28 -26.15 -11.53 -20.93
C ALA F 28 -27.59 -11.99 -20.75
N GLU F 29 -28.07 -12.03 -19.50
CA GLU F 29 -29.43 -12.48 -19.23
C GLU F 29 -30.46 -11.46 -19.79
N ALA F 30 -30.15 -10.17 -19.68
CA ALA F 30 -30.99 -9.13 -20.29
C ALA F 30 -31.06 -9.29 -21.80
N GLY F 31 -29.94 -9.69 -22.40
CA GLY F 31 -29.86 -9.90 -23.85
C GLY F 31 -30.68 -11.10 -24.30
N ARG F 32 -30.53 -12.22 -23.59
CA ARG F 32 -31.33 -13.40 -23.87
C ARG F 32 -32.81 -13.07 -23.69
N ALA F 33 -33.14 -12.42 -22.58
CA ALA F 33 -34.51 -11.99 -22.30
C ALA F 33 -35.07 -11.02 -23.35
N ALA F 34 -34.20 -10.23 -23.98
CA ALA F 34 -34.59 -9.31 -25.04
C ALA F 34 -34.65 -10.00 -26.41
N GLY F 35 -34.27 -11.28 -26.46
CA GLY F 35 -34.42 -12.09 -27.66
C GLY F 35 -33.15 -12.32 -28.46
N ALA F 36 -32.03 -11.78 -27.99
CA ALA F 36 -30.78 -11.87 -28.72
C ALA F 36 -30.14 -13.25 -28.52
N GLU F 37 -29.38 -13.69 -29.52
CA GLU F 37 -28.43 -14.80 -29.33
C GLU F 37 -27.15 -14.24 -28.69
N VAL F 38 -26.77 -14.78 -27.53
CA VAL F 38 -25.79 -14.12 -26.66
C VAL F 38 -24.53 -14.97 -26.46
N ARG F 39 -23.38 -14.32 -26.58
CA ARG F 39 -22.10 -14.91 -26.20
C ARG F 39 -21.52 -14.07 -25.06
N LEU F 40 -21.24 -14.73 -23.94
CA LEU F 40 -20.60 -14.12 -22.79
C LEU F 40 -19.13 -14.54 -22.82
N LEU F 41 -18.25 -13.56 -23.04
CA LEU F 41 -16.83 -13.80 -23.32
C LEU F 41 -15.90 -13.00 -22.41
N LYS F 42 -14.98 -13.69 -21.77
CA LYS F 42 -14.02 -13.03 -20.87
C LYS F 42 -12.77 -12.62 -21.62
N VAL F 43 -12.17 -11.53 -21.18
CA VAL F 43 -10.89 -11.09 -21.69
C VAL F 43 -9.80 -11.93 -20.99
N ARG F 44 -8.87 -12.47 -21.77
CA ARG F 44 -7.74 -13.24 -21.25
C ARG F 44 -6.99 -12.46 -20.15
N GLU F 45 -6.70 -13.14 -19.05
CA GLU F 45 -5.96 -12.57 -17.95
C GLU F 45 -4.48 -12.62 -18.32
N THR F 46 -3.78 -11.53 -18.05
CA THR F 46 -2.35 -11.41 -18.36
C THR F 46 -1.49 -11.30 -17.09
N ALA F 47 -2.12 -11.12 -15.92
CA ALA F 47 -1.36 -10.84 -14.69
C ALA F 47 -0.56 -12.05 -14.23
N PRO F 48 0.65 -11.80 -13.69
CA PRO F 48 1.47 -12.94 -13.18
C PRO F 48 0.76 -13.65 -12.04
N GLN F 49 0.99 -14.95 -11.86
CA GLN F 49 0.28 -15.68 -10.82
C GLN F 49 0.51 -15.07 -9.43
N ASP F 50 1.72 -14.55 -9.18
CA ASP F 50 2.07 -13.97 -7.89
C ASP F 50 1.26 -12.72 -7.55
N VAL F 51 0.93 -11.95 -8.58
CA VAL F 51 0.12 -10.75 -8.45
C VAL F 51 -1.33 -11.16 -8.09
N ILE F 52 -1.88 -12.09 -8.87
CA ILE F 52 -3.21 -12.65 -8.62
C ILE F 52 -3.27 -13.26 -7.21
N ASP F 53 -2.21 -13.99 -6.86
CA ASP F 53 -2.08 -14.64 -5.54
C ASP F 53 -2.16 -13.66 -4.36
N GLY F 54 -1.99 -12.37 -4.61
CA GLY F 54 -2.07 -11.35 -3.56
C GLY F 54 -3.48 -11.00 -3.06
N GLN F 55 -4.51 -11.38 -3.82
CA GLN F 55 -5.90 -10.97 -3.52
C GLN F 55 -6.86 -12.12 -3.64
N ASP F 56 -7.58 -12.42 -2.55
CA ASP F 56 -8.47 -13.56 -2.57
C ASP F 56 -9.61 -13.40 -3.55
N ALA F 57 -10.23 -12.22 -3.60
CA ALA F 57 -11.28 -11.94 -4.58
C ALA F 57 -10.82 -12.21 -6.01
N TRP F 58 -9.56 -11.93 -6.31
CA TRP F 58 -9.02 -12.16 -7.64
C TRP F 58 -8.93 -13.65 -7.96
N LYS F 59 -8.23 -14.38 -7.10
CA LYS F 59 -8.06 -15.83 -7.24
C LYS F 59 -9.41 -16.55 -7.33
N ALA F 60 -10.31 -16.18 -6.44
CA ALA F 60 -11.67 -16.72 -6.43
C ALA F 60 -12.41 -16.44 -7.74
N ASN F 61 -12.28 -15.22 -8.27
CA ASN F 61 -13.07 -14.85 -9.45
C ASN F 61 -12.56 -15.58 -10.69
N ILE F 62 -11.26 -15.77 -10.79
CA ILE F 62 -10.69 -16.52 -11.90
C ILE F 62 -11.19 -17.96 -11.92
N GLU F 63 -11.38 -18.53 -10.73
CA GLU F 63 -11.94 -19.88 -10.58
C GLU F 63 -13.42 -19.88 -11.01
N ALA F 64 -14.17 -18.89 -10.51
CA ALA F 64 -15.59 -18.71 -10.88
C ALA F 64 -15.80 -18.60 -12.38
N MET F 65 -14.88 -17.91 -13.07
CA MET F 65 -14.99 -17.68 -14.50
C MET F 65 -14.35 -18.74 -15.36
N LYS F 66 -13.82 -19.82 -14.77
CA LYS F 66 -12.96 -20.75 -15.52
C LYS F 66 -13.58 -21.39 -16.77
N ASP F 67 -14.88 -21.65 -16.77
CA ASP F 67 -15.54 -22.23 -17.95
C ASP F 67 -16.17 -21.18 -18.89
N VAL F 68 -16.03 -19.90 -18.55
CA VAL F 68 -16.42 -18.80 -19.43
C VAL F 68 -15.35 -18.74 -20.53
N PRO F 69 -15.76 -18.90 -21.80
CA PRO F 69 -14.77 -18.90 -22.87
C PRO F 69 -14.11 -17.54 -23.07
N GLU F 70 -12.89 -17.53 -23.61
CA GLU F 70 -12.15 -16.30 -23.82
C GLU F 70 -12.54 -15.61 -25.12
N ALA F 71 -12.67 -14.29 -25.07
CA ALA F 71 -13.06 -13.50 -26.25
C ALA F 71 -11.98 -13.54 -27.33
N THR F 72 -12.41 -13.62 -28.59
CA THR F 72 -11.51 -13.58 -29.76
C THR F 72 -11.99 -12.59 -30.81
N PRO F 73 -11.12 -12.20 -31.75
CA PRO F 73 -11.57 -11.30 -32.81
C PRO F 73 -12.74 -11.87 -33.60
N ALA F 74 -12.69 -13.16 -33.93
CA ALA F 74 -13.81 -13.87 -34.57
C ALA F 74 -15.18 -13.61 -33.92
N ASP F 75 -15.22 -13.47 -32.59
CA ASP F 75 -16.48 -13.21 -31.90
C ASP F 75 -17.09 -11.84 -32.24
N LEU F 76 -16.23 -10.87 -32.52
CA LEU F 76 -16.69 -9.54 -32.91
C LEU F 76 -17.12 -9.51 -34.36
N GLU F 77 -16.49 -10.34 -35.17
CA GLU F 77 -16.88 -10.51 -36.56
C GLU F 77 -18.30 -11.06 -36.62
N TRP F 78 -18.57 -12.09 -35.82
CA TRP F 78 -19.90 -12.67 -35.63
C TRP F 78 -20.95 -11.66 -35.16
N ALA F 79 -20.55 -10.82 -34.21
CA ALA F 79 -21.49 -9.99 -33.46
C ALA F 79 -22.09 -8.91 -34.32
N GLU F 80 -23.29 -8.50 -33.94
CA GLU F 80 -23.95 -7.36 -34.54
C GLU F 80 -24.07 -6.24 -33.52
N ALA F 81 -24.22 -6.64 -32.24
CA ALA F 81 -24.20 -5.73 -31.09
C ALA F 81 -23.08 -6.14 -30.14
N ILE F 82 -22.28 -5.16 -29.74
CA ILE F 82 -21.11 -5.38 -28.89
C ILE F 82 -21.23 -4.57 -27.62
N VAL F 83 -20.93 -5.22 -26.51
CA VAL F 83 -20.80 -4.58 -25.22
C VAL F 83 -19.43 -4.94 -24.61
N PHE F 84 -18.66 -3.91 -24.28
CA PHE F 84 -17.38 -4.03 -23.57
C PHE F 84 -17.55 -3.57 -22.12
N SER F 85 -16.98 -4.31 -21.20
CA SER F 85 -16.97 -3.96 -19.78
C SER F 85 -15.55 -4.13 -19.26
N SER F 86 -15.07 -3.08 -18.59
CA SER F 86 -13.75 -3.10 -17.97
C SER F 86 -13.81 -2.39 -16.65
N PRO F 87 -13.05 -2.88 -15.65
CA PRO F 87 -12.84 -2.04 -14.49
C PRO F 87 -12.00 -0.82 -14.89
N THR F 88 -12.09 0.24 -14.12
CA THR F 88 -11.30 1.42 -14.41
C THR F 88 -9.89 1.22 -13.84
N ARG F 89 -8.89 1.71 -14.56
CA ARG F 89 -7.52 1.79 -14.09
C ARG F 89 -6.99 3.16 -14.46
N PHE F 90 -6.84 4.02 -13.47
CA PHE F 90 -6.39 5.41 -13.66
C PHE F 90 -7.17 6.15 -14.77
N GLY F 91 -8.48 5.96 -14.79
CA GLY F 91 -9.35 6.63 -15.75
C GLY F 91 -9.32 6.04 -17.14
N GLY F 92 -8.61 4.93 -17.34
CA GLY F 92 -8.67 4.21 -18.62
C GLY F 92 -9.19 2.81 -18.40
N ALA F 93 -9.25 2.02 -19.47
CA ALA F 93 -9.55 0.58 -19.33
C ALA F 93 -8.32 -0.18 -18.81
N THR F 94 -8.53 -1.41 -18.38
CA THR F 94 -7.42 -2.30 -18.01
C THR F 94 -6.53 -2.61 -19.19
N SER F 95 -5.25 -2.79 -18.93
CA SER F 95 -4.33 -3.28 -19.94
C SER F 95 -4.84 -4.60 -20.55
N GLN F 96 -5.47 -5.44 -19.73
CA GLN F 96 -6.06 -6.69 -20.21
C GLN F 96 -7.05 -6.41 -21.34
N MET F 97 -7.95 -5.45 -21.14
CA MET F 97 -8.91 -5.07 -22.16
C MET F 97 -8.23 -4.43 -23.36
N ARG F 98 -7.28 -3.52 -23.12
CA ARG F 98 -6.59 -2.86 -24.21
C ARG F 98 -5.83 -3.90 -25.04
N ALA F 99 -5.31 -4.93 -24.39
CA ALA F 99 -4.60 -5.98 -25.11
C ALA F 99 -5.54 -6.76 -26.03
N PHE F 100 -6.78 -7.00 -25.60
CA PHE F 100 -7.78 -7.59 -26.49
C PHE F 100 -8.01 -6.66 -27.70
N ILE F 101 -8.32 -5.41 -27.40
CA ILE F 101 -8.56 -4.41 -28.42
C ILE F 101 -7.46 -4.34 -29.47
N ASP F 102 -6.19 -4.44 -29.04
CA ASP F 102 -5.03 -4.40 -29.95
C ASP F 102 -4.96 -5.60 -30.91
N THR F 103 -5.59 -6.72 -30.57
CA THR F 103 -5.69 -7.87 -31.49
C THR F 103 -6.69 -7.68 -32.65
N LEU F 104 -7.44 -6.57 -32.65
CA LEU F 104 -8.49 -6.32 -33.64
C LEU F 104 -8.06 -5.43 -34.79
N GLY F 105 -6.76 -5.24 -34.97
CA GLY F 105 -6.24 -4.49 -36.10
C GLY F 105 -6.54 -5.21 -37.41
N GLY F 106 -6.44 -6.54 -37.39
CA GLY F 106 -6.85 -7.37 -38.53
C GLY F 106 -8.25 -7.07 -39.05
N LEU F 107 -9.23 -7.25 -38.17
CA LEU F 107 -10.64 -6.95 -38.48
C LEU F 107 -10.82 -5.51 -38.94
N TRP F 108 -10.20 -4.59 -38.22
CA TRP F 108 -10.27 -3.17 -38.54
C TRP F 108 -9.77 -2.85 -39.94
N SER F 109 -8.59 -3.37 -40.29
CA SER F 109 -8.02 -3.17 -41.62
C SER F 109 -8.98 -3.60 -42.73
N SER F 110 -9.72 -4.68 -42.48
CA SER F 110 -10.65 -5.26 -43.45
C SER F 110 -12.02 -4.58 -43.49
N GLY F 111 -12.22 -3.53 -42.70
CA GLY F 111 -13.52 -2.85 -42.62
C GLY F 111 -14.59 -3.68 -41.93
N LYS F 112 -14.16 -4.79 -41.32
CA LYS F 112 -15.07 -5.84 -40.86
C LYS F 112 -15.59 -5.63 -39.42
N LEU F 113 -15.38 -4.43 -38.86
CA LEU F 113 -15.98 -4.05 -37.58
C LEU F 113 -17.02 -2.96 -37.74
N ALA F 114 -17.12 -2.41 -38.95
CA ALA F 114 -18.00 -1.26 -39.18
C ALA F 114 -19.46 -1.64 -39.02
N ASN F 115 -20.25 -0.69 -38.52
CA ASN F 115 -21.71 -0.76 -38.49
C ASN F 115 -22.34 -1.65 -37.41
N LYS F 116 -21.51 -2.28 -36.57
CA LYS F 116 -22.00 -3.01 -35.42
C LYS F 116 -22.31 -2.00 -34.32
N THR F 117 -23.30 -2.28 -33.47
CA THR F 117 -23.62 -1.34 -32.40
C THR F 117 -22.66 -1.58 -31.23
N PHE F 118 -22.44 -0.53 -30.44
CA PHE F 118 -21.47 -0.58 -29.35
C PHE F 118 -21.92 0.21 -28.15
N SER F 119 -21.85 -0.41 -26.97
CA SER F 119 -21.95 0.31 -25.69
C SER F 119 -20.94 -0.25 -24.69
N ALA F 120 -20.76 0.47 -23.59
CA ALA F 120 -19.74 0.10 -22.62
C ALA F 120 -20.26 0.23 -21.21
N MET F 121 -19.62 -0.51 -20.32
CA MET F 121 -19.89 -0.49 -18.88
C MET F 121 -18.55 -0.51 -18.16
N THR F 122 -18.54 -0.08 -16.90
CA THR F 122 -17.32 -0.09 -16.10
C THR F 122 -17.57 -0.42 -14.61
N SER F 123 -16.52 -0.88 -13.94
CA SER F 123 -16.49 -1.20 -12.49
C SER F 123 -15.35 -0.38 -11.82
N ALA F 124 -15.49 -0.05 -10.53
CA ALA F 124 -14.56 0.94 -9.91
C ALA F 124 -14.75 1.18 -8.40
N GLN F 125 -13.65 1.18 -7.64
CA GLN F 125 -13.73 1.32 -6.16
C GLN F 125 -14.13 2.74 -5.69
N ASN F 126 -13.99 3.73 -6.57
CA ASN F 126 -14.44 5.07 -6.27
C ASN F 126 -15.59 5.52 -7.21
N VAL F 127 -16.43 6.40 -6.69
CA VAL F 127 -17.65 6.84 -7.40
C VAL F 127 -17.28 7.84 -8.50
N ASN F 128 -16.46 8.84 -8.13
CA ASN F 128 -16.00 9.87 -9.05
C ASN F 128 -14.56 9.63 -9.57
N GLY F 129 -14.10 8.37 -9.53
CA GLY F 129 -12.69 8.05 -9.74
C GLY F 129 -12.33 7.44 -11.09
N GLY F 130 -12.84 8.03 -12.16
CA GLY F 130 -12.39 7.70 -13.50
C GLY F 130 -13.30 6.76 -14.26
N GLN F 131 -14.45 6.44 -13.68
CA GLN F 131 -15.45 5.65 -14.37
C GLN F 131 -15.88 6.31 -15.69
N GLU F 132 -16.37 7.56 -15.62
CA GLU F 132 -16.82 8.26 -16.84
C GLU F 132 -15.74 8.29 -17.91
N THR F 133 -14.49 8.59 -17.52
CA THR F 133 -13.40 8.66 -18.49
C THR F 133 -13.07 7.27 -19.07
N THR F 134 -13.24 6.22 -18.27
CA THR F 134 -13.03 4.86 -18.76
C THR F 134 -14.01 4.50 -19.88
N LEU F 135 -15.28 4.82 -19.66
CA LEU F 135 -16.31 4.61 -20.67
C LEU F 135 -15.96 5.45 -21.89
N GLN F 136 -15.67 6.73 -21.67
CA GLN F 136 -15.30 7.63 -22.77
C GLN F 136 -14.24 7.04 -23.68
N THR F 137 -13.17 6.52 -23.08
CA THR F 137 -12.06 5.96 -23.85
C THR F 137 -12.50 4.77 -24.69
N LEU F 138 -13.43 3.98 -24.15
CA LEU F 138 -13.94 2.80 -24.86
C LEU F 138 -14.79 3.19 -26.08
N TYR F 139 -15.62 4.20 -25.92
CA TYR F 139 -16.40 4.73 -27.05
C TYR F 139 -15.50 5.35 -28.10
N MET F 140 -14.42 6.04 -27.71
CA MET F 140 -13.49 6.61 -28.71
C MET F 140 -12.92 5.53 -29.61
N THR F 141 -12.47 4.45 -29.00
CA THR F 141 -11.96 3.28 -29.72
C THR F 141 -13.01 2.78 -30.72
N ALA F 142 -14.25 2.69 -30.27
CA ALA F 142 -15.34 2.18 -31.11
C ALA F 142 -15.58 3.08 -32.32
N MET F 143 -15.36 4.39 -32.18
CA MET F 143 -15.49 5.34 -33.29
C MET F 143 -14.52 5.08 -34.44
N HIS F 144 -13.31 4.60 -34.11
CA HIS F 144 -12.33 4.23 -35.12
C HIS F 144 -12.81 3.08 -35.96
N TRP F 145 -13.71 2.26 -35.40
CA TRP F 145 -14.29 1.14 -36.12
C TRP F 145 -15.48 1.54 -36.97
N GLY F 146 -15.95 2.79 -36.87
CA GLY F 146 -17.23 3.17 -37.49
C GLY F 146 -18.37 2.36 -36.90
N ALA F 147 -18.33 2.16 -35.59
CA ALA F 147 -19.44 1.55 -34.89
C ALA F 147 -20.52 2.59 -34.66
N VAL F 148 -21.72 2.07 -34.39
CA VAL F 148 -22.89 2.88 -34.07
C VAL F 148 -23.00 2.83 -32.57
N LEU F 149 -22.83 3.97 -31.90
CA LEU F 149 -22.73 3.96 -30.44
C LEU F 149 -24.10 4.18 -29.82
N THR F 150 -24.47 3.26 -28.93
CA THR F 150 -25.80 3.25 -28.34
C THR F 150 -25.70 3.32 -26.82
N PRO F 151 -25.18 4.44 -26.29
CA PRO F 151 -25.15 4.56 -24.85
C PRO F 151 -26.58 4.70 -24.30
N PRO F 152 -26.77 4.40 -23.02
CA PRO F 152 -28.12 4.45 -22.43
C PRO F 152 -28.70 5.87 -22.31
N GLY F 153 -27.86 6.87 -22.11
CA GLY F 153 -28.35 8.20 -21.78
C GLY F 153 -29.22 8.10 -20.53
N TYR F 154 -30.21 8.97 -20.42
CA TYR F 154 -31.18 8.88 -19.32
C TYR F 154 -32.52 8.34 -19.83
N THR F 155 -32.46 7.41 -20.78
CA THR F 155 -33.64 6.90 -21.48
C THR F 155 -34.56 6.00 -20.61
N ASP F 156 -34.25 5.92 -19.31
CA ASP F 156 -35.13 5.32 -18.32
C ASP F 156 -34.87 5.98 -16.96
N GLU F 157 -35.90 6.02 -16.11
CA GLU F 157 -35.80 6.58 -14.76
C GLU F 157 -34.76 5.82 -13.91
N VAL F 158 -34.52 4.55 -14.24
CA VAL F 158 -33.55 3.73 -13.51
C VAL F 158 -32.12 4.30 -13.56
N ILE F 159 -31.76 4.92 -14.69
CA ILE F 159 -30.43 5.50 -14.85
C ILE F 159 -30.21 6.58 -13.77
N PHE F 160 -31.20 7.48 -13.61
CA PHE F 160 -31.17 8.51 -12.56
C PHE F 160 -30.84 7.92 -11.18
N LYS F 161 -31.47 6.80 -10.83
CA LYS F 161 -31.33 6.21 -9.49
C LYS F 161 -29.92 5.68 -9.21
N SER F 162 -29.32 5.02 -10.20
CA SER F 162 -28.04 4.31 -10.05
C SER F 162 -26.79 5.22 -10.00
N GLY F 163 -27.01 6.54 -9.91
CA GLY F 163 -25.93 7.53 -9.96
C GLY F 163 -26.08 8.43 -11.18
N GLY F 164 -26.92 8.03 -12.13
CA GLY F 164 -27.18 8.83 -13.33
C GLY F 164 -25.99 8.91 -14.25
N ASN F 165 -25.56 7.76 -14.79
CA ASN F 165 -24.48 7.72 -15.77
C ASN F 165 -25.01 7.43 -17.18
N PRO F 166 -25.12 8.50 -18.01
CA PRO F 166 -25.68 8.35 -19.36
C PRO F 166 -24.72 7.65 -20.35
N TYR F 167 -23.42 7.61 -20.03
CA TYR F 167 -22.43 6.99 -20.91
C TYR F 167 -22.49 5.47 -20.87
N GLY F 168 -22.88 4.91 -19.74
CA GLY F 168 -22.92 3.46 -19.59
C GLY F 168 -23.04 3.09 -18.12
N ALA F 169 -23.41 1.84 -17.87
CA ALA F 169 -23.58 1.37 -16.50
C ALA F 169 -22.24 1.40 -15.79
N SER F 170 -22.21 1.95 -14.58
CA SER F 170 -20.99 2.00 -13.78
C SER F 170 -21.28 1.68 -12.31
N VAL F 171 -20.66 0.60 -11.83
CA VAL F 171 -20.88 0.07 -10.49
C VAL F 171 -19.67 0.34 -9.59
N THR F 172 -19.91 0.76 -8.35
CA THR F 172 -18.80 0.99 -7.40
C THR F 172 -18.39 -0.37 -6.84
N ALA F 173 -17.15 -0.75 -7.18
CA ALA F 173 -16.54 -2.00 -6.76
C ALA F 173 -16.16 -1.93 -5.28
N ASN F 174 -16.92 -2.66 -4.47
CA ASN F 174 -16.76 -2.66 -3.01
C ASN F 174 -16.83 -4.06 -2.37
N GLY F 175 -16.67 -5.12 -3.17
CA GLY F 175 -16.76 -6.50 -2.67
C GLY F 175 -18.18 -7.04 -2.56
N GLN F 176 -19.09 -6.18 -2.08
CA GLN F 176 -20.53 -6.47 -1.93
C GLN F 176 -21.20 -6.75 -3.29
N PRO F 177 -22.19 -7.70 -3.33
CA PRO F 177 -22.88 -8.00 -4.59
C PRO F 177 -23.67 -6.81 -5.18
N LEU F 178 -24.19 -7.01 -6.39
CA LEU F 178 -24.79 -5.94 -7.19
C LEU F 178 -26.14 -5.49 -6.66
N LEU F 179 -26.30 -4.17 -6.49
CA LEU F 179 -27.56 -3.59 -6.03
C LEU F 179 -28.60 -3.73 -7.13
N GLU F 180 -29.87 -3.72 -6.74
CA GLU F 180 -30.97 -3.83 -7.70
C GLU F 180 -30.95 -2.65 -8.68
N ASN F 181 -30.66 -1.47 -8.16
CA ASN F 181 -30.54 -0.25 -8.95
C ASN F 181 -29.54 -0.39 -10.12
N ASP F 182 -28.42 -1.06 -9.85
CA ASP F 182 -27.38 -1.27 -10.86
C ASP F 182 -27.76 -2.34 -11.86
N ARG F 183 -28.38 -3.42 -11.39
CA ARG F 183 -28.85 -4.49 -12.26
C ARG F 183 -29.87 -3.98 -13.30
N ALA F 184 -30.75 -3.08 -12.88
CA ALA F 184 -31.80 -2.59 -13.76
C ALA F 184 -31.24 -1.65 -14.81
N SER F 185 -30.26 -0.82 -14.42
CA SER F 185 -29.60 0.06 -15.37
C SER F 185 -28.85 -0.75 -16.44
N ILE F 186 -28.23 -1.87 -16.04
CA ILE F 186 -27.57 -2.77 -16.97
C ILE F 186 -28.58 -3.44 -17.89
N ARG F 187 -29.70 -3.91 -17.34
CA ARG F 187 -30.76 -4.54 -18.16
C ARG F 187 -31.27 -3.56 -19.21
N HIS F 188 -31.57 -2.33 -18.78
CA HIS F 188 -32.05 -1.30 -19.70
C HIS F 188 -31.06 -1.03 -20.84
N GLN F 189 -29.79 -0.84 -20.49
CA GLN F 189 -28.77 -0.54 -21.51
C GLN F 189 -28.68 -1.64 -22.58
N VAL F 190 -28.75 -2.90 -22.17
CA VAL F 190 -28.59 -4.01 -23.11
C VAL F 190 -29.86 -4.18 -23.94
N ARG F 191 -30.99 -4.20 -23.24
CA ARG F 191 -32.33 -4.20 -23.84
C ARG F 191 -32.43 -3.12 -24.94
N ARG F 192 -32.14 -1.88 -24.57
CA ARG F 192 -32.19 -0.76 -25.50
C ARG F 192 -31.31 -0.97 -26.75
N GLN F 193 -30.08 -1.46 -26.54
CA GLN F 193 -29.14 -1.67 -27.65
C GLN F 193 -29.57 -2.84 -28.54
N VAL F 194 -30.09 -3.91 -27.93
CA VAL F 194 -30.57 -5.05 -28.71
C VAL F 194 -31.68 -4.54 -29.66
N GLU F 195 -32.62 -3.79 -29.10
CA GLU F 195 -33.75 -3.23 -29.85
C GLU F 195 -33.34 -2.30 -30.99
N LEU F 196 -32.50 -1.32 -30.68
CA LEU F 196 -31.90 -0.45 -31.71
C LEU F 196 -31.17 -1.26 -32.79
N THR F 197 -30.44 -2.29 -32.37
CA THR F 197 -29.71 -3.17 -33.31
C THR F 197 -30.63 -3.98 -34.24
N ALA F 198 -31.68 -4.59 -33.68
CA ALA F 198 -32.64 -5.35 -34.50
C ALA F 198 -33.25 -4.45 -35.56
N LYS F 199 -33.64 -3.25 -35.15
CA LYS F 199 -34.17 -2.22 -36.05
C LYS F 199 -33.20 -1.89 -37.19
N LEU F 200 -31.97 -1.57 -36.82
CA LEU F 200 -30.93 -1.29 -37.80
C LEU F 200 -30.82 -2.43 -38.82
N LEU F 201 -30.83 -3.65 -38.31
CA LEU F 201 -30.69 -4.84 -39.16
C LEU F 201 -31.89 -5.07 -40.08
N GLU F 202 -33.10 -5.03 -39.53
CA GLU F 202 -34.30 -5.28 -40.34
C GLU F 202 -34.58 -4.14 -41.31
N GLY F 203 -34.33 -2.91 -40.87
CA GLY F 203 -34.32 -1.75 -41.76
C GLY F 203 -33.37 -1.90 -42.94
N GLY F 204 -32.31 -2.69 -42.74
CA GLY F 204 -31.36 -3.06 -43.78
C GLY F 204 -31.62 -4.38 -44.50
N SER F 205 -32.50 -5.22 -43.97
CA SER F 205 -32.93 -6.46 -44.65
C SER F 205 -33.83 -6.16 -45.85
N THR G 4 8.00 36.55 -0.09
CA THR G 4 7.07 37.22 0.88
C THR G 4 5.70 37.45 0.23
N ALA G 5 5.71 38.08 -0.95
CA ALA G 5 4.49 38.43 -1.68
C ALA G 5 3.56 37.21 -1.89
N PRO G 6 2.35 37.27 -1.30
CA PRO G 6 1.37 36.20 -1.45
C PRO G 6 1.19 35.71 -2.90
N VAL G 7 0.88 34.42 -3.03
CA VAL G 7 0.46 33.88 -4.30
C VAL G 7 -0.82 34.62 -4.70
N LYS G 8 -0.89 35.03 -5.96
CA LYS G 8 -2.07 35.73 -6.45
C LYS G 8 -3.04 34.72 -7.04
N LEU G 9 -4.13 34.48 -6.31
CA LEU G 9 -5.07 33.39 -6.60
C LEU G 9 -6.42 33.91 -7.08
N ALA G 10 -6.81 33.54 -8.30
CA ALA G 10 -8.13 33.85 -8.81
C ALA G 10 -8.99 32.59 -8.78
N ILE G 11 -10.17 32.73 -8.16
CA ILE G 11 -11.17 31.69 -8.16
C ILE G 11 -12.33 32.21 -9.01
N VAL G 12 -12.45 31.67 -10.23
CA VAL G 12 -13.47 32.08 -11.18
C VAL G 12 -14.54 31.00 -11.26
N PHE G 13 -15.77 31.35 -10.91
CA PHE G 13 -16.82 30.36 -10.76
C PHE G 13 -18.09 30.81 -11.49
N TYR G 14 -18.85 29.84 -12.03
CA TYR G 14 -20.24 30.10 -12.37
C TYR G 14 -21.17 29.27 -11.47
N SER G 15 -22.28 29.87 -11.07
CA SER G 15 -23.30 29.19 -10.27
C SER G 15 -24.68 29.73 -10.64
N SER G 16 -25.62 28.82 -10.85
CA SER G 16 -27.03 29.17 -11.05
C SER G 16 -27.74 29.19 -9.70
N THR G 17 -27.84 28.01 -9.07
CA THR G 17 -28.62 27.80 -7.86
C THR G 17 -27.78 27.65 -6.58
N GLY G 18 -26.55 28.16 -6.59
CA GLY G 18 -25.77 28.36 -5.37
C GLY G 18 -24.74 27.31 -4.95
N THR G 19 -24.80 26.12 -5.53
CA THR G 19 -23.86 25.07 -5.16
C THR G 19 -22.42 25.53 -5.46
N GLY G 20 -22.20 26.07 -6.66
CA GLY G 20 -20.87 26.54 -7.07
C GLY G 20 -20.40 27.77 -6.34
N TYR G 21 -21.36 28.61 -5.93
CA TYR G 21 -21.06 29.76 -5.10
C TYR G 21 -20.47 29.32 -3.76
N ALA G 22 -21.10 28.35 -3.11
CA ALA G 22 -20.63 27.82 -1.82
C ALA G 22 -19.26 27.16 -1.95
N MET G 23 -19.10 26.38 -3.01
CA MET G 23 -17.81 25.75 -3.33
C MET G 23 -16.70 26.77 -3.53
N ALA G 24 -17.00 27.79 -4.33
CA ALA G 24 -16.02 28.86 -4.62
C ALA G 24 -15.63 29.65 -3.38
N GLN G 25 -16.59 29.91 -2.50
CA GLN G 25 -16.32 30.59 -1.23
C GLN G 25 -15.45 29.74 -0.32
N GLU G 26 -15.74 28.45 -0.26
CA GLU G 26 -14.90 27.55 0.51
C GLU G 26 -13.48 27.62 -0.01
N ALA G 27 -13.36 27.67 -1.33
CA ALA G 27 -12.07 27.70 -1.99
C ALA G 27 -11.28 28.98 -1.68
N ALA G 28 -11.95 30.13 -1.68
CA ALA G 28 -11.30 31.42 -1.37
C ALA G 28 -10.78 31.46 0.07
N GLU G 29 -11.59 30.96 1.01
CA GLU G 29 -11.23 30.86 2.43
C GLU G 29 -9.98 29.98 2.62
N ALA G 30 -9.94 28.84 1.94
CA ALA G 30 -8.79 27.94 1.95
C ALA G 30 -7.54 28.60 1.37
N GLY G 31 -7.74 29.39 0.32
CA GLY G 31 -6.67 30.16 -0.31
C GLY G 31 -6.10 31.21 0.61
N ARG G 32 -6.97 31.95 1.28
CA ARG G 32 -6.53 32.97 2.23
C ARG G 32 -5.85 32.33 3.44
N ALA G 33 -6.40 31.24 3.94
CA ALA G 33 -5.78 30.49 5.03
C ALA G 33 -4.38 30.04 4.66
N ALA G 34 -4.21 29.62 3.41
CA ALA G 34 -2.92 29.16 2.89
C ALA G 34 -1.96 30.34 2.63
N GLY G 35 -2.45 31.57 2.77
CA GLY G 35 -1.60 32.77 2.70
C GLY G 35 -1.59 33.44 1.34
N ALA G 36 -2.54 33.07 0.48
CA ALA G 36 -2.65 33.63 -0.85
C ALA G 36 -3.48 34.92 -0.81
N GLU G 37 -3.16 35.83 -1.72
CA GLU G 37 -4.01 36.97 -1.97
C GLU G 37 -5.08 36.50 -2.94
N VAL G 38 -6.34 36.57 -2.53
CA VAL G 38 -7.41 35.88 -3.22
C VAL G 38 -8.42 36.84 -3.84
N ARG G 39 -8.75 36.59 -5.10
CA ARG G 39 -9.89 37.21 -5.76
C ARG G 39 -10.96 36.16 -6.05
N LEU G 40 -12.15 36.34 -5.47
CA LEU G 40 -13.32 35.53 -5.78
C LEU G 40 -14.18 36.24 -6.82
N LEU G 41 -14.36 35.62 -7.98
CA LEU G 41 -14.95 36.29 -9.12
C LEU G 41 -16.01 35.40 -9.78
N LYS G 42 -17.16 35.99 -10.07
CA LYS G 42 -18.24 35.26 -10.72
C LYS G 42 -18.23 35.51 -12.21
N VAL G 43 -18.66 34.48 -12.94
CA VAL G 43 -18.82 34.56 -14.37
C VAL G 43 -20.16 35.24 -14.68
N ARG G 44 -20.14 36.22 -15.57
CA ARG G 44 -21.36 36.97 -15.95
C ARG G 44 -22.50 36.03 -16.37
N GLU G 45 -23.69 36.29 -15.85
CA GLU G 45 -24.85 35.49 -16.20
C GLU G 45 -25.26 35.81 -17.63
N THR G 46 -25.73 34.79 -18.35
CA THR G 46 -26.06 34.89 -19.77
C THR G 46 -27.47 34.35 -20.10
N ALA G 47 -28.05 33.53 -19.22
CA ALA G 47 -29.29 32.84 -19.53
C ALA G 47 -30.49 33.80 -19.74
N PRO G 48 -31.41 33.43 -20.67
CA PRO G 48 -32.64 34.23 -20.87
C PRO G 48 -33.54 34.26 -19.64
N GLN G 49 -34.22 35.40 -19.45
CA GLN G 49 -34.85 35.74 -18.17
C GLN G 49 -36.04 34.87 -17.80
N ASP G 50 -36.89 34.53 -18.78
CA ASP G 50 -38.03 33.61 -18.54
C ASP G 50 -37.57 32.23 -18.04
N VAL G 51 -36.38 31.81 -18.49
CA VAL G 51 -35.76 30.57 -18.01
C VAL G 51 -35.36 30.76 -16.54
N ILE G 52 -34.76 31.91 -16.23
CA ILE G 52 -34.31 32.23 -14.87
C ILE G 52 -35.46 32.21 -13.85
N ASP G 53 -36.64 32.68 -14.27
CA ASP G 53 -37.75 32.92 -13.35
C ASP G 53 -38.46 31.64 -12.91
N GLY G 54 -38.48 30.64 -13.80
CA GLY G 54 -39.03 29.30 -13.47
C GLY G 54 -38.32 28.62 -12.30
N GLN G 55 -37.10 29.07 -12.00
CA GLN G 55 -36.41 28.66 -10.78
C GLN G 55 -36.32 29.84 -9.79
N ASP G 56 -36.97 29.68 -8.65
CA ASP G 56 -36.84 30.61 -7.53
C ASP G 56 -35.41 30.55 -6.93
N ALA G 57 -34.81 29.36 -6.97
CA ALA G 57 -33.43 29.16 -6.52
C ALA G 57 -32.42 30.03 -7.28
N TRP G 58 -32.62 30.13 -8.59
CA TRP G 58 -31.73 30.86 -9.48
C TRP G 58 -31.72 32.36 -9.13
N LYS G 59 -32.91 32.95 -9.08
CA LYS G 59 -33.04 34.39 -8.76
C LYS G 59 -32.41 34.76 -7.42
N ALA G 60 -32.62 33.92 -6.41
CA ALA G 60 -32.07 34.17 -5.06
C ALA G 60 -30.54 34.10 -5.02
N ASN G 61 -29.97 33.19 -5.80
CA ASN G 61 -28.51 33.05 -5.83
C ASN G 61 -27.85 34.27 -6.47
N ILE G 62 -28.44 34.75 -7.56
CA ILE G 62 -27.96 35.95 -8.25
C ILE G 62 -27.99 37.12 -7.26
N GLU G 63 -29.08 37.21 -6.50
CA GLU G 63 -29.19 38.18 -5.41
C GLU G 63 -28.06 37.99 -4.41
N ALA G 64 -27.86 36.75 -3.95
CA ALA G 64 -26.83 36.45 -2.97
C ALA G 64 -25.42 36.80 -3.48
N MET G 65 -25.19 36.64 -4.77
CA MET G 65 -23.87 36.93 -5.35
C MET G 65 -23.67 38.40 -5.74
N LYS G 66 -24.74 39.19 -5.69
CA LYS G 66 -24.74 40.57 -6.23
C LYS G 66 -23.53 41.43 -5.84
N ASP G 67 -22.94 41.17 -4.67
CA ASP G 67 -21.72 41.89 -4.27
C ASP G 67 -20.41 41.21 -4.69
N VAL G 68 -20.50 40.08 -5.39
CA VAL G 68 -19.32 39.37 -5.87
C VAL G 68 -18.88 40.00 -7.20
N PRO G 69 -17.61 40.43 -7.30
CA PRO G 69 -17.14 41.06 -8.54
C PRO G 69 -17.19 40.11 -9.73
N GLU G 70 -17.31 40.69 -10.93
CA GLU G 70 -17.36 39.90 -12.15
C GLU G 70 -15.95 39.66 -12.70
N ALA G 71 -15.70 38.44 -13.16
CA ALA G 71 -14.39 38.05 -13.66
C ALA G 71 -14.12 38.69 -15.02
N THR G 72 -12.93 39.26 -15.14
CA THR G 72 -12.45 39.81 -16.42
C THR G 72 -11.10 39.17 -16.78
N PRO G 73 -10.70 39.25 -18.07
CA PRO G 73 -9.37 38.79 -18.49
C PRO G 73 -8.22 39.31 -17.63
N ALA G 74 -8.29 40.59 -17.24
CA ALA G 74 -7.27 41.22 -16.41
C ALA G 74 -7.01 40.47 -15.10
N ASP G 75 -8.04 39.83 -14.55
CA ASP G 75 -7.91 39.06 -13.32
C ASP G 75 -6.97 37.86 -13.50
N LEU G 76 -7.13 37.15 -14.61
CA LEU G 76 -6.29 35.98 -14.92
C LEU G 76 -4.85 36.40 -15.24
N GLU G 77 -4.71 37.47 -16.01
CA GLU G 77 -3.41 38.11 -16.20
C GLU G 77 -2.72 38.44 -14.87
N TRP G 78 -3.49 38.98 -13.93
CA TRP G 78 -3.02 39.24 -12.58
C TRP G 78 -2.66 37.94 -11.83
N ALA G 79 -3.53 36.94 -11.93
CA ALA G 79 -3.41 35.72 -11.13
C ALA G 79 -2.18 34.90 -11.49
N GLU G 80 -1.62 34.24 -10.48
CA GLU G 80 -0.56 33.24 -10.67
C GLU G 80 -1.08 31.81 -10.48
N ALA G 81 -2.22 31.69 -9.80
CA ALA G 81 -2.93 30.45 -9.57
C ALA G 81 -4.39 30.67 -9.92
N ILE G 82 -4.94 29.79 -10.75
CA ILE G 82 -6.29 29.94 -11.26
C ILE G 82 -7.08 28.70 -10.88
N VAL G 83 -8.30 28.90 -10.37
CA VAL G 83 -9.25 27.82 -10.19
C VAL G 83 -10.52 28.19 -10.98
N PHE G 84 -10.98 27.28 -11.84
CA PHE G 84 -12.27 27.42 -12.52
C PHE G 84 -13.25 26.46 -11.90
N SER G 85 -14.49 26.91 -11.70
CA SER G 85 -15.57 26.07 -11.19
C SER G 85 -16.82 26.30 -12.03
N SER G 86 -17.38 25.23 -12.59
CA SER G 86 -18.65 25.33 -13.31
C SER G 86 -19.53 24.13 -12.98
N PRO G 87 -20.87 24.34 -12.95
CA PRO G 87 -21.79 23.20 -12.93
C PRO G 87 -21.67 22.42 -14.22
N THR G 88 -21.99 21.13 -14.20
CA THR G 88 -21.93 20.34 -15.42
C THR G 88 -23.17 20.62 -16.25
N ARG G 89 -22.98 20.70 -17.56
CA ARG G 89 -24.09 20.78 -18.51
C ARG G 89 -23.78 19.81 -19.63
N PHE G 90 -24.53 18.70 -19.65
CA PHE G 90 -24.36 17.63 -20.63
C PHE G 90 -22.88 17.21 -20.76
N GLY G 91 -22.21 17.09 -19.62
CA GLY G 91 -20.83 16.60 -19.59
C GLY G 91 -19.78 17.63 -19.93
N GLY G 92 -20.21 18.85 -20.26
CA GLY G 92 -19.29 19.97 -20.50
C GLY G 92 -19.48 21.07 -19.47
N ALA G 93 -18.71 22.15 -19.58
CA ALA G 93 -18.94 23.32 -18.72
C ALA G 93 -20.16 24.10 -19.22
N THR G 94 -20.69 24.98 -18.37
CA THR G 94 -21.83 25.82 -18.79
C THR G 94 -21.46 26.76 -19.91
N SER G 95 -22.45 27.18 -20.70
CA SER G 95 -22.24 28.23 -21.71
C SER G 95 -21.63 29.49 -21.08
N GLN G 96 -22.09 29.84 -19.88
CA GLN G 96 -21.59 31.03 -19.21
C GLN G 96 -20.08 30.98 -19.00
N MET G 97 -19.58 29.85 -18.52
CA MET G 97 -18.14 29.69 -18.27
C MET G 97 -17.36 29.79 -19.57
N ARG G 98 -17.85 29.08 -20.60
CA ARG G 98 -17.23 29.11 -21.93
C ARG G 98 -17.17 30.49 -22.56
N ALA G 99 -18.23 31.28 -22.36
CA ALA G 99 -18.30 32.65 -22.87
C ALA G 99 -17.22 33.48 -22.24
N PHE G 100 -17.05 33.36 -20.93
CA PHE G 100 -15.91 33.98 -20.26
C PHE G 100 -14.56 33.48 -20.82
N ILE G 101 -14.46 32.16 -21.03
CA ILE G 101 -13.24 31.56 -21.60
C ILE G 101 -12.95 32.12 -22.99
N ASP G 102 -14.01 32.25 -23.79
CA ASP G 102 -13.88 32.82 -25.13
C ASP G 102 -13.39 34.28 -25.17
N THR G 103 -13.51 35.01 -24.07
CA THR G 103 -12.94 36.37 -24.03
C THR G 103 -11.44 36.36 -23.72
N LEU G 104 -10.81 35.19 -23.65
CA LEU G 104 -9.41 35.10 -23.28
C LEU G 104 -8.46 35.00 -24.48
N GLY G 105 -8.99 35.21 -25.67
CA GLY G 105 -8.22 35.05 -26.91
C GLY G 105 -7.05 35.99 -27.02
N GLY G 106 -7.26 37.26 -26.70
CA GLY G 106 -6.22 38.27 -26.78
C GLY G 106 -5.08 37.96 -25.84
N LEU G 107 -5.44 37.59 -24.62
CA LEU G 107 -4.48 37.19 -23.59
C LEU G 107 -3.68 35.95 -24.02
N TRP G 108 -4.37 34.96 -24.58
CA TRP G 108 -3.71 33.77 -25.12
C TRP G 108 -2.77 34.13 -26.28
N SER G 109 -3.22 35.01 -27.17
CA SER G 109 -2.41 35.46 -28.32
C SER G 109 -1.07 36.08 -27.94
N SER G 110 -0.96 36.64 -26.75
CA SER G 110 0.29 37.24 -26.28
C SER G 110 1.14 36.31 -25.39
N GLY G 111 0.72 35.04 -25.25
CA GLY G 111 1.39 34.10 -24.35
C GLY G 111 1.27 34.50 -22.89
N LYS G 112 0.24 35.28 -22.58
CA LYS G 112 0.10 35.90 -21.26
C LYS G 112 -0.77 35.09 -20.29
N LEU G 113 -1.07 33.85 -20.65
CA LEU G 113 -1.70 32.89 -19.72
C LEU G 113 -0.74 31.75 -19.32
N ALA G 114 0.42 31.67 -19.97
CA ALA G 114 1.35 30.57 -19.76
C ALA G 114 1.91 30.56 -18.34
N ASN G 115 2.12 29.35 -17.84
CA ASN G 115 2.83 29.09 -16.57
C ASN G 115 2.08 29.44 -15.27
N LYS G 116 0.84 29.85 -15.39
CA LYS G 116 -0.03 30.00 -14.23
C LYS G 116 -0.55 28.60 -13.87
N THR G 117 -0.70 28.32 -12.58
CA THR G 117 -1.24 27.03 -12.17
C THR G 117 -2.75 27.04 -12.37
N PHE G 118 -3.30 25.86 -12.65
CA PHE G 118 -4.72 25.73 -12.95
C PHE G 118 -5.29 24.46 -12.33
N SER G 119 -6.44 24.60 -11.67
CA SER G 119 -7.27 23.45 -11.30
C SER G 119 -8.75 23.77 -11.48
N ALA G 120 -9.56 22.72 -11.52
CA ALA G 120 -10.99 22.85 -11.75
C ALA G 120 -11.82 22.11 -10.70
N MET G 121 -13.07 22.54 -10.57
CA MET G 121 -14.07 21.94 -9.72
C MET G 121 -15.39 21.99 -10.46
N THR G 122 -16.31 21.13 -10.08
CA THR G 122 -17.61 21.07 -10.76
C THR G 122 -18.75 20.67 -9.82
N SER G 123 -19.98 20.77 -10.30
CA SER G 123 -21.17 20.41 -9.50
C SER G 123 -22.29 19.92 -10.40
N ALA G 124 -22.97 18.83 -10.00
CA ALA G 124 -23.96 18.16 -10.86
C ALA G 124 -25.11 17.49 -10.11
N GLN G 125 -26.33 17.59 -10.68
CA GLN G 125 -27.52 16.90 -10.14
C GLN G 125 -27.28 15.40 -9.97
N ASN G 126 -26.63 14.80 -10.96
CA ASN G 126 -26.30 13.37 -10.91
C ASN G 126 -24.83 13.09 -10.52
N VAL G 127 -24.67 12.15 -9.59
CA VAL G 127 -23.36 11.73 -9.05
C VAL G 127 -22.39 11.35 -10.17
N ASN G 128 -22.89 10.58 -11.15
CA ASN G 128 -22.13 10.22 -12.35
C ASN G 128 -22.64 10.96 -13.59
N GLY G 129 -23.11 12.20 -13.42
CA GLY G 129 -23.80 12.96 -14.48
C GLY G 129 -22.91 13.79 -15.41
N GLY G 130 -21.70 13.29 -15.71
CA GLY G 130 -20.78 14.00 -16.59
C GLY G 130 -19.81 14.93 -15.87
N GLN G 131 -19.83 14.92 -14.54
CA GLN G 131 -18.88 15.66 -13.71
C GLN G 131 -17.42 15.50 -14.17
N GLU G 132 -16.93 14.26 -14.24
CA GLU G 132 -15.54 14.01 -14.63
C GLU G 132 -15.25 14.62 -16.00
N THR G 133 -16.18 14.43 -16.94
CA THR G 133 -15.99 14.94 -18.30
C THR G 133 -15.94 16.48 -18.30
N THR G 134 -16.71 17.13 -17.42
CA THR G 134 -16.70 18.59 -17.29
C THR G 134 -15.33 19.06 -16.88
N LEU G 135 -14.76 18.35 -15.91
CA LEU G 135 -13.44 18.69 -15.39
C LEU G 135 -12.40 18.50 -16.49
N GLN G 136 -12.51 17.40 -17.23
CA GLN G 136 -11.60 17.10 -18.33
C GLN G 136 -11.58 18.24 -19.36
N THR G 137 -12.76 18.74 -19.74
CA THR G 137 -12.84 19.81 -20.76
C THR G 137 -12.22 21.11 -20.28
N LEU G 138 -12.30 21.39 -18.98
CA LEU G 138 -11.71 22.60 -18.42
C LEU G 138 -10.18 22.48 -18.38
N TYR G 139 -9.68 21.31 -18.00
CA TYR G 139 -8.22 21.06 -18.06
C TYR G 139 -7.66 21.09 -19.50
N MET G 140 -8.35 20.47 -20.45
CA MET G 140 -7.88 20.50 -21.85
C MET G 140 -7.74 21.95 -22.36
N THR G 141 -8.73 22.77 -22.05
CA THR G 141 -8.67 24.19 -22.39
C THR G 141 -7.43 24.81 -21.80
N ALA G 142 -7.19 24.58 -20.50
CA ALA G 142 -6.01 25.13 -19.82
C ALA G 142 -4.67 24.70 -20.47
N MET G 143 -4.65 23.54 -21.14
CA MET G 143 -3.43 23.10 -21.84
C MET G 143 -3.07 24.01 -23.03
N HIS G 144 -4.09 24.51 -23.75
CA HIS G 144 -3.88 25.48 -24.83
C HIS G 144 -3.19 26.78 -24.35
N TRP G 145 -3.40 27.12 -23.08
CA TRP G 145 -2.76 28.27 -22.49
C TRP G 145 -1.31 28.02 -22.06
N GLY G 146 -0.84 26.77 -22.07
CA GLY G 146 0.42 26.45 -21.41
C GLY G 146 0.32 26.61 -19.91
N ALA G 147 -0.86 26.35 -19.33
CA ALA G 147 -1.04 26.35 -17.89
C ALA G 147 -0.31 25.15 -17.25
N VAL G 148 0.06 25.27 -15.97
CA VAL G 148 0.61 24.16 -15.21
C VAL G 148 -0.51 23.55 -14.37
N LEU G 149 -0.95 22.35 -14.74
CA LEU G 149 -2.17 21.75 -14.14
C LEU G 149 -1.86 21.04 -12.81
N THR G 150 -2.64 21.38 -11.79
CA THR G 150 -2.44 20.88 -10.43
C THR G 150 -3.70 20.24 -9.87
N PRO G 151 -4.16 19.14 -10.49
CA PRO G 151 -5.32 18.45 -9.95
C PRO G 151 -4.98 17.81 -8.61
N PRO G 152 -6.00 17.57 -7.77
CA PRO G 152 -5.75 17.04 -6.42
C PRO G 152 -5.22 15.60 -6.37
N GLY G 153 -5.56 14.77 -7.36
CA GLY G 153 -5.23 13.34 -7.29
C GLY G 153 -5.88 12.72 -6.07
N TYR G 154 -5.24 11.72 -5.51
CA TYR G 154 -5.67 11.15 -4.22
C TYR G 154 -4.61 11.53 -3.18
N THR G 155 -4.22 12.80 -3.17
CA THR G 155 -3.10 13.27 -2.35
C THR G 155 -3.49 13.60 -0.90
N ASP G 156 -4.77 13.43 -0.57
CA ASP G 156 -5.21 13.38 0.81
C ASP G 156 -6.33 12.35 0.99
N GLU G 157 -6.45 11.84 2.22
CA GLU G 157 -7.55 10.94 2.61
C GLU G 157 -8.91 11.60 2.40
N VAL G 158 -8.96 12.92 2.51
CA VAL G 158 -10.17 13.69 2.26
C VAL G 158 -10.80 13.37 0.90
N ILE G 159 -9.95 13.17 -0.11
CA ILE G 159 -10.42 12.92 -1.47
C ILE G 159 -11.24 11.64 -1.46
N PHE G 160 -10.65 10.57 -0.92
CA PHE G 160 -11.29 9.24 -0.81
C PHE G 160 -12.71 9.30 -0.21
N LYS G 161 -12.88 10.14 0.81
CA LYS G 161 -14.14 10.24 1.55
C LYS G 161 -15.28 10.90 0.75
N SER G 162 -14.95 11.90 -0.07
CA SER G 162 -15.99 12.67 -0.80
C SER G 162 -16.25 12.16 -2.23
N GLY G 163 -16.04 10.86 -2.47
CA GLY G 163 -16.29 10.23 -3.77
C GLY G 163 -15.04 9.86 -4.55
N GLY G 164 -13.88 10.33 -4.06
CA GLY G 164 -12.61 10.10 -4.75
C GLY G 164 -12.57 10.66 -6.16
N ASN G 165 -12.57 11.99 -6.30
CA ASN G 165 -12.38 12.59 -7.64
C ASN G 165 -10.98 13.21 -7.75
N PRO G 166 -10.05 12.47 -8.39
CA PRO G 166 -8.68 12.96 -8.54
C PRO G 166 -8.53 14.12 -9.54
N TYR G 167 -9.55 14.31 -10.38
CA TYR G 167 -9.55 15.39 -11.36
C TYR G 167 -9.80 16.76 -10.73
N GLY G 168 -10.53 16.78 -9.61
CA GLY G 168 -10.94 18.01 -8.94
C GLY G 168 -12.19 17.80 -8.09
N ALA G 169 -12.46 18.73 -7.18
CA ALA G 169 -13.65 18.63 -6.34
C ALA G 169 -14.92 18.52 -7.20
N SER G 170 -15.73 17.51 -6.92
CA SER G 170 -16.99 17.37 -7.62
C SER G 170 -18.09 17.06 -6.62
N VAL G 171 -19.17 17.84 -6.72
CA VAL G 171 -20.21 17.93 -5.71
C VAL G 171 -21.55 17.57 -6.32
N THR G 172 -22.34 16.75 -5.64
CA THR G 172 -23.65 16.38 -6.17
C THR G 172 -24.74 17.33 -5.66
N ALA G 173 -25.20 18.16 -6.61
CA ALA G 173 -26.26 19.14 -6.38
C ALA G 173 -27.64 18.48 -6.38
N ASN G 174 -28.25 18.40 -5.20
CA ASN G 174 -29.56 17.78 -5.02
C ASN G 174 -30.32 18.44 -3.86
N GLY G 175 -30.51 19.75 -3.98
CA GLY G 175 -31.15 20.54 -2.93
C GLY G 175 -30.21 20.87 -1.78
N GLN G 176 -29.81 19.84 -1.04
CA GLN G 176 -29.02 19.98 0.20
C GLN G 176 -27.67 20.70 0.02
N PRO G 177 -27.21 21.40 1.07
CA PRO G 177 -25.96 22.15 1.05
C PRO G 177 -24.69 21.28 1.10
N LEU G 178 -23.54 21.93 0.97
CA LEU G 178 -22.24 21.26 0.99
C LEU G 178 -22.03 20.38 2.22
N LEU G 179 -21.66 19.13 1.98
CA LEU G 179 -21.21 18.22 3.03
C LEU G 179 -19.82 18.59 3.50
N GLU G 180 -19.45 18.10 4.67
CA GLU G 180 -18.15 18.42 5.26
C GLU G 180 -17.01 17.76 4.46
N ASN G 181 -17.28 16.57 3.92
CA ASN G 181 -16.33 15.90 3.02
C ASN G 181 -16.11 16.69 1.74
N ASP G 182 -17.15 17.33 1.21
CA ASP G 182 -17.00 18.20 0.03
C ASP G 182 -16.10 19.41 0.35
N ARG G 183 -16.39 20.10 1.45
CA ARG G 183 -15.64 21.31 1.84
C ARG G 183 -14.16 20.95 2.03
N ALA G 184 -13.92 19.86 2.74
CA ALA G 184 -12.58 19.40 3.03
C ALA G 184 -11.78 19.04 1.76
N SER G 185 -12.44 18.39 0.79
CA SER G 185 -11.80 18.08 -0.49
C SER G 185 -11.43 19.36 -1.26
N ILE G 186 -12.33 20.34 -1.24
CA ILE G 186 -12.07 21.67 -1.83
C ILE G 186 -10.88 22.38 -1.18
N ARG G 187 -10.84 22.38 0.17
CA ARG G 187 -9.77 23.04 0.90
C ARG G 187 -8.41 22.43 0.55
N HIS G 188 -8.36 21.10 0.50
CA HIS G 188 -7.12 20.41 0.17
C HIS G 188 -6.61 20.80 -1.23
N GLN G 189 -7.52 20.76 -2.22
CA GLN G 189 -7.18 21.08 -3.61
C GLN G 189 -6.53 22.47 -3.77
N VAL G 190 -7.16 23.45 -3.12
CA VAL G 190 -6.71 24.83 -3.22
C VAL G 190 -5.43 25.02 -2.40
N ARG G 191 -5.38 24.47 -1.21
CA ARG G 191 -4.18 24.56 -0.38
C ARG G 191 -2.98 23.98 -1.13
N ARG G 192 -3.13 22.77 -1.64
CA ARG G 192 -2.12 22.12 -2.47
C ARG G 192 -1.70 23.00 -3.66
N GLN G 193 -2.68 23.57 -4.37
CA GLN G 193 -2.36 24.38 -5.54
C GLN G 193 -1.59 25.65 -5.16
N VAL G 194 -2.01 26.31 -4.07
CA VAL G 194 -1.28 27.48 -3.60
C VAL G 194 0.16 27.08 -3.21
N GLU G 195 0.33 25.94 -2.55
CA GLU G 195 1.68 25.52 -2.12
C GLU G 195 2.60 25.21 -3.31
N LEU G 196 2.09 24.48 -4.30
CA LEU G 196 2.86 24.22 -5.54
C LEU G 196 3.18 25.52 -6.28
N THR G 197 2.21 26.42 -6.35
CA THR G 197 2.40 27.71 -7.01
C THR G 197 3.47 28.56 -6.31
N ALA G 198 3.44 28.59 -4.97
CA ALA G 198 4.48 29.30 -4.21
C ALA G 198 5.87 28.74 -4.51
N LYS G 199 5.97 27.40 -4.57
CA LYS G 199 7.24 26.73 -4.89
C LYS G 199 7.76 27.12 -6.27
N LEU G 200 6.86 27.13 -7.26
CA LEU G 200 7.23 27.53 -8.61
C LEU G 200 7.74 28.97 -8.68
N LEU G 201 7.05 29.88 -8.00
CA LEU G 201 7.41 31.30 -7.99
C LEU G 201 8.71 31.60 -7.22
N GLU G 202 8.90 30.93 -6.09
CA GLU G 202 10.14 31.02 -5.31
C GLU G 202 11.33 30.51 -6.12
N GLY G 203 11.13 29.44 -6.87
CA GLY G 203 12.20 28.82 -7.65
C GLY G 203 12.62 29.60 -8.87
N GLY G 204 11.68 30.37 -9.43
CA GLY G 204 11.93 31.11 -10.66
C GLY G 204 12.61 32.46 -10.46
N SER G 205 12.51 33.02 -9.26
CA SER G 205 12.99 34.38 -9.00
C SER G 205 13.38 34.58 -7.53
N THR H 4 20.74 22.86 -6.80
CA THR H 4 21.94 22.51 -7.63
C THR H 4 21.72 21.15 -8.34
N ALA H 5 21.39 20.11 -7.59
CA ALA H 5 21.19 18.76 -8.15
C ALA H 5 20.32 18.76 -9.44
N PRO H 6 20.80 18.09 -10.51
CA PRO H 6 20.04 18.03 -11.75
C PRO H 6 18.66 17.40 -11.57
N VAL H 7 17.66 17.97 -12.25
CA VAL H 7 16.36 17.37 -12.38
C VAL H 7 16.50 15.93 -12.87
N LYS H 8 15.79 15.02 -12.22
CA LYS H 8 15.78 13.63 -12.58
C LYS H 8 14.62 13.39 -13.55
N LEU H 9 14.96 13.12 -14.81
CA LEU H 9 13.97 12.94 -15.89
C LEU H 9 13.92 11.50 -16.41
N ALA H 10 12.73 10.89 -16.40
CA ALA H 10 12.51 9.58 -17.04
C ALA H 10 11.71 9.76 -18.32
N ILE H 11 12.27 9.28 -19.43
CA ILE H 11 11.60 9.19 -20.72
C ILE H 11 11.20 7.74 -20.92
N VAL H 12 9.90 7.47 -20.78
CA VAL H 12 9.34 6.13 -20.92
C VAL H 12 8.49 6.06 -22.16
N PHE H 13 8.86 5.20 -23.08
CA PHE H 13 8.24 5.17 -24.40
C PHE H 13 7.97 3.74 -24.87
N TYR H 14 6.82 3.53 -25.52
CA TYR H 14 6.60 2.31 -26.31
C TYR H 14 6.81 2.64 -27.81
N SER H 15 7.48 1.72 -28.52
CA SER H 15 7.63 1.85 -29.96
C SER H 15 7.60 0.46 -30.60
N SER H 16 6.73 0.29 -31.60
CA SER H 16 6.73 -0.93 -32.44
C SER H 16 7.77 -0.80 -33.54
N THR H 17 7.64 0.25 -34.34
CA THR H 17 8.39 0.34 -35.60
C THR H 17 9.41 1.49 -35.66
N GLY H 18 9.71 2.11 -34.52
CA GLY H 18 10.87 3.00 -34.40
C GLY H 18 10.63 4.50 -34.36
N THR H 19 9.40 4.94 -34.69
CA THR H 19 9.06 6.35 -34.66
C THR H 19 9.12 6.87 -33.22
N GLY H 20 8.39 6.20 -32.33
CA GLY H 20 8.44 6.46 -30.90
C GLY H 20 9.85 6.43 -30.35
N TYR H 21 10.68 5.51 -30.83
CA TYR H 21 12.09 5.43 -30.38
C TYR H 21 12.89 6.68 -30.76
N ALA H 22 12.67 7.16 -31.99
CA ALA H 22 13.36 8.35 -32.49
C ALA H 22 12.90 9.58 -31.71
N MET H 23 11.60 9.63 -31.42
CA MET H 23 11.05 10.70 -30.61
C MET H 23 11.63 10.68 -29.20
N ALA H 24 11.62 9.51 -28.57
CA ALA H 24 12.09 9.39 -27.19
C ALA H 24 13.59 9.74 -27.07
N GLN H 25 14.35 9.38 -28.09
CA GLN H 25 15.79 9.69 -28.15
C GLN H 25 16.02 11.19 -28.25
N GLU H 26 15.18 11.85 -29.03
CA GLU H 26 15.17 13.29 -29.13
C GLU H 26 14.85 13.95 -27.76
N ALA H 27 13.84 13.44 -27.09
CA ALA H 27 13.42 13.95 -25.79
C ALA H 27 14.51 13.79 -24.72
N ALA H 28 15.15 12.62 -24.69
CA ALA H 28 16.16 12.36 -23.69
C ALA H 28 17.37 13.28 -23.91
N GLU H 29 17.77 13.45 -25.17
CA GLU H 29 18.86 14.36 -25.49
C GLU H 29 18.50 15.81 -25.15
N ALA H 30 17.26 16.23 -25.42
CA ALA H 30 16.79 17.59 -25.07
C ALA H 30 16.84 17.81 -23.55
N GLY H 31 16.41 16.81 -22.79
CA GLY H 31 16.47 16.88 -21.33
C GLY H 31 17.87 16.98 -20.79
N ARG H 32 18.75 16.18 -21.37
CA ARG H 32 20.13 16.15 -20.97
C ARG H 32 20.84 17.48 -21.26
N ALA H 33 20.60 18.04 -22.45
CA ALA H 33 21.16 19.32 -22.82
C ALA H 33 20.61 20.46 -21.98
N ALA H 34 19.39 20.27 -21.45
CA ALA H 34 18.75 21.26 -20.56
C ALA H 34 19.21 21.11 -19.10
N GLY H 35 20.07 20.13 -18.83
CA GLY H 35 20.72 20.02 -17.53
C GLY H 35 20.15 18.93 -16.65
N ALA H 36 19.23 18.12 -17.18
CA ALA H 36 18.66 17.02 -16.40
C ALA H 36 19.57 15.79 -16.42
N GLU H 37 19.44 14.97 -15.38
CA GLU H 37 19.92 13.59 -15.39
C GLU H 37 18.77 12.74 -15.97
N VAL H 38 19.10 11.92 -16.98
CA VAL H 38 18.06 11.32 -17.83
C VAL H 38 18.13 9.80 -17.86
N ARG H 39 16.96 9.17 -17.72
CA ARG H 39 16.81 7.76 -18.04
C ARG H 39 15.89 7.65 -19.24
N LEU H 40 16.43 7.07 -20.30
CA LEU H 40 15.69 6.69 -21.51
C LEU H 40 15.32 5.22 -21.35
N LEU H 41 14.01 4.95 -21.31
CA LEU H 41 13.47 3.63 -20.91
C LEU H 41 12.34 3.12 -21.79
N LYS H 42 12.52 1.91 -22.30
CA LYS H 42 11.52 1.32 -23.19
C LYS H 42 10.51 0.54 -22.36
N VAL H 43 9.26 0.61 -22.78
CA VAL H 43 8.21 -0.19 -22.18
C VAL H 43 8.34 -1.65 -22.67
N ARG H 44 8.21 -2.59 -21.75
CA ARG H 44 8.37 -4.00 -22.07
C ARG H 44 7.46 -4.40 -23.22
N GLU H 45 8.04 -5.11 -24.20
CA GLU H 45 7.27 -5.65 -25.31
C GLU H 45 6.49 -6.88 -24.85
N THR H 46 5.18 -6.87 -25.08
CA THR H 46 4.30 -7.97 -24.69
C THR H 46 3.81 -8.81 -25.87
N ALA H 47 3.98 -8.33 -27.09
CA ALA H 47 3.52 -9.08 -28.26
C ALA H 47 4.38 -10.33 -28.47
N PRO H 48 3.72 -11.44 -28.82
CA PRO H 48 4.46 -12.68 -29.10
C PRO H 48 5.39 -12.53 -30.31
N GLN H 49 6.42 -13.36 -30.40
CA GLN H 49 7.37 -13.31 -31.52
C GLN H 49 6.71 -13.50 -32.89
N ASP H 50 5.76 -14.41 -32.96
CA ASP H 50 5.05 -14.68 -34.23
C ASP H 50 4.27 -13.45 -34.75
N VAL H 51 3.79 -12.59 -33.84
CA VAL H 51 3.13 -11.33 -34.21
C VAL H 51 4.15 -10.27 -34.62
N ILE H 52 5.21 -10.15 -33.82
CA ILE H 52 6.32 -9.24 -34.14
C ILE H 52 6.86 -9.54 -35.55
N ASP H 53 7.06 -10.82 -35.85
CA ASP H 53 7.70 -11.21 -37.11
C ASP H 53 6.89 -10.91 -38.37
N GLY H 54 5.60 -10.64 -38.21
CA GLY H 54 4.77 -10.21 -39.32
C GLY H 54 5.15 -8.84 -39.89
N GLN H 55 5.98 -8.08 -39.18
CA GLN H 55 6.45 -6.77 -39.66
C GLN H 55 7.95 -6.62 -39.50
N ASP H 56 8.67 -6.61 -40.61
CA ASP H 56 10.13 -6.50 -40.60
C ASP H 56 10.62 -5.31 -39.79
N ALA H 57 9.88 -4.20 -39.87
CA ALA H 57 10.25 -2.96 -39.20
C ALA H 57 10.10 -3.05 -37.68
N TRP H 58 9.20 -3.92 -37.22
CA TRP H 58 8.97 -4.15 -35.80
C TRP H 58 10.15 -4.95 -35.23
N LYS H 59 10.49 -6.03 -35.93
CA LYS H 59 11.65 -6.85 -35.62
C LYS H 59 12.95 -6.02 -35.66
N ALA H 60 13.14 -5.21 -36.69
CA ALA H 60 14.33 -4.35 -36.78
C ALA H 60 14.44 -3.35 -35.60
N ASN H 61 13.32 -2.75 -35.22
CA ASN H 61 13.30 -1.79 -34.10
C ASN H 61 13.56 -2.44 -32.77
N ILE H 62 13.04 -3.64 -32.55
CA ILE H 62 13.37 -4.34 -31.33
C ILE H 62 14.88 -4.56 -31.21
N GLU H 63 15.52 -4.89 -32.33
CA GLU H 63 16.97 -5.04 -32.34
C GLU H 63 17.63 -3.67 -32.09
N ALA H 64 17.11 -2.61 -32.71
CA ALA H 64 17.67 -1.26 -32.51
C ALA H 64 17.68 -0.83 -31.04
N MET H 65 16.62 -1.21 -30.31
CA MET H 65 16.43 -0.81 -28.92
C MET H 65 17.02 -1.78 -27.90
N LYS H 66 17.73 -2.80 -28.35
CA LYS H 66 18.05 -3.91 -27.46
C LYS H 66 18.84 -3.49 -26.21
N ASP H 67 19.66 -2.44 -26.31
CA ASP H 67 20.47 -1.95 -25.18
C ASP H 67 19.81 -0.81 -24.40
N VAL H 68 18.54 -0.53 -24.72
CA VAL H 68 17.74 0.41 -23.95
C VAL H 68 17.08 -0.40 -22.85
N PRO H 69 17.26 0.00 -21.58
CA PRO H 69 16.66 -0.74 -20.47
C PRO H 69 15.16 -0.64 -20.47
N GLU H 70 14.50 -1.70 -19.98
CA GLU H 70 13.05 -1.69 -19.85
C GLU H 70 12.65 -0.87 -18.63
N ALA H 71 11.60 -0.05 -18.78
CA ALA H 71 11.13 0.81 -17.69
C ALA H 71 10.57 -0.02 -16.55
N THR H 72 10.79 0.47 -15.33
CA THR H 72 10.25 -0.15 -14.11
C THR H 72 9.56 0.90 -13.25
N PRO H 73 8.68 0.47 -12.34
CA PRO H 73 8.08 1.45 -11.43
C PRO H 73 9.14 2.25 -10.65
N ALA H 74 10.24 1.60 -10.26
CA ALA H 74 11.36 2.25 -9.61
C ALA H 74 11.87 3.49 -10.31
N ASP H 75 11.85 3.46 -11.64
CA ASP H 75 12.28 4.60 -12.44
C ASP H 75 11.35 5.80 -12.28
N LEU H 76 10.06 5.53 -12.07
CA LEU H 76 9.11 6.63 -11.87
C LEU H 76 9.20 7.15 -10.44
N GLU H 77 9.43 6.27 -9.47
CA GLU H 77 9.71 6.70 -8.08
C GLU H 77 10.96 7.60 -8.03
N TRP H 78 11.97 7.24 -8.80
CA TRP H 78 13.20 8.00 -8.92
C TRP H 78 12.98 9.40 -9.52
N ALA H 79 12.25 9.44 -10.64
CA ALA H 79 12.06 10.66 -11.42
C ALA H 79 11.30 11.79 -10.71
N GLU H 80 11.72 13.01 -11.00
CA GLU H 80 10.98 14.22 -10.63
C GLU H 80 10.13 14.74 -11.79
N ALA H 81 10.58 14.42 -13.01
CA ALA H 81 9.90 14.75 -14.26
C ALA H 81 9.77 13.48 -15.10
N ILE H 82 8.57 13.28 -15.65
CA ILE H 82 8.22 12.11 -16.46
C ILE H 82 7.65 12.50 -17.82
N VAL H 83 8.13 11.83 -18.87
CA VAL H 83 7.53 11.88 -20.20
C VAL H 83 7.14 10.49 -20.67
N PHE H 84 5.86 10.34 -21.04
CA PHE H 84 5.33 9.12 -21.63
C PHE H 84 5.11 9.35 -23.11
N SER H 85 5.53 8.38 -23.91
CA SER H 85 5.32 8.38 -25.35
C SER H 85 4.80 7.02 -25.79
N SER H 86 3.71 7.04 -26.55
CA SER H 86 3.10 5.84 -27.11
C SER H 86 2.53 6.15 -28.49
N PRO H 87 2.64 5.20 -29.43
CA PRO H 87 1.85 5.34 -30.64
C PRO H 87 0.36 5.17 -30.30
N THR H 88 -0.52 5.74 -31.11
CA THR H 88 -1.94 5.60 -30.84
C THR H 88 -2.43 4.25 -31.26
N ARG H 89 -3.47 3.79 -30.59
CA ARG H 89 -4.13 2.56 -30.93
C ARG H 89 -5.61 2.84 -30.79
N PHE H 90 -6.27 3.11 -31.90
CA PHE H 90 -7.69 3.49 -31.90
C PHE H 90 -7.95 4.66 -30.94
N GLY H 91 -7.09 5.67 -31.00
CA GLY H 91 -7.19 6.84 -30.14
C GLY H 91 -6.82 6.70 -28.69
N GLY H 92 -6.36 5.52 -28.25
CA GLY H 92 -5.78 5.34 -26.93
C GLY H 92 -4.31 4.98 -27.01
N ALA H 93 -3.65 4.81 -25.86
CA ALA H 93 -2.26 4.34 -25.82
C ALA H 93 -2.21 2.85 -26.14
N THR H 94 -1.01 2.33 -26.41
CA THR H 94 -0.87 0.89 -26.64
C THR H 94 -1.15 0.09 -25.37
N SER H 95 -1.58 -1.16 -25.55
CA SER H 95 -1.75 -2.06 -24.42
C SER H 95 -0.44 -2.30 -23.71
N GLN H 96 0.67 -2.25 -24.46
CA GLN H 96 1.99 -2.41 -23.86
C GLN H 96 2.24 -1.30 -22.84
N MET H 97 1.96 -0.05 -23.23
CA MET H 97 2.03 1.10 -22.32
C MET H 97 1.04 1.01 -21.15
N ARG H 98 -0.19 0.57 -21.42
CA ARG H 98 -1.16 0.40 -20.36
C ARG H 98 -0.72 -0.68 -19.38
N ALA H 99 -0.07 -1.73 -19.90
CA ALA H 99 0.49 -2.80 -19.05
C ALA H 99 1.48 -2.26 -18.04
N PHE H 100 2.39 -1.39 -18.50
CA PHE H 100 3.36 -0.72 -17.65
C PHE H 100 2.65 0.13 -16.60
N ILE H 101 1.69 0.95 -17.04
CA ILE H 101 0.92 1.80 -16.17
C ILE H 101 0.24 0.99 -15.07
N ASP H 102 -0.34 -0.14 -15.45
CA ASP H 102 -1.02 -1.03 -14.52
C ASP H 102 -0.08 -1.62 -13.44
N THR H 103 1.24 -1.52 -13.61
CA THR H 103 2.21 -1.95 -12.57
C THR H 103 2.54 -0.86 -11.52
N LEU H 104 1.98 0.34 -11.69
CA LEU H 104 2.25 1.47 -10.80
C LEU H 104 1.31 1.55 -9.59
N GLY H 105 0.40 0.59 -9.45
CA GLY H 105 -0.51 0.57 -8.31
C GLY H 105 0.13 0.59 -6.93
N GLY H 106 1.31 -0.05 -6.79
CA GLY H 106 2.03 -0.08 -5.52
C GLY H 106 2.49 1.31 -5.12
N LEU H 107 3.13 1.97 -6.07
CA LEU H 107 3.55 3.35 -5.92
C LEU H 107 2.38 4.30 -5.74
N TRP H 108 1.35 4.13 -6.57
CA TRP H 108 0.18 4.98 -6.44
C TRP H 108 -0.42 4.87 -5.03
N SER H 109 -0.64 3.65 -4.55
CA SER H 109 -1.31 3.44 -3.26
C SER H 109 -0.51 4.08 -2.10
N SER H 110 0.81 4.17 -2.24
CA SER H 110 1.66 4.84 -1.25
C SER H 110 1.85 6.35 -1.46
N GLY H 111 1.17 6.95 -2.43
CA GLY H 111 1.32 8.39 -2.71
C GLY H 111 2.68 8.78 -3.28
N LYS H 112 3.35 7.82 -3.89
CA LYS H 112 4.74 7.96 -4.27
C LYS H 112 4.95 8.41 -5.73
N LEU H 113 3.86 8.76 -6.41
CA LEU H 113 3.94 9.35 -7.75
C LEU H 113 3.48 10.82 -7.73
N ALA H 114 3.13 11.32 -6.54
CA ALA H 114 2.59 12.66 -6.42
C ALA H 114 3.67 13.70 -6.65
N ASN H 115 3.27 14.82 -7.23
CA ASN H 115 4.11 16.02 -7.37
C ASN H 115 5.23 15.93 -8.40
N LYS H 116 5.26 14.85 -9.18
CA LYS H 116 6.22 14.77 -10.27
C LYS H 116 5.58 15.48 -11.47
N THR H 117 6.40 16.10 -12.31
CA THR H 117 5.88 16.70 -13.53
C THR H 117 5.66 15.60 -14.58
N PHE H 118 4.70 15.85 -15.46
CA PHE H 118 4.27 14.89 -16.49
C PHE H 118 3.88 15.59 -17.80
N SER H 119 4.42 15.12 -18.90
CA SER H 119 3.92 15.45 -20.23
C SER H 119 3.95 14.19 -21.12
N ALA H 120 3.26 14.24 -22.24
CA ALA H 120 3.11 13.08 -23.11
C ALA H 120 3.39 13.44 -24.56
N MET H 121 3.77 12.41 -25.33
CA MET H 121 3.94 12.49 -26.77
C MET H 121 3.30 11.27 -27.42
N THR H 122 2.96 11.40 -28.69
CA THR H 122 2.34 10.30 -29.43
C THR H 122 2.66 10.32 -30.92
N SER H 123 2.20 9.27 -31.60
CA SER H 123 2.22 9.20 -33.06
C SER H 123 1.03 8.42 -33.63
N ALA H 124 0.68 8.70 -34.89
CA ALA H 124 -0.38 8.01 -35.63
C ALA H 124 -0.11 8.07 -37.14
N GLN H 125 -0.76 7.19 -37.90
CA GLN H 125 -0.56 7.19 -39.36
C GLN H 125 -1.39 8.26 -40.04
N ASN H 126 -2.36 8.82 -39.32
CA ASN H 126 -3.19 9.90 -39.82
C ASN H 126 -3.03 11.11 -38.91
N VAL H 127 -3.00 12.30 -39.51
CA VAL H 127 -2.76 13.52 -38.74
C VAL H 127 -3.83 13.67 -37.66
N ASN H 128 -5.08 13.36 -38.01
CA ASN H 128 -6.22 13.51 -37.08
C ASN H 128 -6.73 12.16 -36.54
N GLY H 129 -5.90 11.12 -36.59
CA GLY H 129 -6.31 9.78 -36.23
C GLY H 129 -5.99 9.39 -34.79
N GLY H 130 -6.31 10.26 -33.86
CA GLY H 130 -6.03 10.03 -32.43
C GLY H 130 -4.78 10.71 -31.87
N GLN H 131 -4.19 11.64 -32.63
CA GLN H 131 -2.97 12.35 -32.21
C GLN H 131 -3.23 13.37 -31.08
N GLU H 132 -4.51 13.56 -30.72
CA GLU H 132 -4.94 14.38 -29.57
C GLU H 132 -5.54 13.56 -28.43
N THR H 133 -6.42 12.59 -28.75
CA THR H 133 -7.05 11.80 -27.71
C THR H 133 -6.05 10.87 -26.99
N THR H 134 -5.08 10.29 -27.71
CA THR H 134 -4.08 9.43 -27.06
C THR H 134 -3.37 10.24 -25.97
N LEU H 135 -3.04 11.47 -26.29
CA LEU H 135 -2.34 12.33 -25.36
C LEU H 135 -3.28 12.55 -24.16
N GLN H 136 -4.53 12.90 -24.43
CA GLN H 136 -5.55 13.08 -23.40
C GLN H 136 -5.63 11.92 -22.41
N THR H 137 -5.77 10.70 -22.92
CA THR H 137 -5.85 9.50 -22.06
C THR H 137 -4.63 9.39 -21.10
N LEU H 138 -3.45 9.70 -21.62
CA LEU H 138 -2.23 9.63 -20.82
C LEU H 138 -2.22 10.70 -19.71
N TYR H 139 -2.58 11.93 -20.04
CA TYR H 139 -2.72 12.99 -19.01
C TYR H 139 -3.75 12.66 -17.91
N MET H 140 -4.90 12.13 -18.30
CA MET H 140 -5.92 11.72 -17.33
C MET H 140 -5.37 10.71 -16.33
N THR H 141 -4.66 9.70 -16.82
CA THR H 141 -3.94 8.77 -15.93
C THR H 141 -3.06 9.50 -14.91
N ALA H 142 -2.24 10.44 -15.39
CA ALA H 142 -1.31 11.17 -14.54
C ALA H 142 -1.99 11.98 -13.45
N MET H 143 -3.19 12.48 -13.73
CA MET H 143 -4.00 13.19 -12.72
C MET H 143 -4.37 12.27 -11.52
N HIS H 144 -4.59 10.99 -11.80
CA HIS H 144 -4.79 10.01 -10.71
C HIS H 144 -3.58 9.87 -9.79
N TRP H 145 -2.41 10.28 -10.26
CA TRP H 145 -1.19 10.21 -9.47
C TRP H 145 -0.94 11.45 -8.67
N GLY H 146 -1.71 12.50 -8.93
CA GLY H 146 -1.38 13.82 -8.38
C GLY H 146 -0.14 14.39 -9.04
N ALA H 147 0.07 14.08 -10.31
CA ALA H 147 1.17 14.64 -11.07
C ALA H 147 0.84 16.08 -11.45
N VAL H 148 1.89 16.85 -11.74
CA VAL H 148 1.77 18.25 -12.14
C VAL H 148 1.97 18.23 -13.66
N LEU H 149 0.92 18.51 -14.41
CA LEU H 149 0.97 18.36 -15.87
C LEU H 149 1.55 19.59 -16.55
N THR H 150 2.58 19.36 -17.37
CA THR H 150 3.31 20.44 -18.02
C THR H 150 3.32 20.29 -19.53
N PRO H 151 2.12 20.34 -20.16
CA PRO H 151 2.05 20.27 -21.59
C PRO H 151 2.68 21.51 -22.21
N PRO H 152 3.09 21.41 -23.49
CA PRO H 152 3.70 22.59 -24.10
C PRO H 152 2.75 23.77 -24.38
N GLY H 153 1.47 23.52 -24.64
CA GLY H 153 0.60 24.57 -25.12
C GLY H 153 1.17 25.17 -26.41
N TYR H 154 1.01 26.48 -26.58
CA TYR H 154 1.62 27.22 -27.69
C TYR H 154 2.71 28.16 -27.18
N THR H 155 3.52 27.66 -26.26
CA THR H 155 4.55 28.46 -25.56
C THR H 155 5.83 28.70 -26.37
N ASP H 156 5.92 28.07 -27.55
CA ASP H 156 6.93 28.45 -28.52
C ASP H 156 6.37 28.43 -29.94
N GLU H 157 7.01 29.22 -30.80
CA GLU H 157 6.69 29.33 -32.22
C GLU H 157 6.79 27.98 -32.93
N VAL H 158 7.66 27.11 -32.42
CA VAL H 158 7.88 25.78 -32.97
C VAL H 158 6.66 24.84 -32.86
N ILE H 159 5.82 25.06 -31.85
CA ILE H 159 4.60 24.29 -31.70
C ILE H 159 3.70 24.51 -32.92
N PHE H 160 3.45 25.76 -33.27
CA PHE H 160 2.70 26.11 -34.49
C PHE H 160 3.30 25.45 -35.74
N LYS H 161 4.62 25.54 -35.87
CA LYS H 161 5.32 24.99 -37.05
C LYS H 161 5.16 23.47 -37.23
N SER H 162 4.94 22.72 -36.16
CA SER H 162 4.85 21.25 -36.23
C SER H 162 3.42 20.71 -36.39
N GLY H 163 2.43 21.61 -36.45
CA GLY H 163 1.01 21.25 -36.55
C GLY H 163 0.15 21.82 -35.43
N GLY H 164 0.79 22.47 -34.46
CA GLY H 164 0.09 23.11 -33.35
C GLY H 164 -0.64 22.16 -32.40
N ASN H 165 0.05 21.14 -31.89
CA ASN H 165 -0.50 20.30 -30.84
C ASN H 165 -0.07 20.81 -29.47
N PRO H 166 -0.98 21.51 -28.76
CA PRO H 166 -0.66 22.05 -27.47
C PRO H 166 -0.62 20.99 -26.34
N TYR H 167 -1.18 19.82 -26.58
CA TYR H 167 -1.24 18.79 -25.55
C TYR H 167 0.08 18.03 -25.48
N GLY H 168 0.82 17.97 -26.58
CA GLY H 168 2.11 17.27 -26.59
C GLY H 168 2.55 16.98 -28.00
N ALA H 169 3.83 16.66 -28.18
CA ALA H 169 4.35 16.35 -29.50
C ALA H 169 3.58 15.17 -30.11
N SER H 170 3.10 15.34 -31.34
CA SER H 170 2.51 14.23 -32.09
C SER H 170 3.10 14.18 -33.51
N VAL H 171 3.52 12.98 -33.90
CA VAL H 171 4.20 12.76 -35.16
C VAL H 171 3.33 11.88 -36.05
N THR H 172 3.12 12.34 -37.29
CA THR H 172 2.43 11.50 -38.29
C THR H 172 3.44 10.49 -38.84
N ALA H 173 3.28 9.24 -38.41
CA ALA H 173 4.20 8.16 -38.79
C ALA H 173 3.98 7.72 -40.24
N ASN H 174 5.03 7.88 -41.04
CA ASN H 174 5.05 7.41 -42.43
C ASN H 174 6.28 6.54 -42.75
N GLY H 175 7.02 6.12 -41.72
CA GLY H 175 8.29 5.39 -41.90
C GLY H 175 9.52 6.27 -42.13
N GLN H 176 9.34 7.39 -42.82
CA GLN H 176 10.41 8.38 -43.09
C GLN H 176 11.05 8.88 -41.76
N PRO H 177 12.29 9.40 -41.80
CA PRO H 177 12.87 9.96 -40.57
C PRO H 177 12.10 11.15 -39.99
N LEU H 178 12.37 11.45 -38.71
CA LEU H 178 11.71 12.56 -38.01
C LEU H 178 12.06 13.92 -38.61
N LEU H 179 11.03 14.68 -38.99
CA LEU H 179 11.18 16.04 -39.51
C LEU H 179 11.73 16.96 -38.40
N GLU H 180 12.59 17.91 -38.79
CA GLU H 180 13.18 18.88 -37.86
C GLU H 180 12.12 19.72 -37.10
N ASN H 181 10.99 19.96 -37.76
CA ASN H 181 9.81 20.58 -37.12
C ASN H 181 9.38 19.83 -35.85
N ASP H 182 9.29 18.52 -36.00
CA ASP H 182 8.80 17.66 -34.95
C ASP H 182 9.87 17.55 -33.86
N ARG H 183 11.14 17.42 -34.27
CA ARG H 183 12.25 17.38 -33.31
C ARG H 183 12.27 18.61 -32.46
N ALA H 184 12.11 19.77 -33.09
CA ALA H 184 12.19 21.04 -32.37
C ALA H 184 11.04 21.17 -31.36
N SER H 185 9.86 20.67 -31.73
CA SER H 185 8.71 20.74 -30.84
C SER H 185 8.92 19.81 -29.64
N ILE H 186 9.53 18.64 -29.89
CA ILE H 186 9.87 17.71 -28.82
C ILE H 186 10.86 18.37 -27.87
N ARG H 187 11.85 19.06 -28.45
CA ARG H 187 12.89 19.70 -27.66
C ARG H 187 12.34 20.79 -26.76
N HIS H 188 11.47 21.63 -27.30
CA HIS H 188 10.85 22.70 -26.51
C HIS H 188 10.03 22.14 -25.35
N GLN H 189 9.15 21.19 -25.68
CA GLN H 189 8.32 20.52 -24.68
C GLN H 189 9.15 20.03 -23.49
N VAL H 190 10.21 19.29 -23.78
CA VAL H 190 11.05 18.69 -22.72
C VAL H 190 11.91 19.72 -21.98
N ARG H 191 12.50 20.65 -22.73
CA ARG H 191 13.24 21.78 -22.16
C ARG H 191 12.35 22.53 -21.15
N ARG H 192 11.15 22.90 -21.59
CA ARG H 192 10.18 23.59 -20.74
C ARG H 192 9.85 22.81 -19.49
N GLN H 193 9.54 21.51 -19.64
CA GLN H 193 9.26 20.69 -18.49
C GLN H 193 10.41 20.66 -17.49
N VAL H 194 11.63 20.49 -17.99
CA VAL H 194 12.84 20.48 -17.11
C VAL H 194 13.00 21.77 -16.33
N GLU H 195 12.84 22.90 -17.02
CA GLU H 195 12.89 24.23 -16.41
C GLU H 195 11.82 24.43 -15.38
N LEU H 196 10.60 24.00 -15.68
CA LEU H 196 9.49 24.10 -14.73
C LEU H 196 9.74 23.19 -13.51
N THR H 197 10.27 22.00 -13.73
CA THR H 197 10.54 21.07 -12.64
C THR H 197 11.65 21.60 -11.71
N ALA H 198 12.71 22.16 -12.30
CA ALA H 198 13.80 22.76 -11.53
C ALA H 198 13.27 23.84 -10.58
N LYS H 199 12.41 24.71 -11.10
CA LYS H 199 11.77 25.77 -10.29
C LYS H 199 10.93 25.21 -9.13
N LEU H 200 10.10 24.21 -9.43
CA LEU H 200 9.30 23.52 -8.39
C LEU H 200 10.20 23.00 -7.25
N LEU H 201 11.26 22.30 -7.62
CA LEU H 201 12.17 21.70 -6.66
C LEU H 201 12.98 22.77 -5.95
N GLU H 202 13.42 23.77 -6.71
CA GLU H 202 14.17 24.92 -6.17
C GLU H 202 13.36 25.58 -5.04
N GLY H 203 12.09 25.90 -5.30
CA GLY H 203 11.24 26.55 -4.32
C GLY H 203 10.82 25.69 -3.14
N GLY H 204 10.94 24.36 -3.29
CA GLY H 204 10.60 23.43 -2.22
C GLY H 204 11.69 23.14 -1.20
N SER H 205 12.82 23.85 -1.26
CA SER H 205 13.82 23.78 -0.19
C SER H 205 14.33 25.15 0.30
S SO4 I . 12.64 -25.01 42.90
O1 SO4 I . 12.48 -26.25 43.64
O2 SO4 I . 12.24 -25.24 41.52
O3 SO4 I . 11.81 -24.00 43.49
O4 SO4 I . 14.04 -24.62 42.99
S SO4 J . 17.70 -1.46 4.68
O1 SO4 J . 17.76 -0.14 4.06
O2 SO4 J . 17.04 -1.37 5.97
O3 SO4 J . 16.95 -2.33 3.77
O4 SO4 J . 19.05 -1.96 4.90
S SO4 K . 9.64 -31.21 9.41
O1 SO4 K . 9.71 -32.65 9.13
O2 SO4 K . 10.16 -31.01 10.74
O3 SO4 K . 10.50 -30.53 8.42
O4 SO4 K . 8.29 -30.71 9.28
S SO4 L . 8.30 5.19 36.21
O1 SO4 L . 8.50 6.63 36.31
O2 SO4 L . 8.93 4.68 35.00
O3 SO4 L . 8.92 4.62 37.41
O4 SO4 L . 6.87 4.86 36.25
S SO4 M . -8.16 10.29 20.07
O1 SO4 M . -8.07 11.61 20.69
O2 SO4 M . -8.78 9.37 21.03
O3 SO4 M . -8.97 10.36 18.86
O4 SO4 M . -6.81 9.83 19.73
S SO4 N . -15.06 29.44 -38.72
O1 SO4 N . -14.59 30.16 -39.90
O2 SO4 N . -14.03 28.49 -38.32
O3 SO4 N . -15.38 30.38 -37.65
O4 SO4 N . -16.24 28.66 -39.11
S SO4 O . -13.68 -5.91 -11.02
O1 SO4 O . -14.20 -6.46 -9.76
O2 SO4 O . -13.88 -4.48 -11.06
O3 SO4 O . -12.26 -6.23 -11.10
O4 SO4 O . -14.36 -6.61 -12.11
S SO4 P . -25.03 25.26 -9.21
O1 SO4 P . -25.97 25.21 -8.08
O2 SO4 P . -24.73 23.89 -9.59
O3 SO4 P . -25.58 25.98 -10.35
O4 SO4 P . -23.86 26.00 -8.76
S SO4 Q . 5.95 3.42 -33.71
O1 SO4 Q . 6.72 3.43 -34.94
O2 SO4 Q . 4.77 4.27 -33.93
O3 SO4 Q . 5.49 2.10 -33.38
O4 SO4 Q . 6.75 4.00 -32.62
S SO4 R . 16.53 24.46 -30.61
O1 SO4 R . 15.49 23.53 -30.21
O2 SO4 R . 17.68 24.34 -29.72
O3 SO4 R . 16.93 24.18 -31.99
O4 SO4 R . 15.99 25.82 -30.50
#